data_3BGW
#
_entry.id   3BGW
#
_cell.length_a   114.634
_cell.length_b   184.411
_cell.length_c   184.470
_cell.angle_alpha   90.00
_cell.angle_beta   90.00
_cell.angle_gamma   90.00
#
_symmetry.space_group_name_H-M   'P 21 21 21'
#
_entity_poly.entity_id   1
_entity_poly.type   'polypeptide(L)'
_entity_poly.pdbx_seq_one_letter_code
;GSMNPEEKTVMLYNEYAEQAVLGSILTEPELIKECPLTPEHFSPGKHFNIYFTMQDLDRKGQSVDFTSIAARVGEKLPQL
GGFGYLTELAASVASTTTFKQHCQTVSEYFQKRKAISIAQQIIENVNESDDGPVKPIQEAVSELMEIEASGTDDDDGSID
EALVTVYEEIESADGNITGVPSGFTELDRMTYGYKRRNFVLIAARPSMGKTAFALKQAKNMSDNDDVVNLHSLEMGKKEN
IKRLIVTAGSINAQKIKAARRDFASEDWGKLSMAIGEISNSNINIFDKAGQSVNYIWSKTRQTKRKNPGKRVIVMIDYLQ
LLEPAKANDSRTNQISQISRDLKKMARELDVVVIALSQLSRQVEQRQDKRPMLSDLRESGQLEQDADIIEFLYRDDYYDK
ESESKNIVEVIIAKHRDGPVGTVSLAFIKEYGNFVNLERRFDDR
;
_entity_poly.pdbx_strand_id   A,B,C,D,E,F
#
# COMPACT_ATOMS: atom_id res chain seq x y z
N ASN A 14 24.46 -24.93 -33.65
CA ASN A 14 24.50 -26.11 -32.73
C ASN A 14 24.47 -27.42 -33.52
N GLU A 15 25.57 -28.16 -33.46
CA GLU A 15 25.71 -29.39 -34.22
C GLU A 15 25.20 -30.62 -33.47
N TYR A 16 25.35 -30.61 -32.16
CA TYR A 16 24.97 -31.76 -31.35
C TYR A 16 23.49 -32.11 -31.49
N ALA A 17 22.63 -31.16 -31.16
CA ALA A 17 21.18 -31.36 -31.29
C ALA A 17 20.80 -31.60 -32.73
N GLU A 18 21.50 -30.92 -33.63
CA GLU A 18 21.27 -31.04 -35.06
C GLU A 18 21.41 -32.49 -35.51
N GLN A 19 22.47 -33.15 -35.05
CA GLN A 19 22.68 -34.55 -35.37
C GLN A 19 21.51 -35.39 -34.88
N ALA A 20 21.14 -35.20 -33.62
CA ALA A 20 20.03 -35.93 -33.02
C ALA A 20 18.81 -35.89 -33.92
N VAL A 21 18.47 -34.70 -34.40
CA VAL A 21 17.31 -34.53 -35.27
C VAL A 21 17.46 -35.31 -36.57
N LEU A 22 18.58 -35.10 -37.27
CA LEU A 22 18.83 -35.80 -38.53
C LEU A 22 18.83 -37.31 -38.34
N GLY A 23 19.46 -37.76 -37.25
CA GLY A 23 19.53 -39.17 -36.96
C GLY A 23 18.16 -39.77 -36.67
N SER A 24 17.53 -39.30 -35.61
CA SER A 24 16.23 -39.83 -35.20
C SER A 24 15.26 -39.93 -36.36
N ILE A 25 15.42 -39.05 -37.35
CA ILE A 25 14.61 -39.12 -38.56
C ILE A 25 15.05 -40.31 -39.41
N LEU A 26 16.36 -40.45 -39.61
CA LEU A 26 16.90 -41.60 -40.32
C LEU A 26 16.52 -42.90 -39.62
N THR A 27 15.97 -42.77 -38.42
CA THR A 27 15.54 -43.92 -37.65
C THR A 27 14.02 -44.08 -37.74
N GLU A 28 13.31 -42.96 -37.66
CA GLU A 28 11.85 -42.98 -37.78
C GLU A 28 11.42 -42.14 -38.99
N PRO A 29 11.58 -42.70 -40.19
CA PRO A 29 11.37 -41.98 -41.45
C PRO A 29 9.99 -41.37 -41.56
N GLU A 30 9.37 -41.11 -40.42
CA GLU A 30 8.02 -40.57 -40.36
C GLU A 30 7.97 -39.35 -39.44
N LEU A 31 9.12 -39.00 -38.88
CA LEU A 31 9.20 -37.87 -37.95
C LEU A 31 9.40 -36.54 -38.68
N ILE A 32 9.90 -36.60 -39.92
CA ILE A 32 10.05 -35.42 -40.75
C ILE A 32 8.74 -34.63 -40.78
N LYS A 33 7.63 -35.34 -40.61
CA LYS A 33 6.32 -34.73 -40.58
C LYS A 33 5.99 -34.16 -39.20
N GLU A 34 6.36 -34.90 -38.15
CA GLU A 34 6.05 -34.49 -36.77
C GLU A 34 6.80 -33.23 -36.32
N CYS A 35 7.77 -32.79 -37.13
CA CYS A 35 8.49 -31.55 -36.86
C CYS A 35 8.94 -30.90 -38.17
N PRO A 36 8.33 -29.75 -38.51
CA PRO A 36 8.61 -29.03 -39.75
C PRO A 36 9.87 -28.17 -39.67
N LEU A 37 10.73 -28.30 -40.68
CA LEU A 37 11.96 -27.53 -40.78
C LEU A 37 12.27 -27.25 -42.23
N THR A 38 13.35 -26.53 -42.48
CA THR A 38 13.87 -26.32 -43.82
C THR A 38 15.38 -26.49 -43.75
N PRO A 39 16.01 -26.89 -44.87
CA PRO A 39 17.45 -27.07 -44.87
C PRO A 39 18.17 -25.87 -44.25
N GLU A 40 17.59 -24.70 -44.43
CA GLU A 40 18.16 -23.47 -43.89
C GLU A 40 18.52 -23.61 -42.41
N HIS A 41 17.79 -24.44 -41.69
CA HIS A 41 17.99 -24.61 -40.25
C HIS A 41 19.31 -25.28 -39.93
N PHE A 42 19.79 -26.09 -40.86
CA PHE A 42 20.95 -26.94 -40.61
C PHE A 42 22.27 -26.32 -41.06
N SER A 43 23.37 -26.80 -40.48
CA SER A 43 24.70 -26.33 -40.83
C SER A 43 24.95 -26.49 -42.32
N PRO A 44 25.98 -25.81 -42.85
CA PRO A 44 26.26 -25.88 -44.28
C PRO A 44 26.82 -27.25 -44.67
N GLY A 45 26.73 -27.57 -45.96
CA GLY A 45 27.26 -28.84 -46.48
C GLY A 45 26.44 -30.05 -46.08
N LYS A 46 27.06 -30.95 -45.31
CA LYS A 46 26.43 -32.19 -44.90
C LYS A 46 25.02 -31.97 -44.37
N HIS A 47 24.91 -31.64 -43.08
CA HIS A 47 23.61 -31.43 -42.45
C HIS A 47 22.61 -30.76 -43.37
N PHE A 48 23.06 -29.77 -44.14
CA PHE A 48 22.20 -29.08 -45.09
C PHE A 48 21.65 -30.06 -46.12
N ASN A 49 22.57 -30.71 -46.84
CA ASN A 49 22.19 -31.69 -47.87
C ASN A 49 21.48 -32.90 -47.28
N ILE A 50 21.84 -33.25 -46.04
CA ILE A 50 21.22 -34.38 -45.36
C ILE A 50 19.73 -34.13 -45.15
N TYR A 51 19.33 -32.86 -45.14
CA TYR A 51 17.92 -32.54 -44.98
C TYR A 51 17.26 -32.17 -46.31
N PHE A 52 17.97 -31.40 -47.13
CA PHE A 52 17.42 -30.97 -48.41
C PHE A 52 17.00 -32.17 -49.25
N THR A 53 17.87 -33.18 -49.31
CA THR A 53 17.58 -34.40 -50.05
C THR A 53 16.63 -35.28 -49.25
N MET A 54 16.64 -35.11 -47.93
CA MET A 54 15.73 -35.85 -47.07
C MET A 54 14.32 -35.31 -47.26
N GLN A 55 14.19 -33.99 -47.26
CA GLN A 55 12.89 -33.34 -47.42
C GLN A 55 12.33 -33.59 -48.81
N ASP A 56 13.16 -33.39 -49.83
CA ASP A 56 12.75 -33.62 -51.21
C ASP A 56 12.01 -34.95 -51.33
N LEU A 57 12.57 -35.99 -50.71
CA LEU A 57 12.03 -37.33 -50.81
C LEU A 57 10.65 -37.47 -50.16
N ASP A 58 10.32 -36.55 -49.25
CA ASP A 58 9.01 -36.58 -48.60
C ASP A 58 8.00 -35.77 -49.39
N ARG A 59 8.46 -34.74 -50.07
CA ARG A 59 7.60 -33.92 -50.90
C ARG A 59 7.15 -34.71 -52.13
N LYS A 60 8.07 -35.49 -52.69
CA LYS A 60 7.76 -36.34 -53.83
C LYS A 60 7.00 -37.58 -53.38
N GLY A 61 6.53 -37.54 -52.13
CA GLY A 61 5.68 -38.59 -51.58
C GLY A 61 6.32 -39.96 -51.51
N GLN A 62 7.43 -40.06 -50.80
CA GLN A 62 8.13 -41.34 -50.64
C GLN A 62 8.52 -41.56 -49.19
N SER A 63 9.59 -42.33 -48.99
CA SER A 63 10.07 -42.64 -47.64
C SER A 63 11.53 -42.21 -47.46
N VAL A 64 11.89 -41.86 -46.22
CA VAL A 64 13.24 -41.37 -45.94
C VAL A 64 14.08 -42.34 -45.13
N ASP A 65 15.00 -43.03 -45.82
CA ASP A 65 15.90 -43.98 -45.17
C ASP A 65 17.20 -44.05 -45.95
N PHE A 66 18.26 -44.50 -45.29
CA PHE A 66 19.58 -44.61 -45.90
C PHE A 66 19.44 -45.13 -47.32
N THR A 67 18.77 -46.27 -47.44
CA THR A 67 18.52 -46.92 -48.71
C THR A 67 18.03 -45.91 -49.75
N SER A 68 16.98 -45.18 -49.38
CA SER A 68 16.32 -44.24 -50.28
C SER A 68 17.17 -43.00 -50.58
N ILE A 69 17.72 -42.40 -49.53
CA ILE A 69 18.55 -41.21 -49.66
C ILE A 69 19.73 -41.44 -50.58
N ALA A 70 20.48 -42.50 -50.30
CA ALA A 70 21.63 -42.87 -51.10
C ALA A 70 21.20 -43.31 -52.49
N ALA A 71 19.95 -43.77 -52.57
CA ALA A 71 19.35 -44.15 -53.84
C ALA A 71 19.10 -42.92 -54.70
N ARG A 72 18.64 -41.85 -54.06
CA ARG A 72 18.42 -40.58 -54.74
C ARG A 72 19.72 -40.03 -55.32
N VAL A 73 20.49 -39.36 -54.48
CA VAL A 73 21.77 -38.79 -54.89
C VAL A 73 22.84 -39.88 -54.97
N GLY A 74 22.85 -40.62 -56.07
CA GLY A 74 23.80 -41.70 -56.26
C GLY A 74 25.23 -41.19 -56.37
N GLU A 75 25.47 -40.33 -57.36
CA GLU A 75 26.81 -39.84 -57.65
C GLU A 75 27.27 -38.77 -56.66
N LYS A 76 26.32 -38.04 -56.11
CA LYS A 76 26.64 -36.95 -55.18
C LYS A 76 26.39 -37.36 -53.73
N LEU A 77 26.60 -38.64 -53.43
CA LEU A 77 26.41 -39.16 -52.07
C LEU A 77 27.50 -38.69 -51.10
N PRO A 78 28.75 -38.57 -51.58
CA PRO A 78 29.84 -38.12 -50.72
C PRO A 78 29.61 -36.74 -50.11
N GLN A 79 28.83 -35.91 -50.79
CA GLN A 79 28.52 -34.56 -50.29
C GLN A 79 27.56 -34.60 -49.11
N LEU A 80 27.14 -35.80 -48.73
CA LEU A 80 26.32 -35.97 -47.54
C LEU A 80 27.12 -36.66 -46.45
N GLY A 81 28.44 -36.63 -46.60
CA GLY A 81 29.35 -37.25 -45.65
C GLY A 81 29.57 -38.73 -45.95
N GLY A 82 29.13 -39.15 -47.13
CA GLY A 82 29.19 -40.55 -47.52
C GLY A 82 28.15 -41.36 -46.77
N PHE A 83 27.95 -42.60 -47.20
CA PHE A 83 26.97 -43.47 -46.55
C PHE A 83 27.35 -43.73 -45.10
N GLY A 84 28.64 -43.86 -44.85
CA GLY A 84 29.16 -44.11 -43.51
C GLY A 84 28.69 -43.09 -42.48
N TYR A 85 28.39 -41.88 -42.94
CA TYR A 85 27.94 -40.84 -42.03
C TYR A 85 26.48 -41.02 -41.66
N LEU A 86 25.63 -41.29 -42.65
CA LEU A 86 24.22 -41.53 -42.42
C LEU A 86 24.04 -42.56 -41.31
N THR A 87 24.75 -43.68 -41.43
CA THR A 87 24.72 -44.73 -40.43
C THR A 87 25.17 -44.23 -39.07
N GLU A 88 26.22 -43.41 -39.06
CA GLU A 88 26.76 -42.85 -37.82
C GLU A 88 25.72 -41.99 -37.12
N LEU A 89 25.01 -41.17 -37.89
CA LEU A 89 23.95 -40.32 -37.36
C LEU A 89 22.84 -41.17 -36.75
N ALA A 90 22.43 -42.19 -37.50
CA ALA A 90 21.37 -43.10 -37.04
C ALA A 90 21.76 -43.76 -35.74
N ALA A 91 23.05 -44.09 -35.61
CA ALA A 91 23.55 -44.76 -34.43
C ALA A 91 23.70 -43.82 -33.24
N SER A 92 23.81 -42.52 -33.54
CA SER A 92 24.01 -41.51 -32.51
C SER A 92 22.77 -41.32 -31.65
N VAL A 93 21.60 -41.55 -32.24
CA VAL A 93 20.34 -41.39 -31.53
C VAL A 93 20.09 -42.56 -30.60
N ALA A 94 20.06 -42.28 -29.30
CA ALA A 94 19.81 -43.31 -28.30
C ALA A 94 18.34 -43.70 -28.27
N SER A 95 17.48 -42.71 -28.09
CA SER A 95 16.04 -42.93 -28.09
C SER A 95 15.33 -41.73 -28.72
N THR A 96 14.48 -42.00 -29.71
CA THR A 96 13.79 -40.94 -30.43
C THR A 96 12.77 -40.21 -29.54
N THR A 97 13.01 -40.23 -28.24
CA THR A 97 12.14 -39.60 -27.27
C THR A 97 12.45 -38.10 -27.14
N THR A 98 13.73 -37.77 -27.32
CA THR A 98 14.17 -36.39 -27.19
C THR A 98 13.94 -35.60 -28.47
N PHE A 99 13.45 -36.29 -29.50
CA PHE A 99 13.28 -35.68 -30.81
C PHE A 99 12.66 -34.29 -30.75
N LYS A 100 11.58 -34.15 -30.00
CA LYS A 100 10.93 -32.85 -29.81
C LYS A 100 11.92 -31.83 -29.27
N GLN A 101 12.45 -32.13 -28.08
CA GLN A 101 13.39 -31.27 -27.39
C GLN A 101 14.51 -30.79 -28.31
N HIS A 102 15.09 -31.71 -29.07
CA HIS A 102 16.18 -31.36 -29.97
C HIS A 102 15.66 -30.57 -31.16
N CYS A 103 14.53 -30.99 -31.72
CA CYS A 103 13.96 -30.31 -32.87
C CYS A 103 13.61 -28.88 -32.52
N GLN A 104 13.59 -28.60 -31.22
CA GLN A 104 13.34 -27.25 -30.73
C GLN A 104 14.65 -26.49 -30.56
N THR A 105 15.66 -27.18 -30.02
CA THR A 105 16.98 -26.59 -29.90
C THR A 105 17.45 -26.19 -31.30
N VAL A 106 17.21 -27.06 -32.26
CA VAL A 106 17.52 -26.77 -33.65
C VAL A 106 16.75 -25.56 -34.14
N SER A 107 15.50 -25.43 -33.70
CA SER A 107 14.64 -24.36 -34.13
C SER A 107 15.00 -23.03 -33.47
N GLU A 108 15.25 -23.07 -32.16
CA GLU A 108 15.65 -21.87 -31.44
C GLU A 108 16.85 -21.23 -32.12
N TYR A 109 17.89 -22.03 -32.36
CA TYR A 109 19.10 -21.55 -33.01
C TYR A 109 18.84 -20.96 -34.39
N PHE A 110 17.77 -21.41 -35.04
CA PHE A 110 17.41 -20.90 -36.36
C PHE A 110 16.93 -19.46 -36.26
N GLN A 111 16.07 -19.18 -35.29
CA GLN A 111 15.58 -17.83 -35.07
C GLN A 111 16.76 -16.91 -34.77
N LYS A 112 17.63 -17.36 -33.87
CA LYS A 112 18.83 -16.62 -33.50
C LYS A 112 19.70 -16.28 -34.71
N ARG A 113 19.82 -17.23 -35.63
CA ARG A 113 20.60 -17.04 -36.85
C ARG A 113 19.99 -15.96 -37.74
N LYS A 114 18.66 -15.93 -37.79
CA LYS A 114 17.96 -14.98 -38.63
C LYS A 114 17.78 -13.64 -37.92
N ALA A 115 17.67 -13.69 -36.60
CA ALA A 115 17.55 -12.48 -35.79
C ALA A 115 18.72 -11.55 -36.04
N ILE A 116 19.93 -12.10 -35.98
CA ILE A 116 21.13 -11.35 -36.31
C ILE A 116 21.10 -10.95 -37.78
N SER A 117 20.74 -11.92 -38.63
CA SER A 117 20.70 -11.69 -40.07
C SER A 117 19.76 -10.53 -40.43
N ILE A 118 18.69 -10.38 -39.66
CA ILE A 118 17.75 -9.29 -39.88
C ILE A 118 18.14 -8.05 -39.09
N ALA A 119 19.05 -8.23 -38.13
CA ALA A 119 19.54 -7.12 -37.33
C ALA A 119 20.64 -6.37 -38.07
N GLN A 120 21.68 -7.09 -38.47
CA GLN A 120 22.75 -6.51 -39.27
C GLN A 120 22.20 -6.17 -40.66
N GLN A 121 20.92 -6.49 -40.85
CA GLN A 121 20.21 -6.15 -42.08
C GLN A 121 19.79 -4.68 -42.02
N ILE A 122 19.24 -4.27 -40.88
CA ILE A 122 18.82 -2.89 -40.69
C ILE A 122 19.99 -1.94 -40.92
N ILE A 123 21.09 -2.20 -40.23
CA ILE A 123 22.26 -1.33 -40.29
C ILE A 123 22.67 -0.99 -41.72
N GLU A 124 22.88 -2.03 -42.55
CA GLU A 124 23.28 -1.85 -43.94
C GLU A 124 22.16 -1.25 -44.79
N ASN A 125 20.91 -1.57 -44.43
CA ASN A 125 19.74 -1.08 -45.15
C ASN A 125 19.55 0.43 -45.00
N VAL A 126 19.64 0.93 -43.78
CA VAL A 126 19.41 2.32 -43.48
C VAL A 126 20.33 3.25 -44.28
N ASN A 127 21.65 3.05 -44.13
CA ASN A 127 22.63 3.87 -44.83
C ASN A 127 23.32 3.10 -45.97
N VAL A 134 17.48 7.71 -48.88
CA VAL A 134 16.11 7.37 -48.53
C VAL A 134 15.88 7.46 -47.02
N LYS A 135 14.65 7.76 -46.63
CA LYS A 135 14.29 7.86 -45.23
C LYS A 135 14.24 6.48 -44.58
N PRO A 136 14.88 6.33 -43.40
CA PRO A 136 14.94 5.07 -42.67
C PRO A 136 13.62 4.69 -42.00
N ILE A 137 12.51 4.97 -42.68
CA ILE A 137 11.19 4.62 -42.15
C ILE A 137 10.75 3.24 -42.67
N GLN A 138 10.76 3.08 -43.99
CA GLN A 138 10.37 1.81 -44.61
C GLN A 138 11.32 0.70 -44.17
N GLU A 139 12.46 1.08 -43.61
CA GLU A 139 13.40 0.14 -43.05
C GLU A 139 12.80 -0.49 -41.80
N ALA A 140 12.59 0.33 -40.77
CA ALA A 140 11.95 -0.13 -39.55
C ALA A 140 10.69 -0.91 -39.86
N VAL A 141 10.07 -0.60 -40.99
CA VAL A 141 8.84 -1.27 -41.43
C VAL A 141 9.12 -2.66 -42.02
N SER A 142 10.06 -2.71 -42.96
CA SER A 142 10.44 -3.96 -43.61
C SER A 142 11.17 -4.88 -42.62
N GLU A 143 11.96 -4.27 -41.74
CA GLU A 143 12.69 -5.00 -40.72
C GLU A 143 11.78 -5.41 -39.57
N LEU A 144 10.52 -4.98 -39.64
CA LEU A 144 9.55 -5.33 -38.61
C LEU A 144 8.76 -6.57 -39.04
N MET A 145 8.35 -6.60 -40.30
CA MET A 145 7.58 -7.72 -40.84
C MET A 145 8.39 -9.01 -40.76
N GLU A 146 9.68 -8.92 -41.04
CA GLU A 146 10.57 -10.07 -40.95
C GLU A 146 10.73 -10.58 -39.53
N ILE A 147 10.95 -9.67 -38.59
CA ILE A 147 11.17 -10.04 -37.19
C ILE A 147 9.96 -10.75 -36.58
N GLU A 148 8.77 -10.44 -37.10
CA GLU A 148 7.55 -11.12 -36.66
C GLU A 148 7.37 -12.44 -37.42
N ALA A 149 7.75 -12.43 -38.69
CA ALA A 149 7.71 -13.64 -39.51
C ALA A 149 8.78 -14.63 -39.07
N SER A 150 9.03 -14.66 -37.76
CA SER A 150 9.93 -15.63 -37.15
C SER A 150 9.25 -16.24 -35.92
N GLY A 151 8.27 -17.09 -36.18
CA GLY A 151 7.53 -17.76 -35.11
C GLY A 151 7.06 -19.14 -35.54
N THR A 152 6.60 -19.24 -36.79
CA THR A 152 6.07 -20.51 -37.32
C THR A 152 7.14 -21.57 -37.48
N ASP A 153 7.21 -22.50 -36.53
CA ASP A 153 8.23 -23.56 -36.55
C ASP A 153 7.79 -24.89 -35.93
N ASP A 154 6.93 -24.84 -34.90
CA ASP A 154 6.56 -26.05 -34.16
C ASP A 154 5.08 -26.40 -34.25
N ASP A 155 4.39 -26.30 -33.11
CA ASP A 155 2.97 -26.61 -33.00
C ASP A 155 2.20 -25.30 -32.81
N ASP A 156 1.08 -25.14 -33.52
CA ASP A 156 0.34 -23.88 -33.52
C ASP A 156 -1.15 -24.03 -33.20
N GLY A 157 -2.02 -23.54 -34.09
CA GLY A 157 -3.46 -23.57 -33.84
C GLY A 157 -4.27 -24.28 -34.92
N SER A 158 -5.20 -25.13 -34.49
CA SER A 158 -6.04 -25.94 -35.39
C SER A 158 -7.38 -26.37 -34.77
N ILE A 159 -7.77 -27.63 -34.99
CA ILE A 159 -9.07 -28.14 -34.47
C ILE A 159 -9.36 -29.64 -34.68
N ASP A 160 -9.86 -29.99 -35.87
CA ASP A 160 -10.48 -31.29 -36.15
C ASP A 160 -9.78 -32.55 -35.64
N GLU A 161 -8.45 -32.55 -35.62
CA GLU A 161 -7.71 -33.72 -35.15
C GLU A 161 -8.23 -34.19 -33.80
N ALA A 162 -8.99 -33.31 -33.14
CA ALA A 162 -9.62 -33.62 -31.86
C ALA A 162 -11.11 -33.94 -32.06
N LEU A 163 -11.74 -33.21 -32.97
CA LEU A 163 -13.12 -33.49 -33.34
C LEU A 163 -13.34 -35.00 -33.42
N VAL A 164 -12.54 -35.67 -34.26
CA VAL A 164 -12.62 -37.11 -34.41
C VAL A 164 -12.54 -37.82 -33.06
N THR A 165 -11.70 -37.31 -32.17
CA THR A 165 -11.53 -37.90 -30.84
C THR A 165 -12.71 -37.53 -29.93
N VAL A 166 -13.27 -36.34 -30.16
CA VAL A 166 -14.46 -35.90 -29.43
C VAL A 166 -15.63 -36.80 -29.77
N TYR A 167 -15.47 -37.55 -30.86
CA TYR A 167 -16.50 -38.43 -31.36
C TYR A 167 -16.21 -39.88 -30.97
N GLU A 168 -14.92 -40.23 -30.94
CA GLU A 168 -14.51 -41.55 -30.49
C GLU A 168 -15.05 -41.87 -29.09
N GLU A 169 -15.13 -40.84 -28.25
CA GLU A 169 -15.61 -41.00 -26.88
C GLU A 169 -17.12 -40.82 -26.76
N ILE A 170 -17.79 -40.56 -27.88
CA ILE A 170 -19.24 -40.40 -27.85
C ILE A 170 -19.94 -41.74 -28.01
N GLU A 171 -19.47 -42.56 -28.94
CA GLU A 171 -20.08 -43.86 -29.16
C GLU A 171 -19.63 -44.89 -28.11
N SER A 172 -18.50 -44.62 -27.46
CA SER A 172 -18.04 -45.47 -26.39
C SER A 172 -18.36 -44.82 -25.04
N ALA A 173 -19.59 -44.32 -24.91
CA ALA A 173 -20.03 -43.66 -23.69
C ALA A 173 -20.79 -44.63 -22.78
N ASP A 174 -20.34 -45.89 -22.76
CA ASP A 174 -21.01 -46.98 -22.05
C ASP A 174 -21.74 -46.49 -20.86
N GLY A 175 -20.95 -46.24 -19.80
CA GLY A 175 -21.61 -45.51 -18.82
C GLY A 175 -21.09 -45.70 -17.45
N ASN A 176 -20.06 -46.46 -17.28
CA ASN A 176 -19.60 -46.53 -15.93
C ASN A 176 -18.34 -45.76 -15.87
N ILE A 177 -17.77 -45.74 -14.70
CA ILE A 177 -16.62 -44.94 -14.44
C ILE A 177 -15.36 -45.46 -15.16
N THR A 178 -14.73 -44.60 -15.95
CA THR A 178 -13.54 -44.97 -16.71
C THR A 178 -12.29 -44.91 -15.86
N GLY A 179 -12.13 -43.82 -15.12
CA GLY A 179 -10.94 -43.61 -14.31
C GLY A 179 -11.08 -44.06 -12.87
N VAL A 180 -10.36 -43.42 -11.98
CA VAL A 180 -10.39 -43.76 -10.56
C VAL A 180 -11.58 -43.13 -9.87
N PRO A 181 -12.45 -43.97 -9.28
CA PRO A 181 -13.69 -43.52 -8.65
C PRO A 181 -13.44 -42.79 -7.33
N SER A 182 -14.19 -41.72 -7.10
CA SER A 182 -14.06 -40.94 -5.89
C SER A 182 -14.69 -41.67 -4.72
N GLY A 183 -15.76 -42.41 -5.00
CA GLY A 183 -16.48 -43.13 -3.96
C GLY A 183 -17.77 -42.42 -3.59
N PHE A 184 -18.10 -41.38 -4.35
CA PHE A 184 -19.32 -40.63 -4.12
C PHE A 184 -20.17 -40.64 -5.39
N THR A 185 -21.21 -41.46 -5.39
CA THR A 185 -22.03 -41.68 -6.58
C THR A 185 -22.33 -40.40 -7.36
N GLU A 186 -22.68 -39.34 -6.66
CA GLU A 186 -23.09 -38.09 -7.32
C GLU A 186 -21.92 -37.29 -7.87
N LEU A 187 -20.70 -37.63 -7.45
CA LEU A 187 -19.50 -36.95 -7.93
C LEU A 187 -18.92 -37.65 -9.15
N ASP A 188 -18.86 -38.98 -9.09
CA ASP A 188 -18.35 -39.77 -10.19
C ASP A 188 -19.25 -39.66 -11.41
N ARG A 189 -20.47 -39.18 -11.20
CA ARG A 189 -21.41 -38.97 -12.29
C ARG A 189 -21.12 -37.63 -12.98
N MET A 190 -19.95 -37.08 -12.70
CA MET A 190 -19.52 -35.83 -13.32
C MET A 190 -18.11 -35.97 -13.88
N THR A 191 -17.30 -36.77 -13.20
CA THR A 191 -15.89 -36.93 -13.55
C THR A 191 -15.65 -38.23 -14.29
N TYR A 192 -16.41 -39.26 -13.93
CA TYR A 192 -16.20 -40.60 -14.46
C TYR A 192 -14.82 -41.10 -14.08
N GLY A 193 -14.46 -40.84 -12.82
CA GLY A 193 -13.17 -41.23 -12.29
C GLY A 193 -12.09 -40.24 -12.64
N TYR A 194 -11.43 -39.71 -11.62
CA TYR A 194 -10.26 -38.88 -11.85
C TYR A 194 -9.40 -39.61 -12.86
N LYS A 195 -9.04 -38.94 -13.96
CA LYS A 195 -8.27 -39.57 -15.03
C LYS A 195 -6.86 -39.92 -14.58
N ARG A 196 -5.94 -40.03 -15.52
CA ARG A 196 -4.57 -40.43 -15.19
C ARG A 196 -3.58 -39.26 -15.19
N ARG A 197 -3.85 -38.22 -15.97
CA ARG A 197 -2.94 -37.08 -16.06
C ARG A 197 -3.44 -35.89 -15.26
N ASN A 198 -4.63 -36.04 -14.69
CA ASN A 198 -5.28 -34.96 -13.97
C ASN A 198 -4.56 -34.56 -12.68
N PHE A 199 -4.74 -33.31 -12.30
CA PHE A 199 -4.20 -32.79 -11.06
C PHE A 199 -5.33 -32.09 -10.31
N VAL A 200 -5.99 -32.81 -9.42
CA VAL A 200 -7.15 -32.26 -8.72
C VAL A 200 -6.73 -31.53 -7.45
N LEU A 201 -7.52 -30.54 -7.07
CA LEU A 201 -7.21 -29.71 -5.92
C LEU A 201 -8.35 -29.70 -4.92
N ILE A 202 -8.14 -30.29 -3.75
CA ILE A 202 -9.14 -30.28 -2.70
C ILE A 202 -8.76 -29.20 -1.68
N ALA A 203 -9.27 -27.99 -1.89
CA ALA A 203 -8.97 -26.88 -0.99
C ALA A 203 -10.18 -26.53 -0.14
N ALA A 204 -9.93 -25.92 1.02
CA ALA A 204 -11.00 -25.48 1.92
C ALA A 204 -10.44 -24.86 3.19
N ARG A 205 -11.31 -24.16 3.92
CA ARG A 205 -10.94 -23.57 5.20
C ARG A 205 -10.73 -24.65 6.25
N PRO A 206 -10.06 -24.31 7.37
CA PRO A 206 -9.87 -25.22 8.49
C PRO A 206 -11.19 -25.70 9.10
N SER A 207 -11.22 -26.97 9.53
CA SER A 207 -12.40 -27.55 10.16
C SER A 207 -13.58 -27.66 9.20
N MET A 208 -13.35 -28.31 8.06
CA MET A 208 -14.40 -28.50 7.07
C MET A 208 -14.44 -29.96 6.63
N GLY A 209 -13.48 -30.74 7.13
CA GLY A 209 -13.37 -32.15 6.77
C GLY A 209 -12.35 -32.34 5.65
N LYS A 210 -11.63 -31.27 5.34
CA LYS A 210 -10.63 -31.26 4.29
C LYS A 210 -9.78 -32.55 4.30
N THR A 211 -9.40 -33.01 5.48
CA THR A 211 -8.56 -34.18 5.62
C THR A 211 -9.37 -35.47 5.60
N ALA A 212 -10.46 -35.49 6.37
CA ALA A 212 -11.30 -36.68 6.46
C ALA A 212 -11.91 -37.02 5.11
N PHE A 213 -12.18 -35.98 4.31
CA PHE A 213 -12.71 -36.13 2.97
C PHE A 213 -11.68 -36.80 2.07
N ALA A 214 -10.42 -36.51 2.33
CA ALA A 214 -9.32 -37.12 1.58
C ALA A 214 -9.14 -38.56 2.00
N LEU A 215 -9.02 -38.78 3.31
CA LEU A 215 -8.84 -40.11 3.86
C LEU A 215 -10.01 -41.03 3.53
N LYS A 216 -11.10 -40.46 3.06
CA LYS A 216 -12.24 -41.25 2.62
C LYS A 216 -12.01 -41.74 1.21
N GLN A 217 -11.78 -40.81 0.30
CA GLN A 217 -11.48 -41.15 -1.07
C GLN A 217 -10.28 -42.08 -1.10
N ALA A 218 -9.40 -41.93 -0.12
CA ALA A 218 -8.22 -42.76 -0.01
C ALA A 218 -8.61 -44.23 -0.01
N LYS A 219 -9.49 -44.62 0.90
CA LYS A 219 -9.91 -46.01 1.00
C LYS A 219 -10.78 -46.42 -0.20
N ASN A 220 -11.83 -45.64 -0.48
CA ASN A 220 -12.71 -45.94 -1.59
C ASN A 220 -11.95 -46.35 -2.85
N MET A 221 -10.78 -45.73 -3.06
CA MET A 221 -9.94 -46.08 -4.18
C MET A 221 -9.22 -47.40 -3.92
N SER A 222 -8.82 -47.62 -2.68
CA SER A 222 -8.15 -48.86 -2.31
C SER A 222 -9.12 -50.03 -2.30
N ASP A 223 -10.41 -49.72 -2.39
CA ASP A 223 -11.45 -50.75 -2.46
C ASP A 223 -11.73 -51.12 -3.91
N ASN A 224 -11.59 -50.14 -4.81
CA ASN A 224 -11.71 -50.40 -6.23
C ASN A 224 -10.37 -50.94 -6.77
N ASP A 225 -9.57 -51.47 -5.85
CA ASP A 225 -8.25 -52.03 -6.16
C ASP A 225 -7.36 -51.07 -6.94
N ASP A 226 -7.10 -49.92 -6.33
CA ASP A 226 -6.12 -48.98 -6.85
C ASP A 226 -5.16 -48.66 -5.71
N VAL A 227 -4.02 -48.08 -6.03
CA VAL A 227 -3.03 -47.78 -5.00
C VAL A 227 -3.04 -46.30 -4.64
N VAL A 228 -3.15 -46.02 -3.34
CA VAL A 228 -3.17 -44.65 -2.85
C VAL A 228 -1.92 -44.35 -2.03
N ASN A 229 -1.12 -43.41 -2.50
CA ASN A 229 0.02 -42.91 -1.75
C ASN A 229 -0.34 -41.64 -1.00
N LEU A 230 -0.53 -41.76 0.31
CA LEU A 230 -0.89 -40.62 1.13
C LEU A 230 0.34 -39.97 1.74
N HIS A 231 0.66 -38.76 1.29
CA HIS A 231 1.78 -38.01 1.84
C HIS A 231 1.27 -37.02 2.86
N SER A 232 1.25 -37.43 4.12
CA SER A 232 0.85 -36.51 5.19
C SER A 232 2.07 -35.84 5.79
N LEU A 233 2.25 -34.56 5.46
CA LEU A 233 3.41 -33.81 5.94
C LEU A 233 3.09 -33.13 7.27
N GLU A 234 1.80 -33.00 7.55
CA GLU A 234 1.34 -32.31 8.74
C GLU A 234 1.10 -33.30 9.88
N MET A 235 0.58 -34.48 9.54
CA MET A 235 0.24 -35.48 10.54
C MET A 235 1.22 -36.63 10.56
N GLY A 236 0.95 -37.62 11.42
CA GLY A 236 1.82 -38.77 11.56
C GLY A 236 1.26 -40.01 10.88
N LYS A 237 2.13 -40.98 10.64
CA LYS A 237 1.74 -42.23 10.00
C LYS A 237 0.68 -42.94 10.83
N LYS A 238 0.58 -42.57 12.11
CA LYS A 238 -0.36 -43.19 13.03
C LYS A 238 -1.75 -42.59 12.96
N GLU A 239 -1.85 -41.28 13.20
CA GLU A 239 -3.14 -40.59 13.20
C GLU A 239 -3.88 -40.84 11.89
N ASN A 240 -3.14 -40.89 10.78
CA ASN A 240 -3.74 -41.19 9.50
C ASN A 240 -4.38 -42.57 9.47
N ILE A 241 -3.80 -43.51 10.20
CA ILE A 241 -4.38 -44.85 10.35
C ILE A 241 -5.52 -44.82 11.37
N LYS A 242 -5.24 -44.25 12.53
CA LYS A 242 -6.24 -44.14 13.58
C LYS A 242 -7.54 -43.56 13.03
N ARG A 243 -7.40 -42.65 12.07
CA ARG A 243 -8.56 -42.05 11.43
C ARG A 243 -9.18 -43.03 10.43
N LEU A 244 -8.35 -43.71 9.67
CA LEU A 244 -8.82 -44.67 8.68
C LEU A 244 -9.62 -45.79 9.32
N ILE A 245 -9.37 -46.01 10.61
CA ILE A 245 -10.06 -47.06 11.36
C ILE A 245 -11.40 -46.55 11.89
N VAL A 246 -11.35 -45.44 12.62
CA VAL A 246 -12.54 -44.82 13.16
C VAL A 246 -13.54 -44.49 12.06
N THR A 247 -13.08 -44.49 10.82
CA THR A 247 -13.93 -44.19 9.69
C THR A 247 -14.44 -45.47 9.03
N ALA A 248 -13.63 -46.53 9.09
CA ALA A 248 -13.95 -47.79 8.43
C ALA A 248 -14.97 -48.61 9.22
N GLY A 249 -14.76 -48.73 10.52
CA GLY A 249 -15.63 -49.54 11.37
C GLY A 249 -16.84 -48.77 11.86
N SER A 250 -16.86 -47.48 11.60
CA SER A 250 -17.93 -46.61 12.06
C SER A 250 -17.96 -46.49 13.58
N ILE A 251 -16.85 -46.82 14.22
CA ILE A 251 -16.74 -46.69 15.66
C ILE A 251 -16.61 -45.22 16.05
N ASN A 252 -17.03 -44.89 17.26
CA ASN A 252 -17.03 -43.50 17.71
C ASN A 252 -15.61 -42.98 17.93
N ALA A 253 -15.31 -41.81 17.37
CA ALA A 253 -13.97 -41.24 17.41
C ALA A 253 -13.48 -40.96 18.82
N GLN A 254 -14.38 -40.52 19.68
CA GLN A 254 -14.01 -40.16 21.04
C GLN A 254 -13.81 -41.38 21.92
N LYS A 255 -14.63 -42.40 21.73
CA LYS A 255 -14.53 -43.63 22.51
C LYS A 255 -13.10 -44.16 22.55
N ILE A 256 -12.65 -44.69 21.42
CA ILE A 256 -11.31 -45.26 21.29
C ILE A 256 -10.23 -44.40 21.98
N LYS A 257 -9.92 -43.25 21.39
CA LYS A 257 -8.87 -42.35 21.89
C LYS A 257 -8.23 -42.83 23.19
N ALA A 258 -8.89 -42.59 24.31
CA ALA A 258 -8.36 -42.96 25.62
C ALA A 258 -9.30 -43.90 26.36
N ALA A 259 -10.61 -43.65 26.22
CA ALA A 259 -11.60 -44.46 26.91
C ALA A 259 -11.54 -45.93 26.49
N ARG A 260 -11.98 -46.20 25.26
CA ARG A 260 -11.88 -47.53 24.65
C ARG A 260 -11.93 -48.69 25.64
N ARG A 261 -10.76 -49.08 26.13
CA ARG A 261 -10.60 -50.24 27.02
C ARG A 261 -11.79 -50.45 27.95
N ASP A 262 -11.96 -49.54 28.91
CA ASP A 262 -13.00 -49.68 29.92
C ASP A 262 -14.19 -48.75 29.71
N PHE A 263 -14.55 -48.54 28.45
CA PHE A 263 -15.65 -47.61 28.16
C PHE A 263 -16.55 -48.07 27.02
N ALA A 264 -16.00 -48.87 26.11
CA ALA A 264 -16.75 -49.33 24.95
C ALA A 264 -16.82 -50.84 24.85
N SER A 265 -17.98 -51.36 24.45
CA SER A 265 -18.19 -52.79 24.34
C SER A 265 -18.93 -53.16 23.06
N GLU A 266 -18.71 -54.39 22.58
CA GLU A 266 -19.31 -54.88 21.34
C GLU A 266 -18.85 -54.10 20.11
N ASP A 267 -17.99 -53.11 20.35
CA ASP A 267 -17.38 -52.35 19.27
C ASP A 267 -16.15 -53.09 18.79
N TRP A 268 -15.61 -53.96 19.66
CA TRP A 268 -14.46 -54.78 19.32
C TRP A 268 -14.73 -55.58 18.06
N GLY A 269 -16.00 -55.80 17.77
CA GLY A 269 -16.40 -56.42 16.51
C GLY A 269 -16.10 -55.49 15.35
N LYS A 270 -16.54 -54.24 15.47
CA LYS A 270 -16.29 -53.24 14.45
C LYS A 270 -14.82 -52.86 14.38
N LEU A 271 -14.10 -53.08 15.47
CA LEU A 271 -12.67 -52.80 15.51
C LEU A 271 -11.87 -53.95 14.89
N SER A 272 -12.11 -55.15 15.38
CA SER A 272 -11.43 -56.34 14.85
C SER A 272 -11.80 -56.55 13.39
N MET A 273 -12.59 -55.63 12.86
CA MET A 273 -12.96 -55.65 11.45
C MET A 273 -12.22 -54.55 10.69
N ALA A 274 -12.19 -53.36 11.27
CA ALA A 274 -11.51 -52.24 10.63
C ALA A 274 -10.01 -52.50 10.53
N ILE A 275 -9.38 -52.82 11.65
CA ILE A 275 -7.96 -53.11 11.67
C ILE A 275 -7.59 -54.06 10.52
N GLY A 276 -8.52 -54.96 10.20
CA GLY A 276 -8.34 -55.86 9.08
C GLY A 276 -8.39 -55.10 7.76
N GLU A 277 -9.45 -54.33 7.57
CA GLU A 277 -9.66 -53.57 6.34
C GLU A 277 -8.46 -52.71 5.96
N ILE A 278 -7.91 -52.00 6.94
CA ILE A 278 -6.79 -51.08 6.69
C ILE A 278 -5.50 -51.82 6.32
N SER A 279 -5.29 -52.97 6.94
CA SER A 279 -4.12 -53.79 6.62
C SER A 279 -4.34 -54.60 5.35
N ASN A 280 -5.60 -54.69 4.93
CA ASN A 280 -5.95 -55.41 3.72
C ASN A 280 -6.18 -54.42 2.58
N SER A 281 -5.66 -53.22 2.75
CA SER A 281 -5.86 -52.16 1.79
C SER A 281 -4.55 -51.81 1.08
N ASN A 282 -4.66 -51.02 0.02
CA ASN A 282 -3.48 -50.60 -0.74
C ASN A 282 -3.09 -49.17 -0.39
N ILE A 283 -3.27 -48.80 0.87
CA ILE A 283 -2.92 -47.47 1.35
C ILE A 283 -1.46 -47.43 1.79
N ASN A 284 -0.68 -46.52 1.21
CA ASN A 284 0.70 -46.31 1.61
C ASN A 284 0.90 -44.90 2.15
N ILE A 285 1.48 -44.79 3.34
CA ILE A 285 1.60 -43.50 4.00
C ILE A 285 3.05 -43.07 4.23
N PHE A 286 3.43 -41.94 3.64
CA PHE A 286 4.74 -41.35 3.84
C PHE A 286 4.62 -40.14 4.75
N ASP A 287 5.50 -40.04 5.75
CA ASP A 287 5.40 -38.95 6.71
C ASP A 287 6.74 -38.29 7.04
N LYS A 288 7.66 -38.31 6.09
CA LYS A 288 8.92 -37.57 6.26
C LYS A 288 8.57 -36.09 6.41
N ALA A 289 9.27 -35.41 7.33
CA ALA A 289 8.96 -34.03 7.64
C ALA A 289 8.98 -33.11 6.43
N GLY A 290 10.12 -33.07 5.73
CA GLY A 290 10.28 -32.19 4.58
C GLY A 290 10.27 -32.93 3.26
N GLN A 291 9.18 -32.79 2.51
CA GLN A 291 9.02 -33.50 1.25
C GLN A 291 9.02 -32.54 0.07
N SER A 292 9.99 -32.70 -0.82
CA SER A 292 10.05 -31.92 -2.05
C SER A 292 9.19 -32.60 -3.10
N VAL A 293 8.71 -31.82 -4.07
CA VAL A 293 7.91 -32.39 -5.15
C VAL A 293 8.70 -33.52 -5.80
N ASN A 294 10.02 -33.40 -5.80
CA ASN A 294 10.89 -34.42 -6.37
C ASN A 294 10.96 -35.67 -5.49
N TYR A 295 10.80 -35.49 -4.19
CA TYR A 295 10.76 -36.61 -3.25
C TYR A 295 9.55 -37.47 -3.56
N ILE A 296 8.38 -36.84 -3.57
CA ILE A 296 7.14 -37.52 -3.90
C ILE A 296 7.26 -38.22 -5.25
N TRP A 297 7.89 -37.54 -6.20
CA TRP A 297 8.12 -38.09 -7.53
C TRP A 297 8.82 -39.45 -7.44
N SER A 298 9.96 -39.47 -6.77
CA SER A 298 10.74 -40.70 -6.62
C SER A 298 9.92 -41.81 -6.00
N LYS A 299 9.21 -41.50 -4.92
CA LYS A 299 8.40 -42.47 -4.22
C LYS A 299 7.22 -42.95 -5.06
N THR A 300 6.84 -42.17 -6.07
CA THR A 300 5.75 -42.56 -6.96
C THR A 300 6.22 -43.55 -8.01
N ARG A 301 7.39 -43.29 -8.59
CA ARG A 301 7.98 -44.22 -9.54
C ARG A 301 8.12 -45.57 -8.87
N GLN A 302 8.76 -45.57 -7.70
CA GLN A 302 9.01 -46.77 -6.92
C GLN A 302 7.73 -47.57 -6.69
N THR A 303 6.69 -46.90 -6.21
CA THR A 303 5.41 -47.55 -5.95
C THR A 303 4.79 -48.09 -7.24
N LYS A 304 4.93 -47.32 -8.32
CA LYS A 304 4.39 -47.70 -9.62
C LYS A 304 5.17 -48.85 -10.23
N ARG A 305 6.46 -48.91 -9.89
CA ARG A 305 7.32 -49.98 -10.40
C ARG A 305 7.01 -51.29 -9.69
N LYS A 306 6.96 -51.24 -8.36
CA LYS A 306 6.68 -52.42 -7.55
C LYS A 306 5.28 -52.98 -7.82
N ASN A 307 4.38 -52.11 -8.27
CA ASN A 307 3.01 -52.50 -8.56
C ASN A 307 2.66 -52.34 -10.03
N PRO A 308 2.89 -53.40 -10.82
CA PRO A 308 2.62 -53.32 -12.26
C PRO A 308 1.14 -53.42 -12.56
N GLY A 309 0.74 -52.86 -13.71
CA GLY A 309 -0.62 -52.99 -14.20
C GLY A 309 -1.66 -52.12 -13.51
N LYS A 310 -1.44 -51.81 -12.24
CA LYS A 310 -2.43 -51.08 -11.45
C LYS A 310 -2.19 -49.58 -11.41
N ARG A 311 -3.28 -48.83 -11.32
CA ARG A 311 -3.23 -47.37 -11.29
C ARG A 311 -2.77 -46.87 -9.91
N VAL A 312 -2.13 -45.70 -9.89
CA VAL A 312 -1.63 -45.13 -8.65
C VAL A 312 -2.17 -43.72 -8.44
N ILE A 313 -2.62 -43.42 -7.22
CA ILE A 313 -3.09 -42.09 -6.88
C ILE A 313 -2.21 -41.49 -5.78
N VAL A 314 -1.72 -40.27 -6.01
CA VAL A 314 -0.85 -39.62 -5.05
C VAL A 314 -1.55 -38.47 -4.38
N MET A 315 -1.83 -38.62 -3.09
CA MET A 315 -2.47 -37.57 -2.30
C MET A 315 -1.44 -36.79 -1.49
N ILE A 316 -1.73 -35.51 -1.24
CA ILE A 316 -0.82 -34.66 -0.47
C ILE A 316 -1.60 -33.84 0.55
N ASP A 317 -1.35 -34.11 1.83
CA ASP A 317 -2.07 -33.45 2.91
C ASP A 317 -1.46 -32.08 3.22
N TYR A 318 -1.66 -31.14 2.31
CA TYR A 318 -1.14 -29.77 2.43
C TYR A 318 -0.19 -29.43 1.29
N LEU A 319 -0.71 -28.67 0.33
CA LEU A 319 0.10 -28.19 -0.78
C LEU A 319 1.17 -27.22 -0.32
N GLN A 320 0.89 -26.50 0.76
CA GLN A 320 1.78 -25.47 1.26
C GLN A 320 2.89 -26.02 2.15
N LEU A 321 2.65 -27.20 2.73
CA LEU A 321 3.66 -27.83 3.57
C LEU A 321 4.70 -28.59 2.76
N LEU A 322 4.54 -28.59 1.44
CA LEU A 322 5.56 -29.14 0.56
C LEU A 322 6.80 -28.27 0.58
N GLU A 323 7.97 -28.89 0.38
CA GLU A 323 9.23 -28.15 0.38
C GLU A 323 9.56 -27.69 -1.03
N PRO A 324 9.69 -26.37 -1.22
CA PRO A 324 9.97 -25.78 -2.52
C PRO A 324 11.36 -26.18 -3.05
N ALA A 325 11.62 -25.87 -4.30
CA ALA A 325 12.91 -26.21 -4.92
C ALA A 325 13.96 -25.13 -4.62
N LYS A 326 13.56 -23.87 -4.75
CA LYS A 326 14.45 -22.76 -4.45
C LYS A 326 14.08 -22.12 -3.11
N ALA A 327 14.87 -22.43 -2.08
CA ALA A 327 14.63 -21.91 -0.74
C ALA A 327 14.54 -20.39 -0.74
N ASN A 328 15.55 -19.73 -1.28
CA ASN A 328 15.57 -18.28 -1.37
C ASN A 328 14.82 -17.76 -2.59
N ASP A 329 13.50 -17.73 -2.48
CA ASP A 329 12.64 -17.25 -3.56
C ASP A 329 11.35 -16.71 -2.96
N SER A 330 10.62 -15.92 -3.74
CA SER A 330 9.37 -15.35 -3.26
C SER A 330 8.34 -16.46 -3.03
N ARG A 331 7.56 -16.31 -1.97
CA ARG A 331 6.58 -17.32 -1.58
C ARG A 331 5.62 -17.63 -2.73
N THR A 332 5.14 -16.58 -3.39
CA THR A 332 4.18 -16.73 -4.49
C THR A 332 4.78 -17.48 -5.67
N ASN A 333 6.11 -17.47 -5.77
CA ASN A 333 6.80 -18.24 -6.81
C ASN A 333 7.04 -19.69 -6.40
N GLN A 334 7.10 -19.93 -5.10
CA GLN A 334 7.30 -21.28 -4.59
C GLN A 334 6.06 -22.13 -4.85
N ILE A 335 4.89 -21.58 -4.55
CA ILE A 335 3.64 -22.30 -4.78
C ILE A 335 3.45 -22.54 -6.27
N SER A 336 4.02 -21.66 -7.09
CA SER A 336 4.02 -21.85 -8.54
C SER A 336 4.97 -22.98 -8.93
N GLN A 337 6.18 -22.93 -8.38
CA GLN A 337 7.19 -23.96 -8.60
C GLN A 337 6.64 -25.32 -8.23
N ILE A 338 5.91 -25.38 -7.11
CA ILE A 338 5.29 -26.61 -6.67
C ILE A 338 4.16 -27.03 -7.61
N SER A 339 3.19 -26.14 -7.79
CA SER A 339 2.03 -26.43 -8.63
C SER A 339 2.41 -26.90 -10.02
N ARG A 340 3.27 -26.15 -10.69
CA ARG A 340 3.74 -26.52 -12.02
C ARG A 340 4.37 -27.90 -12.02
N ASP A 341 5.24 -28.16 -11.05
CA ASP A 341 5.93 -29.44 -10.96
C ASP A 341 4.94 -30.58 -10.68
N LEU A 342 4.01 -30.34 -9.76
CA LEU A 342 3.02 -31.36 -9.41
C LEU A 342 2.22 -31.83 -10.63
N LYS A 343 1.79 -30.89 -11.46
CA LYS A 343 1.07 -31.24 -12.68
C LYS A 343 1.95 -32.09 -13.59
N LYS A 344 3.17 -31.63 -13.84
CA LYS A 344 4.12 -32.37 -14.66
C LYS A 344 4.20 -33.83 -14.25
N MET A 345 4.26 -34.06 -12.94
CA MET A 345 4.32 -35.42 -12.41
C MET A 345 3.12 -36.24 -12.88
N ALA A 346 1.93 -35.70 -12.68
CA ALA A 346 0.71 -36.38 -13.09
C ALA A 346 0.70 -36.71 -14.57
N ARG A 347 1.23 -35.79 -15.38
CA ARG A 347 1.25 -35.95 -16.82
C ARG A 347 2.28 -36.97 -17.27
N GLU A 348 3.51 -36.82 -16.76
CA GLU A 348 4.65 -37.60 -17.24
C GLU A 348 4.75 -38.96 -16.57
N LEU A 349 4.11 -39.11 -15.42
CA LEU A 349 4.18 -40.35 -14.67
C LEU A 349 2.87 -41.11 -14.81
N ASP A 350 1.86 -40.42 -15.33
CA ASP A 350 0.55 -40.99 -15.61
C ASP A 350 -0.14 -41.53 -14.36
N VAL A 351 -0.33 -40.65 -13.38
CA VAL A 351 -0.98 -40.99 -12.12
C VAL A 351 -1.88 -39.87 -11.64
N VAL A 352 -2.98 -40.23 -10.97
CA VAL A 352 -3.88 -39.23 -10.41
C VAL A 352 -3.19 -38.47 -9.29
N VAL A 353 -3.07 -37.15 -9.42
CA VAL A 353 -2.47 -36.37 -8.35
C VAL A 353 -3.49 -35.49 -7.65
N ILE A 354 -3.77 -35.86 -6.39
CA ILE A 354 -4.71 -35.12 -5.56
C ILE A 354 -3.95 -34.37 -4.47
N ALA A 355 -4.07 -33.05 -4.46
CA ALA A 355 -3.39 -32.25 -3.46
C ALA A 355 -4.37 -31.45 -2.62
N LEU A 356 -4.34 -31.67 -1.31
CA LEU A 356 -5.13 -30.86 -0.40
C LEU A 356 -4.50 -29.48 -0.26
N SER A 357 -5.34 -28.45 -0.22
CA SER A 357 -4.85 -27.08 -0.10
C SER A 357 -5.67 -26.28 0.90
N GLN A 358 -5.25 -25.05 1.14
CA GLN A 358 -5.96 -24.18 2.06
C GLN A 358 -6.35 -22.90 1.36
N LEU A 359 -7.44 -22.28 1.82
CA LEU A 359 -7.95 -21.07 1.22
C LEU A 359 -7.61 -19.84 2.04
N SER A 360 -7.49 -18.70 1.37
CA SER A 360 -7.17 -17.45 2.04
C SER A 360 -8.07 -17.23 3.26
N ARG A 361 -7.47 -16.81 4.36
CA ARG A 361 -8.21 -16.49 5.58
C ARG A 361 -9.23 -15.39 5.32
N GLN A 362 -9.17 -14.82 4.11
CA GLN A 362 -10.02 -13.71 3.71
C GLN A 362 -11.45 -14.15 3.42
N VAL A 363 -11.67 -15.46 3.34
CA VAL A 363 -13.00 -15.99 3.05
C VAL A 363 -14.00 -15.67 4.16
N GLU A 364 -13.51 -15.64 5.39
CA GLU A 364 -14.39 -15.51 6.55
C GLU A 364 -14.83 -14.07 6.80
N GLN A 365 -14.40 -13.15 5.95
CA GLN A 365 -14.79 -11.75 6.09
C GLN A 365 -15.80 -11.33 5.03
N ARG A 366 -16.66 -12.28 4.65
CA ARG A 366 -17.72 -12.01 3.68
C ARG A 366 -19.06 -12.49 4.23
N GLN A 367 -20.12 -12.28 3.46
CA GLN A 367 -21.45 -12.72 3.87
C GLN A 367 -21.71 -14.16 3.41
N ASP A 368 -21.23 -14.48 2.21
CA ASP A 368 -21.31 -15.85 1.71
C ASP A 368 -19.95 -16.52 1.87
N LYS A 369 -19.86 -17.42 2.84
CA LYS A 369 -18.60 -18.05 3.21
C LYS A 369 -18.20 -19.11 2.18
N ARG A 370 -18.92 -19.15 1.07
CA ARG A 370 -18.69 -20.14 0.04
C ARG A 370 -17.49 -19.76 -0.82
N PRO A 371 -16.48 -20.65 -0.86
CA PRO A 371 -15.21 -20.42 -1.55
C PRO A 371 -15.35 -20.33 -3.07
N MET A 372 -14.58 -19.44 -3.68
CA MET A 372 -14.46 -19.36 -5.13
C MET A 372 -12.98 -19.47 -5.50
N LEU A 373 -12.66 -19.36 -6.78
CA LEU A 373 -11.28 -19.58 -7.22
C LEU A 373 -10.32 -18.48 -6.77
N SER A 374 -10.80 -17.24 -6.72
CA SER A 374 -9.97 -16.11 -6.34
C SER A 374 -9.45 -16.26 -4.91
N ASP A 375 -10.10 -17.12 -4.14
CA ASP A 375 -9.73 -17.33 -2.74
C ASP A 375 -8.44 -18.12 -2.58
N LEU A 376 -7.91 -18.63 -3.69
CA LEU A 376 -6.58 -19.24 -3.67
C LEU A 376 -5.53 -18.13 -3.61
N ARG A 377 -5.17 -17.75 -2.39
CA ARG A 377 -4.40 -16.54 -2.09
C ARG A 377 -3.12 -16.37 -2.92
N GLU A 378 -1.98 -16.68 -2.29
CA GLU A 378 -0.67 -16.59 -2.91
C GLU A 378 -0.62 -17.28 -4.27
N SER A 379 -0.92 -18.57 -4.26
CA SER A 379 -0.89 -19.41 -5.45
C SER A 379 -1.53 -18.76 -6.67
N GLY A 380 -0.70 -18.42 -7.66
CA GLY A 380 -1.18 -17.85 -8.91
C GLY A 380 -1.23 -18.93 -9.97
N GLN A 381 -0.07 -19.48 -10.29
CA GLN A 381 0.04 -20.55 -11.28
C GLN A 381 -0.67 -21.81 -10.79
N LEU A 382 -1.47 -21.66 -9.75
CA LEU A 382 -2.18 -22.78 -9.14
C LEU A 382 -3.45 -23.12 -9.91
N GLU A 383 -4.44 -22.23 -9.83
CA GLU A 383 -5.73 -22.46 -10.45
C GLU A 383 -5.58 -22.85 -11.91
N GLN A 384 -4.51 -22.40 -12.54
CA GLN A 384 -4.26 -22.70 -13.94
C GLN A 384 -3.82 -24.13 -14.16
N ASP A 385 -2.95 -24.63 -13.29
CA ASP A 385 -2.38 -25.97 -13.46
C ASP A 385 -3.29 -27.06 -12.91
N ALA A 386 -4.34 -26.68 -12.20
CA ALA A 386 -5.27 -27.65 -11.65
C ALA A 386 -6.32 -28.08 -12.68
N ASP A 387 -6.74 -29.33 -12.59
CA ASP A 387 -7.72 -29.88 -13.53
C ASP A 387 -9.11 -29.95 -12.91
N ILE A 388 -9.17 -30.30 -11.63
CA ILE A 388 -10.45 -30.36 -10.94
C ILE A 388 -10.35 -29.70 -9.56
N ILE A 389 -10.44 -28.37 -9.52
CA ILE A 389 -10.48 -27.67 -8.25
C ILE A 389 -11.81 -27.95 -7.57
N GLU A 390 -11.76 -28.54 -6.39
CA GLU A 390 -12.96 -28.81 -5.62
C GLU A 390 -12.84 -28.31 -4.18
N PHE A 391 -13.65 -27.31 -3.84
CA PHE A 391 -13.66 -26.76 -2.50
C PHE A 391 -14.63 -27.52 -1.60
N LEU A 392 -14.36 -27.54 -0.31
CA LEU A 392 -15.28 -28.12 0.66
C LEU A 392 -15.93 -27.02 1.47
N TYR A 393 -17.18 -27.24 1.87
CA TYR A 393 -17.90 -26.25 2.66
C TYR A 393 -18.94 -26.86 3.61
N ARG A 394 -18.69 -26.73 4.90
CA ARG A 394 -19.65 -27.10 5.92
C ARG A 394 -20.40 -25.85 6.37
N ASP A 395 -21.70 -25.79 6.10
CA ASP A 395 -22.49 -24.62 6.46
C ASP A 395 -22.73 -24.53 7.95
N ASP A 396 -22.78 -25.69 8.62
CA ASP A 396 -23.02 -25.73 10.06
C ASP A 396 -21.78 -25.38 10.89
N TYR A 397 -20.84 -24.68 10.27
CA TYR A 397 -19.67 -24.19 10.97
C TYR A 397 -19.80 -22.68 11.19
N TYR A 398 -20.34 -22.00 10.19
CA TYR A 398 -20.52 -20.56 10.26
C TYR A 398 -21.92 -20.20 10.77
N ASP A 399 -22.82 -21.17 10.72
CA ASP A 399 -24.18 -20.96 11.18
C ASP A 399 -24.59 -22.08 12.13
N LYS A 400 -24.83 -21.72 13.39
CA LYS A 400 -25.21 -22.71 14.41
C LYS A 400 -26.60 -23.27 14.11
N GLU A 401 -27.40 -22.48 13.39
CA GLU A 401 -28.76 -22.87 13.06
C GLU A 401 -28.92 -22.98 11.54
N SER A 402 -28.27 -23.97 10.96
CA SER A 402 -28.33 -24.19 9.52
C SER A 402 -29.39 -25.22 9.16
N GLU A 403 -30.09 -24.98 8.05
CA GLU A 403 -31.09 -25.93 7.58
C GLU A 403 -30.40 -27.18 7.02
N SER A 404 -29.08 -27.10 6.87
CA SER A 404 -28.28 -28.21 6.38
C SER A 404 -27.42 -28.79 7.50
N LYS A 405 -28.06 -29.44 8.46
CA LYS A 405 -27.37 -30.00 9.62
C LYS A 405 -26.48 -31.18 9.21
N ASN A 406 -25.18 -31.05 9.47
CA ASN A 406 -24.21 -32.09 9.16
C ASN A 406 -24.10 -32.37 7.66
N ILE A 407 -23.98 -31.30 6.87
CA ILE A 407 -23.90 -31.43 5.42
C ILE A 407 -22.71 -30.68 4.83
N VAL A 408 -21.74 -31.43 4.32
CA VAL A 408 -20.63 -30.86 3.59
C VAL A 408 -21.02 -30.78 2.12
N GLU A 409 -20.81 -29.62 1.50
CA GLU A 409 -21.08 -29.51 0.07
C GLU A 409 -19.79 -29.35 -0.74
N VAL A 410 -19.42 -30.41 -1.44
CA VAL A 410 -18.27 -30.40 -2.32
C VAL A 410 -18.56 -29.54 -3.54
N ILE A 411 -17.78 -28.49 -3.72
CA ILE A 411 -18.01 -27.54 -4.80
C ILE A 411 -16.93 -27.64 -5.87
N ILE A 412 -17.26 -28.30 -6.97
CA ILE A 412 -16.36 -28.36 -8.12
C ILE A 412 -16.42 -27.03 -8.86
N ALA A 413 -15.37 -26.23 -8.71
CA ALA A 413 -15.36 -24.90 -9.30
C ALA A 413 -14.66 -24.90 -10.65
N LYS A 414 -13.90 -25.95 -10.91
CA LYS A 414 -13.20 -26.07 -12.19
C LYS A 414 -13.07 -27.53 -12.64
N HIS A 415 -13.53 -27.81 -13.84
CA HIS A 415 -13.40 -29.12 -14.46
C HIS A 415 -12.98 -28.87 -15.90
N ARG A 416 -11.77 -29.29 -16.26
CA ARG A 416 -11.27 -28.98 -17.59
C ARG A 416 -11.93 -29.85 -18.65
N ASP A 417 -12.10 -31.14 -18.36
CA ASP A 417 -12.73 -32.04 -19.32
C ASP A 417 -14.17 -32.40 -18.93
N GLY A 418 -14.80 -31.55 -18.13
CA GLY A 418 -16.15 -31.80 -17.67
C GLY A 418 -16.88 -30.56 -17.17
N PRO A 419 -18.04 -30.77 -16.52
CA PRO A 419 -18.89 -29.68 -16.05
C PRO A 419 -18.60 -29.29 -14.59
N VAL A 420 -19.17 -28.18 -14.16
CA VAL A 420 -19.03 -27.72 -12.78
C VAL A 420 -20.29 -28.04 -11.99
N GLY A 421 -20.40 -27.49 -10.78
CA GLY A 421 -21.58 -27.68 -9.95
C GLY A 421 -21.27 -28.11 -8.53
N THR A 422 -22.28 -28.07 -7.67
CA THR A 422 -22.10 -28.40 -6.25
C THR A 422 -22.71 -29.76 -5.90
N VAL A 423 -21.93 -30.57 -5.20
CA VAL A 423 -22.38 -31.90 -4.76
C VAL A 423 -22.46 -31.96 -3.24
N SER A 424 -23.60 -32.41 -2.72
CA SER A 424 -23.82 -32.47 -1.28
C SER A 424 -23.60 -33.86 -0.71
N LEU A 425 -22.90 -33.94 0.41
CA LEU A 425 -22.68 -35.20 1.11
C LEU A 425 -22.98 -35.05 2.60
N ALA A 426 -23.39 -36.15 3.23
CA ALA A 426 -23.66 -36.13 4.66
C ALA A 426 -22.39 -36.43 5.44
N PHE A 427 -21.93 -35.46 6.22
CA PHE A 427 -20.72 -35.61 7.01
C PHE A 427 -21.04 -36.07 8.42
N ILE A 428 -20.49 -37.22 8.80
CA ILE A 428 -20.66 -37.72 10.15
C ILE A 428 -19.46 -37.32 10.99
N LYS A 429 -19.59 -36.20 11.69
CA LYS A 429 -18.50 -35.64 12.48
C LYS A 429 -17.85 -36.68 13.38
N GLU A 430 -18.63 -37.65 13.84
CA GLU A 430 -18.18 -38.57 14.86
C GLU A 430 -17.32 -39.71 14.32
N TYR A 431 -17.52 -40.06 13.06
CA TYR A 431 -16.78 -41.18 12.46
C TYR A 431 -15.85 -40.71 11.34
N GLY A 432 -15.88 -39.42 11.04
CA GLY A 432 -15.11 -38.88 9.93
C GLY A 432 -15.53 -39.56 8.63
N ASN A 433 -16.81 -39.88 8.54
CA ASN A 433 -17.36 -40.62 7.41
C ASN A 433 -18.25 -39.73 6.55
N PHE A 434 -18.27 -40.00 5.24
CA PHE A 434 -19.09 -39.24 4.31
C PHE A 434 -20.14 -40.16 3.67
N VAL A 435 -21.37 -39.67 3.58
CA VAL A 435 -22.47 -40.49 3.06
C VAL A 435 -23.08 -39.89 1.80
N ASN A 436 -23.56 -40.77 0.92
CA ASN A 436 -24.16 -40.36 -0.35
C ASN A 436 -25.60 -39.90 -0.17
N LEU A 437 -26.10 -39.11 -1.11
CA LEU A 437 -27.45 -38.59 -1.03
C LEU A 437 -28.24 -38.81 -2.32
N GLU A 438 -29.53 -38.47 -2.27
CA GLU A 438 -30.44 -38.68 -3.40
C GLU A 438 -30.24 -40.06 -4.03
N ASN B 14 35.35 -35.59 -2.41
CA ASN B 14 35.46 -36.93 -3.08
C ASN B 14 35.02 -36.86 -4.53
N GLU B 15 35.92 -37.24 -5.43
CA GLU B 15 35.64 -37.17 -6.87
C GLU B 15 35.22 -38.51 -7.47
N TYR B 16 35.70 -39.60 -6.87
CA TYR B 16 35.41 -40.94 -7.38
C TYR B 16 33.91 -41.25 -7.37
N ALA B 17 33.29 -41.06 -6.21
CA ALA B 17 31.86 -41.30 -6.04
C ALA B 17 31.05 -40.23 -6.75
N GLU B 18 31.68 -39.08 -6.95
CA GLU B 18 31.05 -37.94 -7.62
C GLU B 18 30.84 -38.24 -9.09
N GLN B 19 31.81 -38.92 -9.69
CA GLN B 19 31.72 -39.34 -11.10
C GLN B 19 30.59 -40.34 -11.28
N ALA B 20 30.58 -41.36 -10.42
CA ALA B 20 29.56 -42.41 -10.48
C ALA B 20 28.15 -41.82 -10.50
N VAL B 21 27.91 -40.80 -9.67
CA VAL B 21 26.60 -40.16 -9.60
C VAL B 21 26.27 -39.44 -10.91
N LEU B 22 27.18 -38.56 -11.33
CA LEU B 22 26.99 -37.83 -12.59
C LEU B 22 26.86 -38.79 -13.76
N GLY B 23 27.67 -39.84 -13.75
CA GLY B 23 27.66 -40.82 -14.83
C GLY B 23 26.39 -41.65 -14.88
N SER B 24 26.03 -42.24 -13.74
CA SER B 24 24.86 -43.11 -13.68
C SER B 24 23.58 -42.34 -14.01
N ILE B 25 23.64 -41.02 -13.91
CA ILE B 25 22.51 -40.17 -14.28
C ILE B 25 22.48 -39.96 -15.80
N LEU B 26 23.65 -39.71 -16.39
CA LEU B 26 23.75 -39.57 -17.84
C LEU B 26 23.37 -40.88 -18.53
N THR B 27 23.42 -41.97 -17.77
CA THR B 27 23.02 -43.27 -18.27
C THR B 27 21.52 -43.45 -18.09
N GLU B 28 21.02 -43.14 -16.91
CA GLU B 28 19.60 -43.21 -16.61
C GLU B 28 19.06 -41.82 -16.30
N PRO B 29 18.67 -41.07 -17.34
CA PRO B 29 18.23 -39.68 -17.25
C PRO B 29 16.99 -39.51 -16.37
N GLU B 30 16.72 -40.49 -15.53
CA GLU B 30 15.54 -40.48 -14.68
C GLU B 30 15.94 -40.59 -13.22
N LEU B 31 17.25 -40.71 -12.98
CA LEU B 31 17.77 -40.87 -11.62
C LEU B 31 17.99 -39.54 -10.91
N ILE B 32 18.06 -38.46 -11.67
CA ILE B 32 18.18 -37.11 -11.09
C ILE B 32 17.05 -36.86 -10.10
N LYS B 33 15.92 -37.51 -10.34
CA LYS B 33 14.76 -37.40 -9.47
C LYS B 33 14.91 -38.29 -8.25
N GLU B 34 15.42 -39.50 -8.47
CA GLU B 34 15.53 -40.50 -7.39
C GLU B 34 16.57 -40.17 -6.34
N CYS B 35 17.25 -39.04 -6.49
CA CYS B 35 18.19 -38.58 -5.49
C CYS B 35 18.47 -37.09 -5.63
N PRO B 36 18.05 -36.31 -4.62
CA PRO B 36 18.09 -34.85 -4.66
C PRO B 36 19.47 -34.31 -4.31
N LEU B 37 19.91 -33.33 -5.08
CA LEU B 37 21.20 -32.69 -4.88
C LEU B 37 21.16 -31.29 -5.45
N THR B 38 22.21 -30.52 -5.20
CA THR B 38 22.41 -29.23 -5.84
C THR B 38 23.85 -29.14 -6.34
N PRO B 39 24.11 -28.31 -7.34
CA PRO B 39 25.47 -28.19 -7.87
C PRO B 39 26.48 -27.93 -6.76
N GLU B 40 26.01 -27.40 -5.64
CA GLU B 40 26.85 -27.09 -4.49
C GLU B 40 27.52 -28.34 -3.92
N HIS B 41 26.95 -29.50 -4.22
CA HIS B 41 27.48 -30.77 -3.74
C HIS B 41 28.72 -31.19 -4.50
N PHE B 42 28.81 -30.76 -5.75
CA PHE B 42 29.86 -31.23 -6.65
C PHE B 42 31.08 -30.32 -6.66
N SER B 43 32.22 -30.89 -7.04
CA SER B 43 33.46 -30.13 -7.15
C SER B 43 33.29 -28.93 -8.06
N PRO B 44 34.17 -27.93 -7.95
CA PRO B 44 34.05 -26.75 -8.80
C PRO B 44 34.29 -27.07 -10.27
N GLY B 45 33.88 -26.17 -11.14
CA GLY B 45 34.10 -26.33 -12.59
C GLY B 45 33.24 -27.40 -13.22
N LYS B 46 33.89 -28.46 -13.69
CA LYS B 46 33.20 -29.54 -14.40
C LYS B 46 32.01 -30.08 -13.62
N HIS B 47 32.26 -31.05 -12.74
CA HIS B 47 31.20 -31.68 -11.96
C HIS B 47 30.10 -30.71 -11.55
N PHE B 48 30.49 -29.49 -11.19
CA PHE B 48 29.53 -28.46 -10.82
C PHE B 48 28.61 -28.14 -11.99
N ASN B 49 29.21 -27.67 -13.08
CA ASN B 49 28.45 -27.33 -14.27
C ASN B 49 27.74 -28.54 -14.85
N ILE B 50 28.35 -29.72 -14.72
CA ILE B 50 27.75 -30.95 -15.20
C ILE B 50 26.41 -31.21 -14.52
N TYR B 51 26.24 -30.64 -13.34
CA TYR B 51 24.98 -30.79 -12.60
C TYR B 51 24.11 -29.56 -12.73
N PHE B 52 24.73 -28.39 -12.73
CA PHE B 52 23.98 -27.14 -12.84
C PHE B 52 23.16 -27.10 -14.13
N THR B 53 23.79 -27.48 -15.23
CA THR B 53 23.11 -27.54 -16.53
C THR B 53 22.29 -28.82 -16.63
N MET B 54 22.68 -29.84 -15.86
CA MET B 54 21.95 -31.10 -15.80
C MET B 54 20.62 -30.91 -15.08
N GLN B 55 20.66 -30.14 -13.99
CA GLN B 55 19.48 -29.88 -13.18
C GLN B 55 18.51 -28.93 -13.88
N ASP B 56 19.05 -27.90 -14.52
CA ASP B 56 18.21 -26.93 -15.22
C ASP B 56 17.32 -27.60 -16.24
N LEU B 57 17.90 -28.49 -17.05
CA LEU B 57 17.17 -29.19 -18.09
C LEU B 57 16.00 -30.00 -17.55
N ASP B 58 16.06 -30.33 -16.26
CA ASP B 58 15.00 -31.09 -15.61
C ASP B 58 13.90 -30.17 -15.11
N ARG B 59 14.29 -29.03 -14.53
CA ARG B 59 13.34 -28.03 -14.04
C ARG B 59 12.51 -27.46 -15.19
N LYS B 60 13.13 -27.37 -16.36
CA LYS B 60 12.43 -26.89 -17.55
C LYS B 60 11.62 -28.02 -18.19
N GLY B 61 11.54 -29.15 -17.49
CA GLY B 61 10.69 -30.26 -17.89
C GLY B 61 11.16 -31.04 -19.11
N GLN B 62 12.46 -31.34 -19.15
CA GLN B 62 13.03 -32.06 -20.29
C GLN B 62 13.83 -33.28 -19.84
N SER B 63 14.65 -33.82 -20.74
CA SER B 63 15.47 -34.98 -20.43
C SER B 63 16.91 -34.55 -20.14
N VAL B 64 17.73 -35.52 -19.72
CA VAL B 64 19.13 -35.24 -19.39
C VAL B 64 20.07 -36.33 -19.89
N ASP B 65 20.56 -36.15 -21.11
CA ASP B 65 21.54 -37.06 -21.69
C ASP B 65 22.62 -36.24 -22.41
N PHE B 66 23.74 -36.86 -22.73
CA PHE B 66 24.84 -36.17 -23.39
C PHE B 66 24.27 -35.23 -24.45
N THR B 67 23.57 -35.85 -25.41
CA THR B 67 23.02 -35.15 -26.56
C THR B 67 22.24 -33.92 -26.17
N SER B 68 21.45 -34.02 -25.11
CA SER B 68 20.60 -32.91 -24.67
C SER B 68 21.40 -31.83 -23.93
N ILE B 69 22.38 -32.25 -23.14
CA ILE B 69 23.22 -31.31 -22.40
C ILE B 69 24.14 -30.54 -23.35
N ALA B 70 24.90 -31.27 -24.14
CA ALA B 70 25.76 -30.66 -25.13
C ALA B 70 24.97 -29.73 -26.03
N ALA B 71 23.68 -30.04 -26.20
CA ALA B 71 22.80 -29.22 -27.01
C ALA B 71 22.50 -27.91 -26.31
N ARG B 72 22.33 -27.98 -25.00
CA ARG B 72 22.03 -26.81 -24.19
C ARG B 72 23.17 -25.81 -24.24
N VAL B 73 24.30 -26.17 -23.65
CA VAL B 73 25.47 -25.29 -23.64
C VAL B 73 26.31 -25.49 -24.90
N GLY B 74 25.79 -25.01 -26.02
CA GLY B 74 26.42 -25.21 -27.33
C GLY B 74 27.82 -24.63 -27.41
N GLU B 75 27.97 -23.37 -27.03
CA GLU B 75 29.26 -22.70 -27.08
C GLU B 75 30.08 -23.02 -25.83
N LYS B 76 29.40 -23.13 -24.69
CA LYS B 76 30.08 -23.30 -23.41
C LYS B 76 30.20 -24.76 -22.99
N LEU B 77 30.25 -25.65 -23.98
CA LEU B 77 30.40 -27.08 -23.70
C LEU B 77 31.74 -27.45 -23.09
N PRO B 78 32.85 -26.87 -23.61
CA PRO B 78 34.17 -27.22 -23.11
C PRO B 78 34.32 -27.03 -21.60
N GLN B 79 33.50 -26.17 -21.02
CA GLN B 79 33.56 -25.90 -19.57
C GLN B 79 32.98 -27.05 -18.75
N LEU B 80 32.44 -28.04 -19.44
CA LEU B 80 31.93 -29.25 -18.78
C LEU B 80 32.90 -30.41 -19.04
N GLY B 81 34.09 -30.08 -19.53
CA GLY B 81 35.10 -31.08 -19.82
C GLY B 81 35.05 -31.56 -21.25
N GLY B 82 34.27 -30.87 -22.08
CA GLY B 82 34.10 -31.27 -23.47
C GLY B 82 33.23 -32.50 -23.57
N PHE B 83 32.69 -32.76 -24.76
CA PHE B 83 31.84 -33.92 -24.98
C PHE B 83 32.54 -35.20 -24.56
N GLY B 84 33.85 -35.26 -24.83
CA GLY B 84 34.65 -36.43 -24.54
C GLY B 84 34.69 -36.81 -23.07
N TYR B 85 34.19 -35.92 -22.22
CA TYR B 85 34.16 -36.19 -20.79
C TYR B 85 32.81 -36.79 -20.36
N LEU B 86 31.73 -36.22 -20.88
CA LEU B 86 30.39 -36.74 -20.58
C LEU B 86 30.35 -38.23 -20.86
N THR B 87 30.85 -38.62 -22.02
CA THR B 87 30.92 -40.02 -22.41
C THR B 87 31.76 -40.82 -21.41
N GLU B 88 32.93 -40.30 -21.08
CA GLU B 88 33.82 -40.95 -20.13
C GLU B 88 33.11 -41.21 -18.80
N LEU B 89 32.35 -40.22 -18.35
CA LEU B 89 31.58 -40.36 -17.12
C LEU B 89 30.55 -41.48 -17.26
N ALA B 90 29.78 -41.44 -18.35
CA ALA B 90 28.75 -42.43 -18.59
C ALA B 90 29.35 -43.84 -18.68
N ALA B 91 30.54 -43.92 -19.25
CA ALA B 91 31.21 -45.20 -19.41
C ALA B 91 31.81 -45.69 -18.10
N SER B 92 32.07 -44.76 -17.19
CA SER B 92 32.72 -45.09 -15.92
C SER B 92 31.77 -45.82 -14.96
N VAL B 93 30.49 -45.79 -15.27
CA VAL B 93 29.50 -46.48 -14.44
C VAL B 93 29.26 -47.90 -14.91
N ALA B 94 29.70 -48.86 -14.10
CA ALA B 94 29.51 -50.27 -14.39
C ALA B 94 28.03 -50.61 -14.34
N SER B 95 27.43 -50.45 -13.18
CA SER B 95 26.00 -50.69 -13.00
C SER B 95 25.36 -49.59 -12.16
N THR B 96 24.17 -49.16 -12.55
CA THR B 96 23.46 -48.11 -11.84
C THR B 96 22.74 -48.65 -10.61
N THR B 97 23.39 -49.60 -9.93
CA THR B 97 22.83 -50.19 -8.73
C THR B 97 23.42 -49.51 -7.48
N THR B 98 24.68 -49.09 -7.60
CA THR B 98 25.38 -48.42 -6.51
C THR B 98 25.05 -46.94 -6.43
N PHE B 99 24.12 -46.49 -7.27
CA PHE B 99 23.73 -45.08 -7.34
C PHE B 99 23.36 -44.52 -5.97
N LYS B 100 22.50 -45.23 -5.25
CA LYS B 100 22.10 -44.83 -3.90
C LYS B 100 23.33 -44.68 -3.00
N GLN B 101 24.13 -45.74 -2.93
CA GLN B 101 25.34 -45.78 -2.13
C GLN B 101 26.26 -44.61 -2.43
N HIS B 102 26.41 -44.31 -3.72
CA HIS B 102 27.26 -43.20 -4.14
C HIS B 102 26.60 -41.84 -3.92
N CYS B 103 25.29 -41.78 -4.14
CA CYS B 103 24.55 -40.54 -3.97
C CYS B 103 24.54 -40.14 -2.50
N GLN B 104 24.90 -41.09 -1.64
CA GLN B 104 25.02 -40.84 -0.21
C GLN B 104 26.44 -40.40 0.13
N THR B 105 27.42 -41.01 -0.56
CA THR B 105 28.83 -40.66 -0.37
C THR B 105 29.06 -39.20 -0.77
N VAL B 106 28.36 -38.76 -1.82
CA VAL B 106 28.42 -37.38 -2.26
C VAL B 106 27.72 -36.47 -1.25
N SER B 107 26.62 -36.96 -0.69
CA SER B 107 25.83 -36.19 0.25
C SER B 107 26.54 -36.01 1.59
N GLU B 108 27.08 -37.09 2.13
CA GLU B 108 27.85 -37.01 3.38
C GLU B 108 28.94 -35.96 3.25
N TYR B 109 29.67 -36.01 2.15
CA TYR B 109 30.76 -35.06 1.90
C TYR B 109 30.25 -33.63 1.74
N PHE B 110 28.96 -33.46 1.50
CA PHE B 110 28.38 -32.13 1.38
C PHE B 110 28.12 -31.51 2.76
N GLN B 111 27.61 -32.33 3.68
CA GLN B 111 27.41 -31.89 5.05
C GLN B 111 28.76 -31.53 5.65
N LYS B 112 29.73 -32.41 5.45
CA LYS B 112 31.10 -32.21 5.89
C LYS B 112 31.65 -30.87 5.43
N ARG B 113 31.38 -30.54 4.16
CA ARG B 113 31.83 -29.27 3.57
C ARG B 113 31.19 -28.06 4.26
N LYS B 114 29.90 -28.17 4.56
CA LYS B 114 29.16 -27.06 5.16
C LYS B 114 29.28 -27.06 6.68
N ALA B 115 29.57 -28.21 7.26
CA ALA B 115 29.83 -28.29 8.70
C ALA B 115 31.03 -27.43 9.03
N ILE B 116 32.04 -27.48 8.17
CA ILE B 116 33.23 -26.66 8.32
C ILE B 116 32.92 -25.21 8.05
N SER B 117 32.22 -24.95 6.95
CA SER B 117 31.88 -23.59 6.55
C SER B 117 31.03 -22.88 7.61
N ILE B 118 30.25 -23.66 8.36
CA ILE B 118 29.41 -23.11 9.42
C ILE B 118 30.16 -23.08 10.75
N ALA B 119 31.24 -23.84 10.83
CA ALA B 119 32.08 -23.86 12.03
C ALA B 119 33.02 -22.67 12.01
N GLN B 120 33.76 -22.53 10.91
CA GLN B 120 34.65 -21.39 10.74
C GLN B 120 33.81 -20.13 10.51
N GLN B 121 32.50 -20.32 10.44
CA GLN B 121 31.57 -19.21 10.36
C GLN B 121 31.46 -18.54 11.73
N ILE B 122 31.20 -19.35 12.75
CA ILE B 122 31.10 -18.86 14.12
C ILE B 122 32.32 -18.04 14.47
N ILE B 123 33.49 -18.65 14.32
CA ILE B 123 34.76 -18.01 14.66
C ILE B 123 34.81 -16.56 14.18
N GLU B 124 34.64 -16.36 12.88
CA GLU B 124 34.68 -15.03 12.28
C GLU B 124 33.50 -14.17 12.72
N ASN B 125 32.34 -14.80 12.89
CA ASN B 125 31.12 -14.09 13.26
C ASN B 125 31.16 -13.45 14.65
N VAL B 126 31.56 -14.24 15.64
CA VAL B 126 31.61 -13.75 17.02
C VAL B 126 32.42 -12.46 17.12
N ASN B 127 33.61 -12.46 16.52
CA ASN B 127 34.48 -11.28 16.53
C ASN B 127 33.73 -9.99 16.21
N VAL B 134 28.47 -7.18 19.01
CA VAL B 134 27.32 -7.54 19.83
C VAL B 134 27.52 -8.89 20.52
N LYS B 135 26.83 -9.07 21.65
CA LYS B 135 26.93 -10.30 22.44
C LYS B 135 26.94 -11.56 21.57
N PRO B 136 27.90 -12.48 21.85
CA PRO B 136 28.06 -13.72 21.10
C PRO B 136 26.96 -14.74 21.40
N ILE B 137 25.83 -14.25 21.93
CA ILE B 137 24.69 -15.11 22.23
C ILE B 137 23.95 -15.49 20.96
N GLN B 138 23.51 -14.49 20.21
CA GLN B 138 22.77 -14.72 18.97
C GLN B 138 23.63 -15.44 17.95
N GLU B 139 24.92 -15.56 18.23
CA GLU B 139 25.81 -16.33 17.38
C GLU B 139 25.57 -17.82 17.60
N ALA B 140 25.85 -18.28 18.82
CA ALA B 140 25.59 -19.67 19.18
C ALA B 140 24.19 -20.10 18.76
N VAL B 141 23.27 -19.13 18.72
CA VAL B 141 21.89 -19.39 18.33
C VAL B 141 21.75 -19.57 16.81
N SER B 142 22.26 -18.60 16.05
CA SER B 142 22.19 -18.65 14.59
C SER B 142 23.09 -19.74 14.02
N GLU B 143 24.15 -20.06 14.75
CA GLU B 143 25.07 -21.11 14.33
C GLU B 143 24.52 -22.48 14.73
N LEU B 144 23.47 -22.48 15.56
CA LEU B 144 22.85 -23.71 16.00
C LEU B 144 21.78 -24.16 15.01
N MET B 145 20.97 -23.19 14.55
CA MET B 145 19.90 -23.47 13.60
C MET B 145 20.47 -24.04 12.30
N GLU B 146 21.63 -23.53 11.89
CA GLU B 146 22.30 -24.03 10.69
C GLU B 146 22.79 -25.47 10.86
N ILE B 147 23.47 -25.74 11.98
CA ILE B 147 24.04 -27.05 12.23
C ILE B 147 22.97 -28.14 12.29
N GLU B 148 21.73 -27.76 12.62
CA GLU B 148 20.64 -28.72 12.70
C GLU B 148 20.07 -29.06 11.32
N ALA B 149 20.20 -28.14 10.37
CA ALA B 149 19.75 -28.40 9.01
C ALA B 149 20.69 -29.37 8.30
N SER B 150 21.13 -30.38 9.04
CA SER B 150 22.09 -31.37 8.53
C SER B 150 21.79 -32.78 9.03
N GLY B 151 20.93 -32.89 10.05
CA GLY B 151 20.53 -34.18 10.58
C GLY B 151 19.57 -34.89 9.64
N THR B 152 20.04 -35.99 9.06
CA THR B 152 19.28 -36.71 8.02
C THR B 152 19.17 -38.22 8.28
N ASP B 153 18.01 -38.65 8.78
CA ASP B 153 17.77 -40.07 9.09
C ASP B 153 16.33 -40.48 8.77
N ASP B 154 16.15 -41.27 7.71
CA ASP B 154 14.84 -41.83 7.36
C ASP B 154 14.91 -42.78 6.15
N ASP B 155 13.74 -43.14 5.61
CA ASP B 155 13.68 -44.06 4.48
C ASP B 155 12.41 -43.83 3.64
N ASP B 156 11.42 -44.69 3.81
CA ASP B 156 10.13 -44.52 3.14
C ASP B 156 8.96 -44.70 4.12
N GLY B 157 7.99 -45.52 3.72
CA GLY B 157 6.82 -45.76 4.55
C GLY B 157 6.01 -46.99 4.15
N SER B 158 5.40 -47.60 5.15
CA SER B 158 4.48 -48.71 4.94
C SER B 158 3.19 -48.37 5.66
N ILE B 159 2.90 -49.14 6.71
CA ILE B 159 1.80 -48.86 7.62
C ILE B 159 1.97 -49.73 8.85
N ASP B 160 2.36 -50.98 8.62
CA ASP B 160 2.59 -51.98 9.67
C ASP B 160 3.21 -51.40 10.93
N GLU B 161 4.52 -51.16 10.88
CA GLU B 161 5.27 -50.66 12.03
C GLU B 161 4.54 -49.57 12.79
N ALA B 162 3.80 -48.73 12.08
CA ALA B 162 3.00 -47.70 12.71
C ALA B 162 1.61 -48.23 13.06
N LEU B 163 1.07 -49.09 12.19
CA LEU B 163 -0.24 -49.68 12.41
C LEU B 163 -0.25 -50.36 13.77
N VAL B 164 0.81 -51.11 14.05
CA VAL B 164 0.88 -51.92 15.27
C VAL B 164 0.91 -51.07 16.52
N THR B 165 1.15 -49.77 16.36
CA THR B 165 1.21 -48.86 17.49
C THR B 165 -0.16 -48.23 17.74
N VAL B 166 -0.96 -48.14 16.68
CA VAL B 166 -2.32 -47.62 16.80
C VAL B 166 -3.15 -48.55 17.67
N TYR B 167 -2.70 -49.80 17.79
CA TYR B 167 -3.33 -50.75 18.67
C TYR B 167 -3.04 -50.32 20.09
N GLU B 168 -1.82 -50.59 20.57
CA GLU B 168 -1.38 -50.19 21.90
C GLU B 168 -2.35 -49.24 22.61
N GLU B 169 -2.53 -48.06 22.04
CA GLU B 169 -3.34 -47.01 22.67
C GLU B 169 -4.81 -47.37 22.77
N ILE B 170 -5.13 -48.62 22.42
CA ILE B 170 -6.46 -49.17 22.60
C ILE B 170 -6.40 -50.05 23.84
N GLU B 171 -5.36 -50.86 23.90
CA GLU B 171 -5.10 -51.74 25.02
C GLU B 171 -4.62 -50.92 26.22
N SER B 172 -3.91 -49.83 25.93
CA SER B 172 -3.38 -48.95 26.95
C SER B 172 -4.36 -47.80 27.20
N ALA B 173 -5.48 -47.85 26.51
CA ALA B 173 -6.51 -46.83 26.67
C ALA B 173 -7.33 -47.10 27.92
N ASP B 174 -6.77 -46.75 29.07
CA ASP B 174 -7.43 -47.01 30.35
C ASP B 174 -8.61 -46.06 30.62
N GLY B 175 -8.79 -45.02 29.79
CA GLY B 175 -9.99 -44.20 29.87
C GLY B 175 -9.85 -42.74 30.21
N ASN B 176 -8.68 -42.29 30.56
CA ASN B 176 -8.60 -40.91 31.00
C ASN B 176 -7.69 -40.11 30.15
N ILE B 177 -7.53 -38.86 30.51
CA ILE B 177 -6.71 -37.96 29.76
C ILE B 177 -5.29 -38.50 29.49
N THR B 178 -4.90 -38.53 28.21
CA THR B 178 -3.57 -39.01 27.82
C THR B 178 -2.51 -37.93 28.01
N GLY B 179 -2.79 -36.72 27.55
CA GLY B 179 -1.83 -35.62 27.60
C GLY B 179 -1.98 -34.74 28.83
N VAL B 180 -1.68 -33.46 28.65
CA VAL B 180 -1.72 -32.50 29.75
C VAL B 180 -3.12 -31.90 29.90
N PRO B 181 -3.77 -32.16 31.05
CA PRO B 181 -5.14 -31.73 31.30
C PRO B 181 -5.26 -30.23 31.44
N SER B 182 -6.33 -29.67 30.87
CA SER B 182 -6.56 -28.23 30.95
C SER B 182 -7.08 -27.84 32.33
N GLY B 183 -7.84 -28.74 32.93
CA GLY B 183 -8.42 -28.48 34.24
C GLY B 183 -9.91 -28.18 34.15
N PHE B 184 -10.44 -28.24 32.94
CA PHE B 184 -11.86 -28.03 32.71
C PHE B 184 -12.49 -29.30 32.15
N THR B 185 -13.25 -30.00 32.99
CA THR B 185 -13.81 -31.31 32.65
C THR B 185 -14.40 -31.39 31.24
N GLU B 186 -15.08 -30.32 30.83
CA GLU B 186 -15.77 -30.32 29.54
C GLU B 186 -14.87 -30.00 28.35
N LEU B 187 -13.65 -29.54 28.63
CA LEU B 187 -12.69 -29.25 27.56
C LEU B 187 -11.79 -30.45 27.31
N ASP B 188 -11.35 -31.09 28.39
CA ASP B 188 -10.50 -32.26 28.30
C ASP B 188 -11.26 -33.44 27.68
N ARG B 189 -12.58 -33.35 27.66
CA ARG B 189 -13.41 -34.37 27.05
C ARG B 189 -13.47 -34.19 25.54
N MET B 190 -12.54 -33.39 25.02
CA MET B 190 -12.43 -33.14 23.58
C MET B 190 -10.98 -33.27 23.14
N THR B 191 -10.07 -32.80 23.98
CA THR B 191 -8.65 -32.79 23.66
C THR B 191 -7.94 -34.02 24.21
N TYR B 192 -8.39 -34.48 25.38
CA TYR B 192 -7.72 -35.56 26.10
C TYR B 192 -6.32 -35.12 26.47
N GLY B 193 -6.21 -33.88 26.92
CA GLY B 193 -4.94 -33.31 27.32
C GLY B 193 -4.15 -32.80 26.13
N TYR B 194 -3.76 -31.53 26.17
CA TYR B 194 -2.89 -30.98 25.16
C TYR B 194 -1.72 -31.95 24.99
N LYS B 195 -1.48 -32.37 23.74
CA LYS B 195 -0.44 -33.37 23.46
C LYS B 195 0.95 -32.85 23.76
N ARG B 196 1.96 -33.42 23.11
CA ARG B 196 3.34 -33.02 23.37
C ARG B 196 3.93 -32.10 22.28
N ARG B 197 3.45 -32.24 21.06
CA ARG B 197 3.98 -31.45 19.94
C ARG B 197 3.05 -30.32 19.56
N ASN B 198 1.88 -30.29 20.19
CA ASN B 198 0.84 -29.31 19.85
C ASN B 198 1.22 -27.86 20.15
N PHE B 199 0.62 -26.94 19.42
CA PHE B 199 0.83 -25.52 19.61
C PHE B 199 -0.53 -24.84 19.70
N VAL B 200 -1.04 -24.70 20.91
CA VAL B 200 -2.37 -24.14 21.11
C VAL B 200 -2.32 -22.62 21.19
N LEU B 201 -3.44 -21.99 20.87
CA LEU B 201 -3.50 -20.53 20.83
C LEU B 201 -4.71 -20.04 21.62
N ILE B 202 -4.45 -19.27 22.68
CA ILE B 202 -5.52 -18.70 23.48
C ILE B 202 -5.66 -17.22 23.18
N ALA B 203 -6.41 -16.89 22.14
CA ALA B 203 -6.59 -15.51 21.74
C ALA B 203 -7.94 -14.97 22.18
N ALA B 204 -8.05 -13.66 22.30
CA ALA B 204 -9.29 -12.99 22.69
C ALA B 204 -9.10 -11.48 22.80
N ARG B 205 -10.22 -10.76 22.81
CA ARG B 205 -10.20 -9.31 23.02
C ARG B 205 -9.77 -8.98 24.46
N PRO B 206 -9.32 -7.74 24.70
CA PRO B 206 -8.97 -7.30 26.04
C PRO B 206 -10.16 -7.38 27.00
N SER B 207 -9.88 -7.73 28.26
CA SER B 207 -10.91 -7.81 29.30
C SER B 207 -11.90 -8.94 29.05
N MET B 208 -11.38 -10.16 28.89
CA MET B 208 -12.22 -11.33 28.68
C MET B 208 -11.76 -12.45 29.60
N GLY B 209 -10.67 -12.22 30.31
CA GLY B 209 -10.09 -13.23 31.17
C GLY B 209 -8.95 -13.97 30.48
N LYS B 210 -8.55 -13.44 29.33
CA LYS B 210 -7.46 -14.01 28.54
C LYS B 210 -6.27 -14.44 29.40
N THR B 211 -5.92 -13.59 30.37
CA THR B 211 -4.77 -13.84 31.24
C THR B 211 -5.13 -14.76 32.41
N ALA B 212 -6.26 -14.49 33.05
CA ALA B 212 -6.71 -15.29 34.19
C ALA B 212 -7.03 -16.72 33.78
N PHE B 213 -7.52 -16.87 32.56
CA PHE B 213 -7.80 -18.19 31.99
C PHE B 213 -6.52 -18.98 31.82
N ALA B 214 -5.44 -18.28 31.47
CA ALA B 214 -4.14 -18.90 31.32
C ALA B 214 -3.57 -19.29 32.68
N LEU B 215 -3.57 -18.35 33.62
CA LEU B 215 -3.06 -18.58 34.96
C LEU B 215 -3.83 -19.65 35.72
N LYS B 216 -5.00 -20.01 35.19
CA LYS B 216 -5.80 -21.08 35.77
C LYS B 216 -5.27 -22.44 35.31
N GLN B 217 -5.17 -22.59 33.99
CA GLN B 217 -4.61 -23.81 33.41
C GLN B 217 -3.18 -24.00 33.90
N ALA B 218 -2.49 -22.89 34.17
CA ALA B 218 -1.13 -22.92 34.67
C ALA B 218 -1.04 -23.80 35.92
N LYS B 219 -1.90 -23.51 36.90
CA LYS B 219 -1.89 -24.26 38.15
C LYS B 219 -2.47 -25.66 37.97
N ASN B 220 -3.63 -25.76 37.33
CA ASN B 220 -4.27 -27.04 37.09
C ASN B 220 -3.28 -28.08 36.57
N MET B 221 -2.35 -27.64 35.74
CA MET B 221 -1.31 -28.52 35.21
C MET B 221 -0.26 -28.80 36.28
N SER B 222 0.03 -27.81 37.11
CA SER B 222 1.00 -27.95 38.18
C SER B 222 0.47 -28.84 39.28
N ASP B 223 -0.84 -29.08 39.28
CA ASP B 223 -1.46 -29.99 40.24
C ASP B 223 -1.44 -31.42 39.71
N ASN B 224 -1.53 -31.56 38.40
CA ASN B 224 -1.41 -32.87 37.76
C ASN B 224 0.05 -33.28 37.67
N ASP B 225 0.88 -32.59 38.46
CA ASP B 225 2.32 -32.81 38.50
C ASP B 225 2.99 -32.68 37.13
N ASP B 226 2.84 -31.50 36.54
CA ASP B 226 3.52 -31.15 35.31
C ASP B 226 4.21 -29.80 35.51
N VAL B 227 5.12 -29.45 34.60
CA VAL B 227 5.86 -28.21 34.74
C VAL B 227 5.34 -27.14 33.79
N VAL B 228 4.98 -25.99 34.34
CA VAL B 228 4.46 -24.88 33.55
C VAL B 228 5.43 -23.70 33.55
N ASN B 229 6.00 -23.41 32.38
CA ASN B 229 6.85 -22.23 32.22
C ASN B 229 6.05 -21.04 31.73
N LEU B 230 5.76 -20.12 32.64
CA LEU B 230 4.99 -18.94 32.30
C LEU B 230 5.90 -17.78 31.89
N HIS B 231 5.84 -17.43 30.61
CA HIS B 231 6.61 -16.30 30.09
C HIS B 231 5.73 -15.06 30.00
N SER B 232 5.71 -14.25 31.05
CA SER B 232 4.92 -13.03 31.05
C SER B 232 5.79 -11.84 30.64
N LEU B 233 5.63 -11.39 29.40
CA LEU B 233 6.42 -10.30 28.87
C LEU B 233 5.74 -8.96 29.15
N GLU B 234 4.46 -9.03 29.50
CA GLU B 234 3.66 -7.84 29.74
C GLU B 234 3.64 -7.48 31.22
N MET B 235 3.51 -8.49 32.07
CA MET B 235 3.41 -8.27 33.50
C MET B 235 4.72 -8.59 34.22
N GLY B 236 4.68 -8.54 35.53
CA GLY B 236 5.86 -8.83 36.34
C GLY B 236 5.78 -10.18 37.02
N LYS B 237 6.91 -10.69 37.46
CA LYS B 237 6.97 -11.96 38.17
C LYS B 237 6.08 -11.92 39.40
N LYS B 238 5.80 -10.71 39.88
CA LYS B 238 5.00 -10.52 41.09
C LYS B 238 3.50 -10.63 40.82
N GLU B 239 2.98 -9.76 39.97
CA GLU B 239 1.55 -9.73 39.67
C GLU B 239 1.04 -11.11 39.28
N ASN B 240 1.85 -11.86 38.54
CA ASN B 240 1.49 -13.21 38.15
C ASN B 240 1.27 -14.12 39.37
N ILE B 241 2.07 -13.91 40.40
CA ILE B 241 1.90 -14.66 41.66
C ILE B 241 0.71 -14.09 42.44
N LYS B 242 0.67 -12.77 42.56
CA LYS B 242 -0.42 -12.09 43.25
C LYS B 242 -1.77 -12.57 42.71
N ARG B 243 -1.81 -12.90 41.43
CA ARG B 243 -3.01 -13.40 40.79
C ARG B 243 -3.21 -14.89 41.07
N LEU B 244 -2.11 -15.63 41.11
CA LEU B 244 -2.14 -17.07 41.40
C LEU B 244 -2.63 -17.34 42.82
N ILE B 245 -2.47 -16.34 43.69
CA ILE B 245 -2.88 -16.46 45.09
C ILE B 245 -4.37 -16.14 45.25
N VAL B 246 -4.78 -15.00 44.72
CA VAL B 246 -6.17 -14.56 44.77
C VAL B 246 -7.09 -15.55 44.06
N THR B 247 -6.50 -16.39 43.21
CA THR B 247 -7.25 -17.39 42.47
C THR B 247 -7.28 -18.73 43.21
N ALA B 248 -6.20 -19.03 43.92
CA ALA B 248 -6.06 -20.31 44.61
C ALA B 248 -6.84 -20.35 45.93
N GLY B 249 -6.72 -19.30 46.72
CA GLY B 249 -7.38 -19.24 48.02
C GLY B 249 -8.81 -18.77 47.96
N SER B 250 -9.22 -18.29 46.79
CA SER B 250 -10.57 -17.75 46.59
C SER B 250 -10.80 -16.47 47.39
N ILE B 251 -9.72 -15.83 47.81
CA ILE B 251 -9.82 -14.56 48.52
C ILE B 251 -10.20 -13.47 47.54
N ASN B 252 -10.84 -12.41 48.03
CA ASN B 252 -11.28 -11.33 47.17
C ASN B 252 -10.11 -10.51 46.63
N ALA B 253 -10.12 -10.24 45.33
CA ALA B 253 -9.00 -9.57 44.67
C ALA B 253 -8.77 -8.14 45.15
N GLN B 254 -9.87 -7.44 45.44
CA GLN B 254 -9.78 -6.04 45.85
C GLN B 254 -9.32 -5.91 47.30
N LYS B 255 -9.73 -6.85 48.14
CA LYS B 255 -9.36 -6.85 49.55
C LYS B 255 -7.85 -6.72 49.74
N ILE B 256 -7.12 -7.78 49.40
CA ILE B 256 -5.67 -7.82 49.55
C ILE B 256 -4.99 -6.53 49.09
N LYS B 257 -5.06 -6.25 47.78
CA LYS B 257 -4.39 -5.11 47.17
C LYS B 257 -3.76 -4.15 48.17
N ALA B 258 -4.59 -3.32 48.80
CA ALA B 258 -4.09 -2.36 49.78
C ALA B 258 -4.80 -2.47 51.12
N ALA B 259 -6.09 -2.80 51.09
CA ALA B 259 -6.89 -2.92 52.30
C ALA B 259 -6.34 -4.02 53.22
N ARG B 260 -6.47 -5.27 52.77
CA ARG B 260 -5.93 -6.44 53.46
C ARG B 260 -5.73 -6.25 54.97
N ARG B 261 -4.54 -5.79 55.34
CA ARG B 261 -4.15 -5.61 56.73
C ARG B 261 -5.33 -5.29 57.65
N ASP B 262 -5.88 -4.09 57.51
CA ASP B 262 -6.96 -3.64 58.38
C ASP B 262 -8.30 -3.60 57.65
N PHE B 263 -8.62 -4.66 56.91
CA PHE B 263 -9.90 -4.68 56.20
C PHE B 263 -10.47 -6.09 56.04
N ALA B 264 -9.60 -7.09 56.04
CA ALA B 264 -10.06 -8.47 55.86
C ALA B 264 -9.65 -9.36 57.04
N SER B 265 -10.54 -10.29 57.40
CA SER B 265 -10.30 -11.18 58.53
C SER B 265 -10.73 -12.60 58.22
N GLU B 266 -10.10 -13.56 58.90
CA GLU B 266 -10.39 -14.98 58.70
C GLU B 266 -10.02 -15.45 57.30
N ASP B 267 -9.52 -14.52 56.49
CA ASP B 267 -9.05 -14.84 55.15
C ASP B 267 -7.59 -15.27 55.23
N TRP B 268 -6.93 -14.91 56.33
CA TRP B 268 -5.54 -15.29 56.56
C TRP B 268 -5.40 -16.80 56.53
N GLY B 269 -6.52 -17.49 56.77
CA GLY B 269 -6.56 -18.95 56.64
C GLY B 269 -6.47 -19.34 55.18
N LYS B 270 -7.24 -18.65 54.34
CA LYS B 270 -7.22 -18.90 52.91
C LYS B 270 -5.94 -18.34 52.27
N LEU B 271 -5.29 -17.41 52.96
CA LEU B 271 -4.05 -16.82 52.48
C LEU B 271 -2.85 -17.69 52.85
N SER B 272 -2.74 -18.03 54.12
CA SER B 272 -1.65 -18.88 54.60
C SER B 272 -1.74 -20.28 54.01
N MET B 273 -2.73 -20.48 53.16
CA MET B 273 -2.91 -21.75 52.47
C MET B 273 -2.48 -21.60 51.01
N ALA B 274 -2.92 -20.51 50.38
CA ALA B 274 -2.58 -20.24 48.98
C ALA B 274 -1.09 -20.00 48.80
N ILE B 275 -0.51 -19.20 49.70
CA ILE B 275 0.92 -18.93 49.67
C ILE B 275 1.71 -20.23 49.70
N GLY B 276 1.17 -21.22 50.40
CA GLY B 276 1.76 -22.55 50.43
C GLY B 276 1.62 -23.25 49.09
N GLU B 277 0.40 -23.25 48.56
CA GLU B 277 0.10 -23.90 47.28
C GLU B 277 1.03 -23.43 46.16
N ILE B 278 1.17 -22.12 46.00
CA ILE B 278 1.98 -21.54 44.93
C ILE B 278 3.44 -21.92 45.09
N SER B 279 3.92 -21.96 46.32
CA SER B 279 5.31 -22.33 46.60
C SER B 279 5.50 -23.84 46.52
N ASN B 280 4.39 -24.57 46.58
CA ASN B 280 4.41 -26.02 46.50
C ASN B 280 4.04 -26.47 45.08
N SER B 281 4.09 -25.52 44.15
CA SER B 281 3.72 -25.78 42.77
C SER B 281 4.93 -25.82 41.85
N ASN B 282 4.73 -26.27 40.62
CA ASN B 282 5.82 -26.36 39.65
C ASN B 282 5.78 -25.21 38.64
N ILE B 283 5.24 -24.07 39.08
CA ILE B 283 5.15 -22.89 38.23
C ILE B 283 6.50 -22.17 38.17
N ASN B 284 6.98 -21.92 36.96
CA ASN B 284 8.18 -21.11 36.77
C ASN B 284 7.86 -19.88 35.95
N ILE B 285 8.24 -18.71 36.45
CA ILE B 285 7.89 -17.46 35.78
C ILE B 285 9.12 -16.69 35.29
N PHE B 286 9.15 -16.42 33.98
CA PHE B 286 10.21 -15.62 33.39
C PHE B 286 9.64 -14.27 32.97
N ASP B 287 10.31 -13.18 33.34
CA ASP B 287 9.79 -11.85 33.07
C ASP B 287 10.80 -10.88 32.47
N LYS B 288 11.77 -11.40 31.72
CA LYS B 288 12.70 -10.55 30.99
C LYS B 288 11.91 -9.72 29.97
N ALA B 289 12.25 -8.45 29.84
CA ALA B 289 11.50 -7.52 29.00
C ALA B 289 11.39 -8.00 27.54
N GLY B 290 12.53 -8.20 26.90
CA GLY B 290 12.55 -8.63 25.50
C GLY B 290 12.92 -10.09 25.35
N GLN B 291 11.94 -10.91 24.99
CA GLN B 291 12.16 -12.34 24.85
C GLN B 291 11.99 -12.80 23.40
N SER B 292 13.05 -13.35 22.83
CA SER B 292 12.99 -13.93 21.50
C SER B 292 12.54 -15.39 21.59
N VAL B 293 11.94 -15.90 20.53
CA VAL B 293 11.50 -17.29 20.52
C VAL B 293 12.67 -18.20 20.93
N ASN B 294 13.87 -17.81 20.51
CA ASN B 294 15.07 -18.56 20.85
C ASN B 294 15.42 -18.48 22.33
N TYR B 295 15.08 -17.35 22.95
CA TYR B 295 15.29 -17.19 24.39
C TYR B 295 14.44 -18.20 25.14
N ILE B 296 13.15 -18.23 24.81
CA ILE B 296 12.23 -19.19 25.40
C ILE B 296 12.70 -20.62 25.14
N TRP B 297 13.21 -20.85 23.94
CA TRP B 297 13.75 -22.16 23.57
C TRP B 297 14.80 -22.61 24.58
N SER B 298 15.83 -21.78 24.77
CA SER B 298 16.92 -22.10 25.69
C SER B 298 16.39 -22.42 27.08
N LYS B 299 15.53 -21.54 27.59
CA LYS B 299 14.95 -21.71 28.92
C LYS B 299 14.06 -22.94 29.02
N THR B 300 13.63 -23.46 27.86
CA THR B 300 12.81 -24.67 27.85
C THR B 300 13.69 -25.91 27.98
N ARG B 301 14.77 -25.97 27.21
CA ARG B 301 15.71 -27.07 27.32
C ARG B 301 16.19 -27.19 28.76
N GLN B 302 16.63 -26.06 29.30
CA GLN B 302 17.15 -25.98 30.66
C GLN B 302 16.17 -26.54 31.68
N THR B 303 14.91 -26.12 31.57
CA THR B 303 13.87 -26.59 32.49
C THR B 303 13.57 -28.08 32.27
N LYS B 304 13.68 -28.51 31.03
CA LYS B 304 13.43 -29.91 30.68
C LYS B 304 14.60 -30.80 31.10
N ARG B 305 15.80 -30.24 31.08
CA ARG B 305 16.99 -30.97 31.48
C ARG B 305 17.03 -31.16 33.00
N LYS B 306 16.79 -30.07 33.73
CA LYS B 306 16.79 -30.10 35.19
C LYS B 306 15.66 -30.97 35.73
N ASN B 307 14.60 -31.11 34.94
CA ASN B 307 13.45 -31.91 35.35
C ASN B 307 13.21 -33.11 34.43
N PRO B 308 13.83 -34.25 34.75
CA PRO B 308 13.70 -35.44 33.91
C PRO B 308 12.38 -36.18 34.12
N GLY B 309 11.94 -36.91 33.10
CA GLY B 309 10.76 -37.76 33.20
C GLY B 309 9.42 -37.05 33.14
N LYS B 310 9.39 -35.79 33.53
CA LYS B 310 8.13 -35.03 33.58
C LYS B 310 7.90 -34.18 32.34
N ARG B 311 6.63 -33.93 32.04
CA ARG B 311 6.25 -33.13 30.88
C ARG B 311 6.35 -31.64 31.16
N VAL B 312 6.62 -30.85 30.13
CA VAL B 312 6.78 -29.42 30.28
C VAL B 312 5.83 -28.65 29.36
N ILE B 313 5.19 -27.61 29.91
CA ILE B 313 4.32 -26.73 29.13
C ILE B 313 4.89 -25.32 29.12
N VAL B 314 4.90 -24.69 27.95
CA VAL B 314 5.44 -23.34 27.82
C VAL B 314 4.36 -22.33 27.46
N MET B 315 3.95 -21.53 28.44
CA MET B 315 2.95 -20.50 28.21
C MET B 315 3.58 -19.16 27.86
N ILE B 316 2.90 -18.38 27.03
CA ILE B 316 3.39 -17.07 26.63
C ILE B 316 2.29 -16.02 26.75
N ASP B 317 2.50 -15.02 27.59
CA ASP B 317 1.50 -13.99 27.84
C ASP B 317 1.60 -12.84 26.85
N TYR B 318 1.32 -13.15 25.58
CA TYR B 318 1.38 -12.17 24.49
C TYR B 318 2.30 -12.62 23.36
N LEU B 319 1.68 -13.18 22.31
CA LEU B 319 2.40 -13.61 21.13
C LEU B 319 3.02 -12.41 20.41
N GLN B 320 2.41 -11.25 20.59
CA GLN B 320 2.82 -10.04 19.88
C GLN B 320 3.93 -9.29 20.61
N LEU B 321 4.08 -9.53 21.90
CA LEU B 321 5.14 -8.90 22.68
C LEU B 321 6.46 -9.65 22.60
N LEU B 322 6.44 -10.80 21.91
CA LEU B 322 7.67 -11.54 21.67
C LEU B 322 8.58 -10.76 20.72
N GLU B 323 9.88 -10.91 20.92
CA GLU B 323 10.85 -10.22 20.08
C GLU B 323 11.16 -11.05 18.85
N PRO B 324 10.93 -10.48 17.66
CA PRO B 324 11.18 -11.18 16.39
C PRO B 324 12.66 -11.46 16.18
N ALA B 325 12.98 -12.20 15.13
CA ALA B 325 14.36 -12.52 14.81
C ALA B 325 14.99 -11.43 13.94
N LYS B 326 14.26 -10.98 12.93
CA LYS B 326 14.72 -9.92 12.05
C LYS B 326 14.03 -8.60 12.39
N ALA B 327 14.77 -7.70 13.02
CA ALA B 327 14.24 -6.41 13.46
C ALA B 327 13.69 -5.58 12.30
N ASN B 328 14.48 -5.48 11.24
CA ASN B 328 14.03 -4.77 10.03
C ASN B 328 13.30 -5.69 9.06
N ASP B 329 12.01 -5.88 9.31
CA ASP B 329 11.17 -6.73 8.46
C ASP B 329 9.73 -6.28 8.62
N SER B 330 8.88 -6.66 7.67
CA SER B 330 7.46 -6.32 7.74
C SER B 330 6.80 -6.99 8.94
N ARG B 331 5.95 -6.25 9.64
CA ARG B 331 5.28 -6.76 10.83
C ARG B 331 4.61 -8.10 10.57
N THR B 332 3.87 -8.18 9.46
CA THR B 332 3.15 -9.40 9.09
C THR B 332 4.09 -10.60 8.93
N ASN B 333 5.35 -10.32 8.61
CA ASN B 333 6.34 -11.39 8.49
C ASN B 333 6.97 -11.78 9.83
N GLN B 334 6.96 -10.84 10.78
CA GLN B 334 7.52 -11.11 12.10
C GLN B 334 6.67 -12.12 12.86
N ILE B 335 5.36 -11.91 12.87
CA ILE B 335 4.44 -12.83 13.53
C ILE B 335 4.50 -14.20 12.87
N SER B 336 4.83 -14.23 11.58
CA SER B 336 5.05 -15.48 10.87
C SER B 336 6.35 -16.13 11.34
N GLN B 337 7.40 -15.32 11.45
CA GLN B 337 8.68 -15.79 11.93
C GLN B 337 8.52 -16.39 13.33
N ILE B 338 7.76 -15.71 14.18
CA ILE B 338 7.50 -16.18 15.53
C ILE B 338 6.67 -17.46 15.52
N SER B 339 5.49 -17.39 14.92
CA SER B 339 4.57 -18.53 14.87
C SER B 339 5.26 -19.79 14.35
N ARG B 340 5.90 -19.69 13.20
CA ARG B 340 6.61 -20.84 12.63
C ARG B 340 7.64 -21.39 13.59
N ASP B 341 8.43 -20.50 14.19
CA ASP B 341 9.45 -20.91 15.15
C ASP B 341 8.81 -21.55 16.38
N LEU B 342 7.75 -20.94 16.89
CA LEU B 342 7.05 -21.45 18.06
C LEU B 342 6.58 -22.89 17.90
N LYS B 343 6.06 -23.21 16.72
CA LYS B 343 5.62 -24.57 16.43
C LYS B 343 6.81 -25.54 16.46
N LYS B 344 7.85 -25.20 15.70
CA LYS B 344 9.05 -26.02 15.66
C LYS B 344 9.49 -26.44 17.05
N MET B 345 9.54 -25.47 17.96
CA MET B 345 9.93 -25.74 19.34
C MET B 345 9.08 -26.86 19.92
N ALA B 346 7.77 -26.71 19.89
CA ALA B 346 6.86 -27.72 20.41
C ALA B 346 7.12 -29.09 19.80
N ARG B 347 7.42 -29.10 18.51
CA ARG B 347 7.66 -30.33 17.78
C ARG B 347 9.01 -30.96 18.12
N GLU B 348 10.07 -30.16 18.03
CA GLU B 348 11.43 -30.67 18.16
C GLU B 348 11.89 -30.80 19.61
N LEU B 349 11.18 -30.12 20.52
CA LEU B 349 11.53 -30.16 21.93
C LEU B 349 10.54 -31.04 22.68
N ASP B 350 9.42 -31.33 22.02
CA ASP B 350 8.39 -32.23 22.55
C ASP B 350 7.75 -31.69 23.84
N VAL B 351 7.23 -30.47 23.76
CA VAL B 351 6.58 -29.82 24.90
C VAL B 351 5.34 -29.07 24.44
N VAL B 352 4.32 -29.00 25.30
CA VAL B 352 3.11 -28.27 24.98
C VAL B 352 3.39 -26.78 24.94
N VAL B 353 3.11 -26.16 23.79
CA VAL B 353 3.29 -24.72 23.67
C VAL B 353 1.96 -23.99 23.62
N ILE B 354 1.66 -23.27 24.69
CA ILE B 354 0.46 -22.43 24.76
C ILE B 354 0.86 -20.97 24.63
N ALA B 355 0.29 -20.30 23.63
CA ALA B 355 0.61 -18.90 23.40
C ALA B 355 -0.65 -18.05 23.41
N LEU B 356 -0.74 -17.14 24.37
CA LEU B 356 -1.83 -16.18 24.40
C LEU B 356 -1.64 -15.19 23.27
N SER B 357 -2.74 -14.66 22.74
CA SER B 357 -2.67 -13.72 21.64
C SER B 357 -3.80 -12.72 21.73
N GLN B 358 -3.80 -11.75 20.81
CA GLN B 358 -4.83 -10.72 20.78
C GLN B 358 -5.54 -10.73 19.44
N LEU B 359 -6.81 -10.34 19.45
CA LEU B 359 -7.62 -10.35 18.23
C LEU B 359 -7.78 -8.96 17.66
N SER B 360 -7.96 -8.88 16.34
CA SER B 360 -8.15 -7.61 15.66
C SER B 360 -9.18 -6.75 16.37
N ARG B 361 -8.88 -5.47 16.50
CA ARG B 361 -9.80 -4.51 17.08
C ARG B 361 -11.07 -4.43 16.23
N GLN B 362 -11.04 -5.11 15.08
CA GLN B 362 -12.14 -5.11 14.14
C GLN B 362 -13.31 -5.97 14.59
N VAL B 363 -13.10 -6.75 15.65
CA VAL B 363 -14.14 -7.63 16.17
C VAL B 363 -15.31 -6.86 16.75
N GLU B 364 -15.02 -5.69 17.32
CA GLU B 364 -16.02 -4.92 18.04
C GLU B 364 -16.89 -4.07 17.11
N GLN B 365 -16.69 -4.18 15.80
CA GLN B 365 -17.49 -3.43 14.85
C GLN B 365 -18.45 -4.35 14.08
N ARG B 366 -18.95 -5.37 14.77
CA ARG B 366 -19.92 -6.30 14.20
C ARG B 366 -21.08 -6.50 15.16
N GLN B 367 -22.10 -7.22 14.70
CA GLN B 367 -23.26 -7.51 15.54
C GLN B 367 -22.98 -8.69 16.47
N ASP B 368 -22.34 -9.72 15.92
CA ASP B 368 -21.92 -10.87 16.72
C ASP B 368 -20.46 -10.70 17.09
N LYS B 369 -20.21 -10.38 18.36
CA LYS B 369 -18.86 -10.08 18.84
C LYS B 369 -18.04 -11.34 19.03
N ARG B 370 -18.59 -12.46 18.58
CA ARG B 370 -17.95 -13.76 18.74
C ARG B 370 -16.84 -13.93 17.71
N PRO B 371 -15.61 -14.13 18.19
CA PRO B 371 -14.39 -14.22 17.38
C PRO B 371 -14.35 -15.44 16.44
N MET B 372 -13.77 -15.25 15.27
CA MET B 372 -13.51 -16.34 14.33
C MET B 372 -12.02 -16.31 13.96
N LEU B 373 -11.60 -17.21 13.08
CA LEU B 373 -10.19 -17.33 12.73
C LEU B 373 -9.66 -16.12 11.96
N SER B 374 -10.50 -15.56 11.10
CA SER B 374 -10.11 -14.41 10.28
C SER B 374 -9.78 -13.18 11.12
N ASP B 375 -10.15 -13.21 12.40
CA ASP B 375 -9.93 -12.09 13.30
C ASP B 375 -8.49 -12.01 13.81
N LEU B 376 -7.71 -13.05 13.54
CA LEU B 376 -6.27 -12.99 13.79
C LEU B 376 -5.64 -12.09 12.74
N ARG B 377 -5.57 -10.81 13.05
CA ARG B 377 -5.23 -9.74 12.10
C ARG B 377 -3.98 -10.00 11.23
N GLU B 378 -2.90 -9.30 11.57
CA GLU B 378 -1.63 -9.39 10.84
C GLU B 378 -1.20 -10.82 10.56
N SER B 379 -1.14 -11.63 11.63
CA SER B 379 -0.70 -13.01 11.56
C SER B 379 -1.36 -13.82 10.45
N GLY B 380 -0.55 -14.27 9.49
CA GLY B 380 -1.05 -15.11 8.42
C GLY B 380 -0.67 -16.57 8.65
N GLN B 381 0.63 -16.81 8.74
CA GLN B 381 1.16 -18.15 8.99
C GLN B 381 0.85 -18.57 10.42
N LEU B 382 -0.09 -17.88 11.04
CA LEU B 382 -0.47 -18.15 12.43
C LEU B 382 -1.47 -19.30 12.50
N GLU B 383 -2.70 -19.03 12.06
CA GLU B 383 -3.76 -20.03 12.11
C GLU B 383 -3.32 -21.36 11.53
N GLN B 384 -2.35 -21.30 10.60
CA GLN B 384 -1.86 -22.51 9.92
C GLN B 384 -0.98 -23.36 10.82
N ASP B 385 -0.17 -22.72 11.64
CA ASP B 385 0.77 -23.44 12.50
C ASP B 385 0.14 -23.83 13.83
N ALA B 386 -1.01 -23.26 14.13
CA ALA B 386 -1.69 -23.54 15.40
C ALA B 386 -2.46 -24.85 15.34
N ASP B 387 -2.44 -25.60 16.44
CA ASP B 387 -3.13 -26.88 16.52
C ASP B 387 -4.51 -26.75 17.16
N ILE B 388 -4.58 -25.97 18.24
CA ILE B 388 -5.85 -25.77 18.94
C ILE B 388 -6.10 -24.28 19.24
N ILE B 389 -6.55 -23.54 18.24
CA ILE B 389 -6.91 -22.14 18.44
C ILE B 389 -8.18 -22.06 19.26
N GLU B 390 -8.09 -21.43 20.44
CA GLU B 390 -9.24 -21.28 21.31
C GLU B 390 -9.45 -19.83 21.74
N PHE B 391 -10.51 -19.22 21.23
CA PHE B 391 -10.85 -17.84 21.57
C PHE B 391 -11.64 -17.81 22.87
N LEU B 392 -11.56 -16.67 23.57
CA LEU B 392 -12.37 -16.46 24.77
C LEU B 392 -13.42 -15.40 24.52
N TYR B 393 -14.60 -15.61 25.08
CA TYR B 393 -15.70 -14.65 24.90
C TYR B 393 -16.58 -14.49 26.12
N ARG B 394 -16.51 -13.33 26.75
CA ARG B 394 -17.43 -12.95 27.82
C ARG B 394 -18.57 -12.13 27.23
N ASP B 395 -19.77 -12.67 27.27
CA ASP B 395 -20.92 -12.00 26.69
C ASP B 395 -21.35 -10.79 27.52
N ASP B 396 -21.11 -10.84 28.82
CA ASP B 396 -21.53 -9.77 29.72
C ASP B 396 -20.58 -8.56 29.69
N TYR B 397 -19.78 -8.46 28.63
CA TYR B 397 -18.91 -7.31 28.43
C TYR B 397 -19.52 -6.37 27.40
N TYR B 398 -20.10 -6.94 26.34
CA TYR B 398 -20.72 -6.15 25.29
C TYR B 398 -22.19 -5.94 25.59
N ASP B 399 -22.75 -6.76 26.47
CA ASP B 399 -24.15 -6.67 26.84
C ASP B 399 -24.27 -6.59 28.36
N LYS B 400 -24.83 -5.49 28.85
CA LYS B 400 -25.01 -5.30 30.29
C LYS B 400 -26.12 -6.19 30.83
N GLU B 401 -27.02 -6.60 29.94
CA GLU B 401 -28.15 -7.43 30.30
C GLU B 401 -28.11 -8.74 29.52
N SER B 402 -27.12 -9.57 29.84
CA SER B 402 -26.96 -10.86 29.17
C SER B 402 -27.61 -11.98 29.98
N GLU B 403 -28.19 -12.96 29.29
CA GLU B 403 -28.78 -14.11 29.95
C GLU B 403 -27.68 -15.03 30.48
N SER B 404 -26.44 -14.71 30.12
CA SER B 404 -25.27 -15.46 30.58
C SER B 404 -24.43 -14.61 31.53
N LYS B 405 -24.98 -14.33 32.70
CA LYS B 405 -24.29 -13.51 33.70
C LYS B 405 -23.04 -14.23 34.21
N ASN B 406 -21.89 -13.59 34.01
CA ASN B 406 -20.60 -14.13 34.45
C ASN B 406 -20.26 -15.46 33.79
N ILE B 407 -20.41 -15.53 32.47
CA ILE B 407 -20.13 -16.76 31.73
C ILE B 407 -19.17 -16.52 30.55
N VAL B 408 -17.93 -16.98 30.72
CA VAL B 408 -16.98 -16.99 29.62
C VAL B 408 -17.25 -18.23 28.80
N GLU B 409 -17.24 -18.09 27.47
CA GLU B 409 -17.35 -19.26 26.62
C GLU B 409 -16.08 -19.49 25.79
N VAL B 410 -15.34 -20.54 26.14
CA VAL B 410 -14.15 -20.93 25.41
C VAL B 410 -14.55 -21.54 24.08
N ILE B 411 -14.12 -20.90 22.99
CA ILE B 411 -14.49 -21.34 21.65
C ILE B 411 -13.32 -21.98 20.93
N ILE B 412 -13.31 -23.32 20.88
CA ILE B 412 -12.31 -24.03 20.09
C ILE B 412 -12.70 -23.94 18.62
N ALA B 413 -11.95 -23.13 17.88
CA ALA B 413 -12.26 -22.87 16.48
C ALA B 413 -11.46 -23.76 15.54
N LYS B 414 -10.38 -24.35 16.07
CA LYS B 414 -9.57 -25.27 15.28
C LYS B 414 -8.98 -26.38 16.14
N HIS B 415 -9.22 -27.61 15.73
CA HIS B 415 -8.63 -28.77 16.39
C HIS B 415 -8.12 -29.72 15.31
N ARG B 416 -6.81 -29.90 15.25
CA ARG B 416 -6.22 -30.69 14.17
C ARG B 416 -6.51 -32.18 14.35
N ASP B 417 -6.28 -32.69 15.56
CA ASP B 417 -6.54 -34.09 15.85
C ASP B 417 -7.80 -34.30 16.67
N GLY B 418 -8.75 -33.38 16.53
CA GLY B 418 -10.01 -33.45 17.28
C GLY B 418 -11.13 -32.63 16.68
N PRO B 419 -12.26 -32.51 17.41
CA PRO B 419 -13.44 -31.78 16.99
C PRO B 419 -13.44 -30.34 17.51
N VAL B 420 -14.31 -29.50 16.93
CA VAL B 420 -14.46 -28.12 17.36
C VAL B 420 -15.69 -27.99 18.24
N GLY B 421 -16.05 -26.74 18.57
CA GLY B 421 -17.22 -26.49 19.41
C GLY B 421 -16.93 -25.52 20.54
N THR B 422 -17.99 -25.09 21.22
CA THR B 422 -17.86 -24.11 22.29
C THR B 422 -18.06 -24.74 23.66
N VAL B 423 -17.18 -24.41 24.60
CA VAL B 423 -17.28 -24.90 25.97
C VAL B 423 -17.54 -23.72 26.90
N SER B 424 -18.53 -23.87 27.78
CA SER B 424 -18.91 -22.78 28.69
C SER B 424 -18.35 -22.97 30.10
N LEU B 425 -17.84 -21.88 30.66
CA LEU B 425 -17.28 -21.89 32.01
C LEU B 425 -17.75 -20.66 32.79
N ALA B 426 -17.96 -20.82 34.09
CA ALA B 426 -18.37 -19.70 34.93
C ALA B 426 -17.16 -18.90 35.39
N PHE B 427 -17.15 -17.62 35.06
CA PHE B 427 -16.02 -16.75 35.41
C PHE B 427 -16.32 -15.93 36.66
N ILE B 428 -15.52 -16.14 37.70
CA ILE B 428 -15.65 -15.37 38.93
C ILE B 428 -14.71 -14.16 38.86
N LYS B 429 -15.24 -13.03 38.41
CA LYS B 429 -14.46 -11.82 38.20
C LYS B 429 -13.62 -11.43 39.42
N GLU B 430 -14.11 -11.76 40.60
CA GLU B 430 -13.50 -11.30 41.85
C GLU B 430 -12.31 -12.13 42.28
N TYR B 431 -12.28 -13.41 41.89
CA TYR B 431 -11.19 -14.29 42.30
C TYR B 431 -10.31 -14.71 41.12
N GLY B 432 -10.71 -14.31 39.92
CA GLY B 432 -10.01 -14.73 38.70
C GLY B 432 -10.04 -16.23 38.57
N ASN B 433 -11.17 -16.81 38.97
CA ASN B 433 -11.33 -18.26 38.98
C ASN B 433 -12.34 -18.72 37.93
N PHE B 434 -12.13 -19.92 37.40
CA PHE B 434 -13.03 -20.49 36.41
C PHE B 434 -13.67 -21.76 36.94
N VAL B 435 -14.97 -21.89 36.77
CA VAL B 435 -15.71 -23.03 37.32
C VAL B 435 -16.32 -23.91 36.23
N ASN B 436 -16.37 -25.21 36.51
CA ASN B 436 -16.92 -26.19 35.59
C ASN B 436 -18.45 -26.17 35.57
N LEU B 437 -19.04 -26.65 34.48
CA LEU B 437 -20.49 -26.70 34.35
C LEU B 437 -20.96 -28.06 33.87
N GLU B 438 -22.28 -28.21 33.72
CA GLU B 438 -22.89 -29.45 33.26
C GLU B 438 -22.91 -30.53 34.35
N ASN C 14 38.74 -9.87 28.04
CA ASN C 14 38.56 -8.56 28.72
C ASN C 14 39.07 -8.60 30.17
N GLU C 15 40.07 -7.77 30.46
CA GLU C 15 40.67 -7.74 31.79
C GLU C 15 40.03 -6.69 32.69
N TYR C 16 39.68 -5.54 32.10
CA TYR C 16 39.13 -4.42 32.86
C TYR C 16 37.90 -4.81 33.66
N ALA C 17 36.90 -5.37 32.98
CA ALA C 17 35.68 -5.81 33.64
C ALA C 17 35.96 -7.01 34.53
N GLU C 18 37.01 -7.76 34.19
CA GLU C 18 37.41 -8.93 34.95
C GLU C 18 37.93 -8.53 36.33
N GLN C 19 38.67 -7.43 36.38
CA GLN C 19 39.19 -6.89 37.63
C GLN C 19 38.05 -6.46 38.54
N ALA C 20 37.13 -5.67 37.99
CA ALA C 20 35.99 -5.16 38.74
C ALA C 20 35.24 -6.28 39.45
N VAL C 21 34.99 -7.38 38.76
CA VAL C 21 34.30 -8.52 39.35
C VAL C 21 35.09 -9.08 40.51
N LEU C 22 36.36 -9.42 40.27
CA LEU C 22 37.23 -9.94 41.31
C LEU C 22 37.29 -9.01 42.50
N GLY C 23 37.54 -7.73 42.23
CA GLY C 23 37.65 -6.71 43.27
C GLY C 23 36.37 -6.55 44.08
N SER C 24 35.27 -6.27 43.38
CA SER C 24 33.98 -6.07 44.04
C SER C 24 33.62 -7.24 44.95
N ILE C 25 34.15 -8.42 44.62
CA ILE C 25 33.94 -9.60 45.43
C ILE C 25 34.82 -9.57 46.68
N LEU C 26 36.08 -9.18 46.49
CA LEU C 26 37.00 -9.03 47.62
C LEU C 26 36.52 -7.93 48.56
N THR C 27 35.68 -7.04 48.03
CA THR C 27 35.07 -5.98 48.84
C THR C 27 33.84 -6.50 49.57
N GLU C 28 32.94 -7.14 48.82
CA GLU C 28 31.75 -7.75 49.39
C GLU C 28 31.83 -9.27 49.25
N PRO C 29 32.45 -9.93 50.25
CA PRO C 29 32.70 -11.37 50.24
C PRO C 29 31.43 -12.22 50.20
N GLU C 30 30.32 -11.61 49.78
CA GLU C 30 29.04 -12.29 49.72
C GLU C 30 28.47 -12.22 48.31
N LEU C 31 29.22 -11.61 47.40
CA LEU C 31 28.76 -11.43 46.02
C LEU C 31 29.13 -12.62 45.14
N ILE C 32 30.09 -13.43 45.59
CA ILE C 32 30.44 -14.66 44.90
C ILE C 32 29.22 -15.54 44.71
N LYS C 33 28.19 -15.31 45.54
CA LYS C 33 26.94 -16.05 45.45
C LYS C 33 25.97 -15.41 44.46
N GLU C 34 25.86 -14.08 44.51
CA GLU C 34 24.92 -13.36 43.64
C GLU C 34 25.32 -13.41 42.17
N CYS C 35 26.46 -14.04 41.88
CA CYS C 35 26.90 -14.22 40.50
C CYS C 35 27.80 -15.46 40.36
N PRO C 36 27.27 -16.51 39.72
CA PRO C 36 27.96 -17.79 39.56
C PRO C 36 28.95 -17.79 38.38
N LEU C 37 30.20 -18.14 38.69
CA LEU C 37 31.25 -18.23 37.67
C LEU C 37 32.19 -19.37 37.99
N THR C 38 33.04 -19.72 37.02
CA THR C 38 34.11 -20.69 37.23
C THR C 38 35.42 -20.05 36.80
N PRO C 39 36.54 -20.51 37.38
CA PRO C 39 37.84 -19.94 37.03
C PRO C 39 38.06 -19.92 35.51
N GLU C 40 37.35 -20.80 34.81
CA GLU C 40 37.44 -20.92 33.35
C GLU C 40 37.12 -19.59 32.66
N HIS C 41 36.33 -18.75 33.32
CA HIS C 41 35.91 -17.47 32.77
C HIS C 41 37.06 -16.46 32.77
N PHE C 42 37.95 -16.59 33.75
CA PHE C 42 38.99 -15.59 33.98
C PHE C 42 40.28 -15.88 33.23
N SER C 43 41.07 -14.83 33.01
CA SER C 43 42.35 -14.92 32.32
C SER C 43 43.27 -15.93 33.00
N PRO C 44 44.31 -16.38 32.30
CA PRO C 44 45.23 -17.36 32.87
C PRO C 44 46.07 -16.79 34.01
N GLY C 45 46.57 -17.68 34.87
CA GLY C 45 47.43 -17.27 35.97
C GLY C 45 46.71 -16.55 37.09
N LYS C 46 46.98 -15.25 37.23
CA LYS C 46 46.42 -14.44 38.30
C LYS C 46 44.91 -14.59 38.43
N HIS C 47 44.17 -13.80 37.68
CA HIS C 47 42.71 -13.80 37.75
C HIS C 47 42.14 -15.21 37.91
N PHE C 48 42.71 -16.16 37.18
CA PHE C 48 42.30 -17.56 37.26
C PHE C 48 42.41 -18.05 38.70
N ASN C 49 43.61 -17.96 39.25
CA ASN C 49 43.88 -18.40 40.61
C ASN C 49 43.19 -17.54 41.66
N ILE C 50 42.92 -16.28 41.31
CA ILE C 50 42.22 -15.36 42.20
C ILE C 50 40.77 -15.81 42.41
N TYR C 51 40.26 -16.59 41.45
CA TYR C 51 38.90 -17.11 41.57
C TYR C 51 38.91 -18.57 42.05
N PHE C 52 39.81 -19.38 41.50
CA PHE C 52 39.90 -20.79 41.88
C PHE C 52 40.00 -20.94 43.40
N THR C 53 40.95 -20.21 43.99
CA THR C 53 41.13 -20.22 45.43
C THR C 53 40.00 -19.48 46.12
N MET C 54 39.46 -18.48 45.44
CA MET C 54 38.35 -17.69 45.94
C MET C 54 37.08 -18.53 46.03
N GLN C 55 36.84 -19.33 44.99
CA GLN C 55 35.66 -20.19 44.94
C GLN C 55 35.78 -21.38 45.90
N ASP C 56 37.00 -21.87 46.08
CA ASP C 56 37.25 -23.00 46.97
C ASP C 56 36.87 -22.68 48.40
N LEU C 57 37.23 -21.48 48.86
CA LEU C 57 36.93 -21.06 50.22
C LEU C 57 35.43 -20.89 50.46
N ASP C 58 34.67 -20.83 49.36
CA ASP C 58 33.21 -20.71 49.44
C ASP C 58 32.56 -22.08 49.55
N ARG C 59 33.03 -23.03 48.74
CA ARG C 59 32.51 -24.40 48.76
C ARG C 59 32.84 -25.10 50.07
N LYS C 60 33.91 -24.64 50.73
CA LYS C 60 34.28 -25.17 52.04
C LYS C 60 33.50 -24.46 53.15
N GLY C 61 32.56 -23.62 52.76
CA GLY C 61 31.67 -22.94 53.70
C GLY C 61 32.36 -21.92 54.59
N GLN C 62 33.05 -20.97 53.97
CA GLN C 62 33.75 -19.92 54.70
C GLN C 62 33.52 -18.55 54.06
N SER C 63 34.37 -17.59 54.41
CA SER C 63 34.29 -16.25 53.84
C SER C 63 35.43 -16.02 52.85
N VAL C 64 35.30 -14.97 52.04
CA VAL C 64 36.30 -14.69 51.01
C VAL C 64 36.81 -13.24 51.07
N ASP C 65 37.93 -13.04 51.77
CA ASP C 65 38.57 -11.74 51.85
C ASP C 65 40.09 -11.90 51.74
N PHE C 66 40.79 -10.78 51.56
CA PHE C 66 42.25 -10.82 51.43
C PHE C 66 42.84 -11.73 52.50
N THR C 67 42.57 -11.37 53.75
CA THR C 67 43.10 -12.09 54.91
C THR C 67 42.94 -13.60 54.78
N SER C 68 41.72 -14.03 54.46
CA SER C 68 41.43 -15.46 54.34
C SER C 68 42.11 -16.09 53.14
N ILE C 69 42.06 -15.42 51.99
CA ILE C 69 42.66 -15.93 50.75
C ILE C 69 44.17 -16.08 50.90
N ALA C 70 44.82 -15.04 51.42
CA ALA C 70 46.26 -15.07 51.64
C ALA C 70 46.61 -16.03 52.76
N ALA C 71 45.63 -16.37 53.58
CA ALA C 71 45.82 -17.34 54.67
C ALA C 71 45.67 -18.76 54.16
N ARG C 72 45.02 -18.92 53.02
CA ARG C 72 44.84 -20.23 52.39
C ARG C 72 46.11 -20.67 51.67
N VAL C 73 46.49 -19.93 50.63
CA VAL C 73 47.73 -20.21 49.91
C VAL C 73 48.87 -19.39 50.48
N GLY C 74 49.41 -19.84 51.60
CA GLY C 74 50.46 -19.11 52.32
C GLY C 74 51.78 -19.02 51.59
N GLU C 75 52.20 -20.12 50.98
CA GLU C 75 53.46 -20.16 50.24
C GLU C 75 53.24 -19.79 48.77
N LYS C 76 52.09 -20.19 48.24
CA LYS C 76 51.76 -19.94 46.85
C LYS C 76 50.93 -18.67 46.68
N LEU C 77 51.21 -17.67 47.51
CA LEU C 77 50.53 -16.38 47.44
C LEU C 77 50.98 -15.54 46.24
N PRO C 78 52.29 -15.52 45.96
CA PRO C 78 52.81 -14.74 44.83
C PRO C 78 52.21 -15.13 43.48
N GLN C 79 51.63 -16.33 43.40
CA GLN C 79 51.01 -16.79 42.15
C GLN C 79 49.64 -16.15 41.92
N LEU C 80 49.23 -15.29 42.85
CA LEU C 80 47.99 -14.55 42.72
C LEU C 80 48.29 -13.06 42.56
N GLY C 81 49.53 -12.75 42.20
CA GLY C 81 49.97 -11.37 42.01
C GLY C 81 50.49 -10.76 43.29
N GLY C 82 50.66 -11.60 44.31
CA GLY C 82 51.08 -11.13 45.63
C GLY C 82 49.93 -10.48 46.37
N PHE C 83 50.14 -10.16 47.64
CA PHE C 83 49.11 -9.48 48.42
C PHE C 83 48.91 -8.06 47.90
N GLY C 84 49.98 -7.49 47.37
CA GLY C 84 49.94 -6.14 46.83
C GLY C 84 48.97 -5.98 45.66
N TYR C 85 48.48 -7.10 45.15
CA TYR C 85 47.54 -7.07 44.03
C TYR C 85 46.09 -7.20 44.49
N LEU C 86 45.83 -8.08 45.45
CA LEU C 86 44.49 -8.26 45.99
C LEU C 86 43.92 -6.93 46.47
N THR C 87 44.76 -6.13 47.10
CA THR C 87 44.36 -4.81 47.59
C THR C 87 44.15 -3.82 46.45
N GLU C 88 44.97 -3.93 45.41
CA GLU C 88 44.82 -3.07 44.23
C GLU C 88 43.50 -3.36 43.52
N LEU C 89 43.10 -4.63 43.51
CA LEU C 89 41.84 -5.04 42.92
C LEU C 89 40.67 -4.49 43.72
N ALA C 90 40.78 -4.54 45.04
CA ALA C 90 39.73 -4.04 45.94
C ALA C 90 39.71 -2.52 45.96
N ALA C 91 40.81 -1.91 45.52
CA ALA C 91 40.91 -0.46 45.44
C ALA C 91 40.29 0.07 44.15
N SER C 92 40.44 -0.70 43.09
CA SER C 92 39.96 -0.31 41.76
C SER C 92 38.45 -0.13 41.71
N VAL C 93 37.74 -0.96 42.47
CA VAL C 93 36.29 -0.93 42.48
C VAL C 93 35.76 0.31 43.21
N ALA C 94 35.22 1.24 42.42
CA ALA C 94 34.62 2.45 42.96
C ALA C 94 33.38 2.12 43.77
N SER C 95 32.41 1.48 43.13
CA SER C 95 31.16 1.07 43.79
C SER C 95 30.69 -0.29 43.28
N THR C 96 30.26 -1.14 44.20
CA THR C 96 29.81 -2.49 43.86
C THR C 96 28.41 -2.51 43.26
N THR C 97 28.06 -1.41 42.56
CA THR C 97 26.77 -1.30 41.90
C THR C 97 26.85 -1.87 40.49
N THR C 98 28.00 -1.68 39.85
CA THR C 98 28.21 -2.14 38.49
C THR C 98 28.49 -3.64 38.41
N PHE C 99 28.52 -4.30 39.56
CA PHE C 99 28.88 -5.71 39.63
C PHE C 99 28.11 -6.55 38.61
N LYS C 100 26.79 -6.42 38.63
CA LYS C 100 25.94 -7.13 37.67
C LYS C 100 26.43 -6.93 36.24
N GLN C 101 26.55 -5.66 35.87
CA GLN C 101 26.96 -5.26 34.53
C GLN C 101 28.32 -5.82 34.14
N HIS C 102 29.24 -5.84 35.10
CA HIS C 102 30.58 -6.38 34.84
C HIS C 102 30.59 -7.90 34.88
N CYS C 103 29.80 -8.48 35.77
CA CYS C 103 29.73 -9.93 35.90
C CYS C 103 29.08 -10.54 34.67
N GLN C 104 28.44 -9.69 33.88
CA GLN C 104 27.84 -10.12 32.62
C GLN C 104 28.82 -9.96 31.47
N THR C 105 29.58 -8.86 31.48
CA THR C 105 30.61 -8.62 30.48
C THR C 105 31.65 -9.74 30.53
N VAL C 106 31.96 -10.20 31.74
CA VAL C 106 32.86 -11.32 31.91
C VAL C 106 32.22 -12.60 31.36
N SER C 107 30.91 -12.71 31.53
CA SER C 107 30.18 -13.91 31.10
C SER C 107 30.05 -13.98 29.58
N GLU C 108 29.72 -12.85 28.96
CA GLU C 108 29.62 -12.80 27.50
C GLU C 108 30.93 -13.22 26.86
N TYR C 109 32.04 -12.73 27.42
CA TYR C 109 33.37 -13.06 26.92
C TYR C 109 33.74 -14.51 27.17
N PHE C 110 33.05 -15.17 28.09
CA PHE C 110 33.27 -16.59 28.34
C PHE C 110 32.63 -17.44 27.25
N GLN C 111 31.40 -17.09 26.89
CA GLN C 111 30.70 -17.76 25.81
C GLN C 111 31.52 -17.62 24.53
N LYS C 112 31.92 -16.38 24.24
CA LYS C 112 32.74 -16.06 23.09
C LYS C 112 33.99 -16.94 23.02
N ARG C 113 34.59 -17.20 24.18
CA ARG C 113 35.80 -18.01 24.26
C ARG C 113 35.52 -19.46 23.88
N LYS C 114 34.39 -19.99 24.37
CA LYS C 114 34.04 -21.39 24.13
C LYS C 114 33.34 -21.57 22.80
N ALA C 115 32.67 -20.53 22.33
CA ALA C 115 32.01 -20.55 21.02
C ALA C 115 33.03 -20.87 19.93
N ILE C 116 34.18 -20.20 20.00
CA ILE C 116 35.27 -20.46 19.07
C ILE C 116 35.88 -21.83 19.35
N SER C 117 36.02 -22.15 20.63
CA SER C 117 36.61 -23.41 21.05
C SER C 117 35.79 -24.59 20.57
N ILE C 118 34.49 -24.39 20.44
CA ILE C 118 33.61 -25.43 19.92
C ILE C 118 33.45 -25.31 18.41
N ALA C 119 33.85 -24.16 17.87
CA ALA C 119 33.78 -23.93 16.43
C ALA C 119 34.96 -24.57 15.72
N GLN C 120 36.17 -24.20 16.15
CA GLN C 120 37.38 -24.81 15.60
C GLN C 120 37.47 -26.26 16.05
N GLN C 121 36.56 -26.64 16.95
CA GLN C 121 36.44 -28.02 17.40
C GLN C 121 35.87 -28.86 16.29
N ILE C 122 34.81 -28.37 15.65
CA ILE C 122 34.14 -29.09 14.56
C ILE C 122 35.11 -29.40 13.43
N ILE C 123 35.81 -28.37 12.97
CA ILE C 123 36.76 -28.51 11.86
C ILE C 123 37.75 -29.64 12.10
N GLU C 124 38.43 -29.62 13.25
CA GLU C 124 39.38 -30.67 13.61
C GLU C 124 38.69 -32.01 13.79
N ASN C 125 37.49 -31.99 14.37
CA ASN C 125 36.73 -33.21 14.65
C ASN C 125 36.33 -33.98 13.40
N VAL C 126 35.75 -33.28 12.43
CA VAL C 126 35.21 -33.92 11.23
C VAL C 126 36.25 -34.79 10.52
N ASN C 127 37.23 -34.14 9.87
CA ASN C 127 38.27 -34.87 9.16
C ASN C 127 39.55 -35.02 9.97
N VAL C 134 34.18 -42.01 9.42
CA VAL C 134 32.87 -42.64 9.27
C VAL C 134 31.88 -41.69 8.61
N LYS C 135 31.05 -41.04 9.45
CA LYS C 135 30.08 -40.07 8.96
C LYS C 135 30.08 -38.84 9.85
N PRO C 136 30.07 -37.64 9.23
CA PRO C 136 30.08 -36.38 9.97
C PRO C 136 28.74 -36.04 10.62
N ILE C 137 27.93 -37.06 10.87
CA ILE C 137 26.62 -36.86 11.51
C ILE C 137 26.77 -36.68 13.01
N GLN C 138 27.42 -37.64 13.67
CA GLN C 138 27.64 -37.58 15.11
C GLN C 138 28.47 -36.36 15.50
N GLU C 139 29.07 -35.73 14.50
CA GLU C 139 29.80 -34.49 14.72
C GLU C 139 28.81 -33.35 14.93
N ALA C 140 27.98 -33.10 13.93
CA ALA C 140 26.95 -32.07 14.02
C ALA C 140 26.06 -32.27 15.25
N VAL C 141 26.16 -33.45 15.86
CA VAL C 141 25.41 -33.77 17.06
C VAL C 141 26.22 -33.47 18.33
N SER C 142 27.49 -33.87 18.32
CA SER C 142 28.38 -33.59 19.44
C SER C 142 28.71 -32.10 19.50
N GLU C 143 28.85 -31.48 18.33
CA GLU C 143 29.15 -30.06 18.25
C GLU C 143 27.89 -29.24 18.48
N LEU C 144 26.78 -29.92 18.73
CA LEU C 144 25.51 -29.26 18.98
C LEU C 144 25.27 -29.15 20.48
N MET C 145 25.54 -30.25 21.19
CA MET C 145 25.37 -30.32 22.64
C MET C 145 26.27 -29.29 23.34
N GLU C 146 27.47 -29.10 22.83
CA GLU C 146 28.42 -28.15 23.40
C GLU C 146 28.05 -26.70 23.15
N ILE C 147 27.46 -26.42 21.99
CA ILE C 147 27.09 -25.05 21.63
C ILE C 147 25.91 -24.54 22.46
N GLU C 148 25.18 -25.46 23.08
CA GLU C 148 24.02 -25.11 23.89
C GLU C 148 24.38 -24.92 25.37
N ALA C 149 25.22 -25.80 25.89
CA ALA C 149 25.65 -25.73 27.28
C ALA C 149 26.52 -24.50 27.52
N SER C 150 27.06 -23.94 26.44
CA SER C 150 27.88 -22.74 26.52
C SER C 150 27.03 -21.46 26.63
N GLY C 151 25.71 -21.63 26.57
CA GLY C 151 24.79 -20.51 26.70
C GLY C 151 24.38 -20.27 28.15
N THR C 152 25.25 -19.60 28.90
CA THR C 152 24.99 -19.31 30.31
C THR C 152 24.45 -17.90 30.49
N ASP C 153 23.18 -17.80 30.88
CA ASP C 153 22.53 -16.49 31.07
C ASP C 153 22.36 -16.12 32.55
N ASP C 154 21.63 -15.04 32.80
CA ASP C 154 21.58 -14.45 34.14
C ASP C 154 20.18 -14.23 34.72
N ASP C 155 19.15 -14.40 33.89
CA ASP C 155 17.77 -14.21 34.35
C ASP C 155 16.95 -15.50 34.30
N ASP C 156 17.03 -16.27 35.38
CA ASP C 156 16.26 -17.51 35.51
C ASP C 156 14.90 -17.21 36.13
N GLY C 157 14.04 -18.24 36.18
CA GLY C 157 12.72 -18.11 36.77
C GLY C 157 12.64 -18.78 38.12
N SER C 158 12.27 -18.02 39.14
CA SER C 158 12.13 -18.55 40.48
C SER C 158 10.93 -17.92 41.16
N ILE C 159 9.78 -18.58 41.05
CA ILE C 159 8.57 -18.11 41.70
C ILE C 159 8.61 -18.44 43.18
N ASP C 160 9.64 -19.18 43.58
CA ASP C 160 9.81 -19.62 44.95
C ASP C 160 10.51 -18.55 45.80
N GLU C 161 11.09 -17.56 45.12
CA GLU C 161 11.83 -16.50 45.78
C GLU C 161 11.05 -15.19 45.78
N ALA C 162 10.60 -14.79 44.60
CA ALA C 162 9.89 -13.52 44.45
C ALA C 162 8.51 -13.55 45.12
N LEU C 163 8.12 -14.72 45.62
CA LEU C 163 6.86 -14.87 46.33
C LEU C 163 6.96 -14.19 47.68
N VAL C 164 8.08 -14.42 48.36
CA VAL C 164 8.32 -13.82 49.66
C VAL C 164 8.30 -12.29 49.54
N THR C 165 8.87 -11.79 48.45
CA THR C 165 8.94 -10.34 48.21
C THR C 165 7.54 -9.73 48.19
N VAL C 166 6.58 -10.49 47.68
CA VAL C 166 5.19 -10.04 47.59
C VAL C 166 4.50 -10.12 48.95
N TYR C 167 4.65 -11.27 49.61
CA TYR C 167 4.03 -11.54 50.90
C TYR C 167 4.08 -10.33 51.85
N GLU C 168 5.27 -9.79 52.08
CA GLU C 168 5.43 -8.61 52.93
C GLU C 168 4.38 -7.56 52.61
N GLU C 169 4.28 -7.23 51.31
CA GLU C 169 3.40 -6.18 50.82
C GLU C 169 1.93 -6.54 50.99
N ILE C 170 1.63 -7.84 50.90
CA ILE C 170 0.28 -8.33 51.14
C ILE C 170 -0.07 -8.13 52.60
N GLU C 171 0.86 -8.50 53.46
CA GLU C 171 0.71 -8.33 54.90
C GLU C 171 0.54 -6.86 55.25
N SER C 172 1.65 -6.13 55.21
CA SER C 172 1.65 -4.70 55.46
C SER C 172 0.84 -3.98 54.39
N ALA C 173 -0.48 -3.92 54.59
CA ALA C 173 -1.35 -3.32 53.59
C ALA C 173 -1.74 -1.90 53.97
N ASP C 174 -1.15 -0.94 53.27
CA ASP C 174 -1.47 0.47 53.45
C ASP C 174 -2.83 0.73 52.83
N GLY C 175 -3.86 0.62 53.67
CA GLY C 175 -5.24 0.72 53.25
C GLY C 175 -5.57 2.02 52.57
N ASN C 176 -4.57 2.69 52.08
CA ASN C 176 -4.79 4.02 51.68
C ASN C 176 -4.12 4.28 50.37
N ILE C 177 -4.85 4.53 49.32
CA ILE C 177 -4.21 4.87 48.05
C ILE C 177 -2.66 4.89 48.02
N THR C 178 -2.09 3.96 47.26
CA THR C 178 -0.64 3.83 47.11
C THR C 178 -0.07 4.89 46.18
N GLY C 179 -0.63 4.97 44.97
CA GLY C 179 -0.13 5.89 43.95
C GLY C 179 -0.78 7.26 43.98
N VAL C 180 -0.87 7.89 42.81
CA VAL C 180 -1.42 9.23 42.69
C VAL C 180 -2.96 9.20 42.59
N PRO C 181 -3.64 9.78 43.59
CA PRO C 181 -5.10 9.76 43.66
C PRO C 181 -5.74 10.59 42.55
N SER C 182 -6.85 10.10 42.01
CA SER C 182 -7.56 10.80 40.96
C SER C 182 -8.36 11.97 41.53
N GLY C 183 -8.83 11.80 42.76
CA GLY C 183 -9.65 12.80 43.42
C GLY C 183 -11.11 12.41 43.44
N PHE C 184 -11.40 11.20 42.96
CA PHE C 184 -12.75 10.66 42.96
C PHE C 184 -12.81 9.38 43.77
N THR C 185 -13.37 9.49 44.97
CA THR C 185 -13.37 8.38 45.93
C THR C 185 -13.74 7.03 45.30
N GLU C 186 -14.74 7.03 44.43
CA GLU C 186 -15.22 5.79 43.82
C GLU C 186 -14.29 5.26 42.72
N LEU C 187 -13.39 6.12 42.24
CA LEU C 187 -12.44 5.72 41.20
C LEU C 187 -11.17 5.17 41.82
N ASP C 188 -10.65 5.86 42.84
CA ASP C 188 -9.44 5.45 43.53
C ASP C 188 -9.64 4.12 44.27
N ARG C 189 -10.90 3.76 44.48
CA ARG C 189 -11.23 2.49 45.14
C ARG C 189 -11.13 1.34 44.14
N MET C 190 -10.47 1.60 43.01
CA MET C 190 -10.27 0.60 41.98
C MET C 190 -8.83 0.59 41.51
N THR C 191 -8.24 1.78 41.42
CA THR C 191 -6.89 1.94 40.92
C THR C 191 -5.87 2.02 42.06
N TYR C 192 -6.30 2.58 43.19
CA TYR C 192 -5.42 2.84 44.31
C TYR C 192 -4.31 3.79 43.88
N GLY C 193 -4.70 4.82 43.14
CA GLY C 193 -3.77 5.81 42.62
C GLY C 193 -3.08 5.32 41.36
N TYR C 194 -3.17 6.12 40.30
CA TYR C 194 -2.40 5.83 39.10
C TYR C 194 -0.96 5.58 39.54
N LYS C 195 -0.40 4.45 39.14
CA LYS C 195 0.95 4.07 39.57
C LYS C 195 2.03 5.02 39.05
N ARG C 196 3.23 4.49 38.85
CA ARG C 196 4.33 5.33 38.37
C ARG C 196 4.72 5.06 36.92
N ARG C 197 4.51 3.83 36.47
CA ARG C 197 4.88 3.46 35.10
C ARG C 197 3.67 3.44 34.18
N ASN C 198 2.49 3.68 34.76
CA ASN C 198 1.23 3.59 34.02
C ASN C 198 1.03 4.66 32.96
N PHE C 199 0.28 4.31 31.93
CA PHE C 199 -0.06 5.22 30.85
C PHE C 199 -1.57 5.20 30.65
N VAL C 200 -2.26 6.10 31.32
CA VAL C 200 -3.73 6.12 31.26
C VAL C 200 -4.23 6.97 30.10
N LEU C 201 -5.41 6.61 29.60
CA LEU C 201 -5.98 7.30 28.44
C LEU C 201 -7.38 7.81 28.75
N ILE C 202 -7.54 9.13 28.71
CA ILE C 202 -8.85 9.75 28.92
C ILE C 202 -9.43 10.20 27.59
N ALA C 203 -10.15 9.30 26.93
CA ALA C 203 -10.74 9.59 25.63
C ALA C 203 -12.24 9.81 25.74
N ALA C 204 -12.80 10.56 24.81
CA ALA C 204 -14.23 10.84 24.79
C ALA C 204 -14.60 11.72 23.61
N ARG C 205 -15.89 11.71 23.26
CA ARG C 205 -16.41 12.60 22.22
C ARG C 205 -16.36 14.05 22.69
N PRO C 206 -16.40 15.00 21.74
CA PRO C 206 -16.41 16.42 22.08
C PRO C 206 -17.61 16.79 22.96
N SER C 207 -17.41 17.76 23.84
CA SER C 207 -18.47 18.24 24.74
C SER C 207 -18.98 17.16 25.69
N MET C 208 -18.05 16.57 26.46
CA MET C 208 -18.40 15.55 27.44
C MET C 208 -17.70 15.87 28.76
N GLY C 209 -16.87 16.91 28.73
CA GLY C 209 -16.09 17.30 29.91
C GLY C 209 -14.66 16.78 29.82
N LYS C 210 -14.32 16.23 28.65
CA LYS C 210 -13.01 15.64 28.40
C LYS C 210 -11.88 16.51 28.95
N THR C 211 -12.02 17.81 28.82
CA THR C 211 -10.99 18.74 29.28
C THR C 211 -11.15 19.11 30.76
N ALA C 212 -12.37 19.42 31.16
CA ALA C 212 -12.66 19.81 32.54
C ALA C 212 -12.39 18.67 33.52
N PHE C 213 -12.60 17.44 33.05
CA PHE C 213 -12.32 16.24 33.82
C PHE C 213 -10.83 16.09 34.07
N ALA C 214 -10.03 16.54 33.11
CA ALA C 214 -8.58 16.50 33.23
C ALA C 214 -8.10 17.58 34.18
N LEU C 215 -8.57 18.80 33.97
CA LEU C 215 -8.18 19.94 34.81
C LEU C 215 -8.63 19.76 36.25
N LYS C 216 -9.54 18.82 36.48
CA LYS C 216 -9.99 18.51 37.82
C LYS C 216 -8.97 17.61 38.50
N GLN C 217 -8.65 16.49 37.85
CA GLN C 217 -7.63 15.58 38.36
C GLN C 217 -6.29 16.31 38.49
N ALA C 218 -6.09 17.31 37.63
CA ALA C 218 -4.89 18.12 37.66
C ALA C 218 -4.68 18.73 39.06
N LYS C 219 -5.71 19.41 39.56
CA LYS C 219 -5.61 20.05 40.87
C LYS C 219 -5.63 19.03 42.01
N ASN C 220 -6.58 18.10 41.98
CA ASN C 220 -6.69 17.07 43.01
C ASN C 220 -5.34 16.43 43.33
N MET C 221 -4.50 16.28 42.31
CA MET C 221 -3.17 15.74 42.49
C MET C 221 -2.24 16.79 43.09
N SER C 222 -2.45 18.05 42.72
CA SER C 222 -1.66 19.15 43.25
C SER C 222 -2.00 19.45 44.70
N ASP C 223 -3.11 18.89 45.16
CA ASP C 223 -3.52 19.03 46.55
C ASP C 223 -2.94 17.90 47.40
N ASN C 224 -2.77 16.73 46.79
CA ASN C 224 -2.11 15.61 47.45
C ASN C 224 -0.60 15.77 47.39
N ASP C 225 -0.17 17.00 47.09
CA ASP C 225 1.24 17.37 46.99
C ASP C 225 1.99 16.53 45.95
N ASP C 226 1.52 16.58 44.72
CA ASP C 226 2.21 15.99 43.58
C ASP C 226 2.36 17.05 42.50
N VAL C 227 3.21 16.79 41.52
CA VAL C 227 3.44 17.76 40.45
C VAL C 227 2.72 17.35 39.17
N VAL C 228 1.90 18.26 38.64
CA VAL C 228 1.16 17.99 37.42
C VAL C 228 1.64 18.86 36.27
N ASN C 229 2.20 18.22 35.25
CA ASN C 229 2.61 18.92 34.03
C ASN C 229 1.51 18.87 32.98
N LEU C 230 0.79 19.98 32.83
CA LEU C 230 -0.29 20.06 31.86
C LEU C 230 0.20 20.57 30.52
N HIS C 231 0.21 19.71 29.52
CA HIS C 231 0.61 20.09 28.17
C HIS C 231 -0.63 20.35 27.33
N SER C 232 -1.06 21.61 27.29
CA SER C 232 -2.20 21.99 26.46
C SER C 232 -1.73 22.50 25.10
N LEU C 233 -1.88 21.66 24.08
CA LEU C 233 -1.45 22.00 22.74
C LEU C 233 -2.60 22.66 21.99
N GLU C 234 -3.79 22.52 22.53
CA GLU C 234 -5.00 23.04 21.91
C GLU C 234 -5.34 24.43 22.44
N MET C 235 -5.26 24.59 23.76
CA MET C 235 -5.62 25.84 24.40
C MET C 235 -4.41 26.64 24.81
N GLY C 236 -4.64 27.76 25.49
CA GLY C 236 -3.56 28.63 25.94
C GLY C 236 -3.25 28.49 27.42
N LYS C 237 -2.10 29.00 27.83
CA LYS C 237 -1.69 28.96 29.23
C LYS C 237 -2.69 29.72 30.09
N LYS C 238 -3.48 30.58 29.46
CA LYS C 238 -4.45 31.39 30.17
C LYS C 238 -5.77 30.66 30.43
N GLU C 239 -6.41 30.19 29.37
CA GLU C 239 -7.69 29.50 29.47
C GLU C 239 -7.61 28.34 30.46
N ASN C 240 -6.48 27.65 30.47
CA ASN C 240 -6.27 26.56 31.41
C ASN C 240 -6.33 27.02 32.86
N ILE C 241 -5.82 28.22 33.12
CA ILE C 241 -5.92 28.82 34.45
C ILE C 241 -7.33 29.37 34.66
N LYS C 242 -7.83 30.09 33.67
CA LYS C 242 -9.17 30.65 33.72
C LYS C 242 -10.20 29.58 34.05
N ARG C 243 -9.92 28.34 33.67
CA ARG C 243 -10.79 27.21 33.98
C ARG C 243 -10.50 26.67 35.37
N LEU C 244 -9.23 26.63 35.74
CA LEU C 244 -8.81 26.15 37.05
C LEU C 244 -9.38 27.01 38.17
N ILE C 245 -9.64 28.28 37.86
CA ILE C 245 -10.19 29.23 38.83
C ILE C 245 -11.70 29.05 38.95
N VAL C 246 -12.39 29.09 37.82
CA VAL C 246 -13.84 28.91 37.79
C VAL C 246 -14.26 27.55 38.34
N THR C 247 -13.29 26.65 38.45
CA THR C 247 -13.53 25.32 39.01
C THR C 247 -13.17 25.26 40.48
N ALA C 248 -12.19 26.07 40.88
CA ALA C 248 -11.69 26.06 42.27
C ALA C 248 -12.60 26.82 43.23
N GLY C 249 -12.98 28.03 42.85
CA GLY C 249 -13.81 28.88 43.70
C GLY C 249 -15.30 28.64 43.54
N SER C 250 -15.65 27.76 42.59
CA SER C 250 -17.05 27.44 42.30
C SER C 250 -17.82 28.64 41.76
N ILE C 251 -17.09 29.64 41.28
CA ILE C 251 -17.72 30.83 40.69
C ILE C 251 -18.33 30.46 39.34
N ASN C 252 -19.34 31.20 38.92
CA ASN C 252 -20.02 30.93 37.67
C ASN C 252 -19.15 31.25 36.46
N ALA C 253 -19.11 30.31 35.51
CA ALA C 253 -18.23 30.43 34.34
C ALA C 253 -18.59 31.61 33.44
N GLN C 254 -19.88 31.86 33.29
CA GLN C 254 -20.34 32.92 32.39
C GLN C 254 -20.17 34.31 33.01
N LYS C 255 -20.32 34.38 34.33
CA LYS C 255 -20.17 35.64 35.06
C LYS C 255 -18.84 36.32 34.74
N ILE C 256 -17.75 35.74 35.24
CA ILE C 256 -16.41 36.28 35.06
C ILE C 256 -16.13 36.76 33.64
N LYS C 257 -16.16 35.83 32.69
CA LYS C 257 -15.85 36.11 31.28
C LYS C 257 -15.72 37.60 30.97
N ALA C 258 -16.85 38.27 30.83
CA ALA C 258 -16.87 39.69 30.50
C ALA C 258 -17.64 40.51 31.53
N ALA C 259 -18.79 40.00 31.96
CA ALA C 259 -19.63 40.68 32.94
C ALA C 259 -18.87 41.01 34.21
N ARG C 260 -18.54 39.97 34.98
CA ARG C 260 -17.71 40.08 36.18
C ARG C 260 -17.77 41.45 36.86
N ARG C 261 -16.92 42.36 36.39
CA ARG C 261 -16.78 43.70 36.98
C ARG C 261 -18.08 44.24 37.53
N ASP C 262 -19.03 44.56 36.64
CA ASP C 262 -20.29 45.17 37.03
C ASP C 262 -21.46 44.20 36.90
N PHE C 263 -21.27 42.95 37.32
CA PHE C 263 -22.34 41.96 37.22
C PHE C 263 -22.37 40.98 38.38
N ALA C 264 -21.22 40.74 38.99
CA ALA C 264 -21.13 39.78 40.09
C ALA C 264 -20.61 40.43 41.37
N SER C 265 -21.19 40.03 42.50
CA SER C 265 -20.80 40.57 43.81
C SER C 265 -20.67 39.46 44.84
N GLU C 266 -19.83 39.70 45.84
CA GLU C 266 -19.59 38.73 46.92
C GLU C 266 -18.90 37.47 46.40
N ASP C 267 -18.62 37.45 45.10
CA ASP C 267 -17.89 36.36 44.47
C ASP C 267 -16.40 36.64 44.56
N TRP C 268 -16.06 37.91 44.76
CA TRP C 268 -14.68 38.33 44.92
C TRP C 268 -14.03 37.59 46.07
N GLY C 269 -14.85 37.11 47.00
CA GLY C 269 -14.39 36.28 48.09
C GLY C 269 -13.97 34.91 47.59
N LYS C 270 -14.78 34.34 46.69
CA LYS C 270 -14.46 33.06 46.08
C LYS C 270 -13.39 33.20 45.00
N LEU C 271 -13.19 34.43 44.54
CA LEU C 271 -12.19 34.72 43.51
C LEU C 271 -10.81 34.96 44.13
N SER C 272 -10.76 35.88 45.10
CA SER C 272 -9.52 36.19 45.79
C SER C 272 -9.07 35.01 46.64
N MET C 273 -9.81 33.91 46.52
CA MET C 273 -9.47 32.66 47.18
C MET C 273 -8.93 31.66 46.17
N ALA C 274 -9.60 31.57 45.02
CA ALA C 274 -9.19 30.67 43.96
C ALA C 274 -7.85 31.09 43.37
N ILE C 275 -7.71 32.38 43.08
CA ILE C 275 -6.47 32.93 42.55
C ILE C 275 -5.29 32.56 43.45
N GLY C 276 -5.55 32.45 44.75
CA GLY C 276 -4.55 31.98 45.69
C GLY C 276 -4.25 30.51 45.52
N GLU C 277 -5.31 29.71 45.46
CA GLU C 277 -5.19 28.26 45.32
C GLU C 277 -4.33 27.86 44.12
N ILE C 278 -4.63 28.43 42.96
CA ILE C 278 -3.93 28.10 41.72
C ILE C 278 -2.46 28.52 41.78
N SER C 279 -2.19 29.63 42.46
CA SER C 279 -0.82 30.10 42.64
C SER C 279 -0.13 29.35 43.78
N ASN C 280 -0.92 28.66 44.59
CA ASN C 280 -0.37 27.87 45.69
C ASN C 280 -0.36 26.39 45.33
N SER C 281 -0.46 26.11 44.03
CA SER C 281 -0.53 24.74 43.54
C SER C 281 0.74 24.36 42.78
N ASN C 282 0.87 23.07 42.49
CA ASN C 282 2.04 22.57 41.77
C ASN C 282 1.74 22.30 40.29
N ILE C 283 0.82 23.10 39.74
CA ILE C 283 0.42 22.95 38.35
C ILE C 283 1.39 23.69 37.43
N ASN C 284 1.96 22.96 36.47
CA ASN C 284 2.81 23.57 35.45
C ASN C 284 2.20 23.42 34.07
N ILE C 285 2.09 24.53 33.34
CA ILE C 285 1.43 24.54 32.04
C ILE C 285 2.38 24.91 30.89
N PHE C 286 2.49 24.00 29.93
CA PHE C 286 3.26 24.24 28.72
C PHE C 286 2.32 24.39 27.53
N ASP C 287 2.52 25.43 26.72
CA ASP C 287 1.61 25.70 25.62
C ASP C 287 2.30 25.98 24.29
N LYS C 288 3.49 25.41 24.10
CA LYS C 288 4.16 25.51 22.81
C LYS C 288 3.28 24.85 21.75
N ALA C 289 3.13 25.50 20.60
CA ALA C 289 2.23 25.03 19.56
C ALA C 289 2.50 23.59 19.14
N GLY C 290 3.73 23.32 18.70
CA GLY C 290 4.10 21.98 18.26
C GLY C 290 4.95 21.26 19.28
N GLN C 291 4.40 20.23 19.89
CA GLN C 291 5.11 19.48 20.91
C GLN C 291 5.33 18.02 20.51
N SER C 292 6.59 17.63 20.40
CA SER C 292 6.94 16.24 20.12
C SER C 292 6.97 15.46 21.43
N VAL C 293 6.79 14.16 21.35
CA VAL C 293 6.88 13.31 22.53
C VAL C 293 8.23 13.52 23.20
N ASN C 294 9.24 13.81 22.38
CA ASN C 294 10.59 14.08 22.87
C ASN C 294 10.68 15.42 23.58
N TYR C 295 9.87 16.38 23.14
CA TYR C 295 9.80 17.69 23.79
C TYR C 295 9.26 17.52 25.20
N ILE C 296 8.11 16.87 25.31
CA ILE C 296 7.50 16.57 26.60
C ILE C 296 8.47 15.80 27.49
N TRP C 297 9.21 14.86 26.89
CA TRP C 297 10.20 14.08 27.61
C TRP C 297 11.20 15.00 28.31
N SER C 298 11.80 15.91 27.55
CA SER C 298 12.79 16.83 28.09
C SER C 298 12.23 17.67 29.23
N LYS C 299 11.02 18.19 29.04
CA LYS C 299 10.35 19.01 30.05
C LYS C 299 9.93 18.20 31.27
N THR C 300 9.95 16.87 31.13
CA THR C 300 9.59 15.99 32.24
C THR C 300 10.82 15.70 33.12
N ARG C 301 11.96 15.46 32.48
CA ARG C 301 13.21 15.27 33.22
C ARG C 301 13.49 16.52 34.03
N GLN C 302 13.43 17.66 33.35
CA GLN C 302 13.71 18.96 33.95
C GLN C 302 12.86 19.22 35.20
N THR C 303 11.56 18.98 35.09
CA THR C 303 10.64 19.17 36.21
C THR C 303 10.92 18.17 37.32
N LYS C 304 11.29 16.95 36.95
CA LYS C 304 11.59 15.89 37.90
C LYS C 304 12.93 16.14 38.59
N ARG C 305 13.83 16.83 37.90
CA ARG C 305 15.14 17.16 38.45
C ARG C 305 15.05 18.31 39.46
N LYS C 306 14.36 19.37 39.07
CA LYS C 306 14.18 20.54 39.94
C LYS C 306 13.36 20.19 41.18
N ASN C 307 12.53 19.15 41.06
CA ASN C 307 11.68 18.71 42.15
C ASN C 307 12.01 17.30 42.61
N PRO C 308 12.93 17.17 43.57
CA PRO C 308 13.33 15.85 44.07
C PRO C 308 12.32 15.26 45.05
N GLY C 309 12.31 13.94 45.17
CA GLY C 309 11.50 13.25 46.17
C GLY C 309 10.01 13.15 45.88
N LYS C 310 9.51 14.05 45.04
CA LYS C 310 8.06 14.09 44.75
C LYS C 310 7.72 13.45 43.40
N ARG C 311 6.49 12.93 43.31
CA ARG C 311 6.01 12.27 42.10
C ARG C 311 5.55 13.28 41.05
N VAL C 312 5.69 12.91 39.79
CA VAL C 312 5.31 13.80 38.68
C VAL C 312 4.29 13.13 37.75
N ILE C 313 3.27 13.90 37.36
CA ILE C 313 2.25 13.43 36.44
C ILE C 313 2.27 14.30 35.17
N VAL C 314 2.24 13.66 34.01
CA VAL C 314 2.28 14.38 32.75
C VAL C 314 0.97 14.25 31.99
N MET C 315 0.19 15.33 31.97
CA MET C 315 -1.08 15.35 31.25
C MET C 315 -0.91 15.94 29.85
N ILE C 316 -1.68 15.43 28.90
CA ILE C 316 -1.62 15.91 27.53
C ILE C 316 -3.03 16.18 27.01
N ASP C 317 -3.29 17.42 26.61
CA ASP C 317 -4.62 17.81 26.15
C ASP C 317 -4.77 17.59 24.65
N TYR C 318 -4.78 16.32 24.25
CA TYR C 318 -4.90 15.94 22.83
C TYR C 318 -3.74 15.06 22.38
N LEU C 319 -4.00 13.76 22.34
CA LEU C 319 -3.00 12.80 21.87
C LEU C 319 -2.70 13.02 20.39
N GLN C 320 -3.71 13.51 19.67
CA GLN C 320 -3.61 13.66 18.22
C GLN C 320 -2.93 14.96 17.81
N LEU C 321 -2.93 15.95 18.70
CA LEU C 321 -2.33 17.24 18.40
C LEU C 321 -0.83 17.23 18.68
N LEU C 322 -0.34 16.13 19.24
CA LEU C 322 1.09 15.95 19.44
C LEU C 322 1.80 15.85 18.10
N GLU C 323 3.05 16.30 18.06
CA GLU C 323 3.83 16.27 16.83
C GLU C 323 4.60 14.95 16.70
N PRO C 324 4.36 14.22 15.61
CA PRO C 324 5.02 12.93 15.37
C PRO C 324 6.51 13.08 15.15
N ALA C 325 7.22 11.95 15.05
CA ALA C 325 8.66 11.96 14.83
C ALA C 325 8.99 11.97 13.35
N LYS C 326 8.28 11.13 12.58
CA LYS C 326 8.48 11.05 11.14
C LYS C 326 7.34 11.76 10.42
N ALA C 327 7.61 12.97 9.93
CA ALA C 327 6.60 13.78 9.26
C ALA C 327 5.97 13.06 8.07
N ASN C 328 6.83 12.51 7.20
CA ASN C 328 6.36 11.74 6.05
C ASN C 328 6.13 10.27 6.39
N ASP C 329 4.97 9.99 6.97
CA ASP C 329 4.59 8.63 7.36
C ASP C 329 3.07 8.53 7.39
N SER C 330 2.56 7.31 7.36
CA SER C 330 1.11 7.11 7.42
C SER C 330 0.57 7.55 8.78
N ARG C 331 -0.58 8.22 8.75
CA ARG C 331 -1.21 8.74 9.96
C ARG C 331 -1.35 7.66 11.05
N THR C 332 -1.85 6.50 10.64
CA THR C 332 -2.04 5.38 11.56
C THR C 332 -0.73 4.96 12.24
N ASN C 333 0.39 5.19 11.56
CA ASN C 333 1.70 4.89 12.11
C ASN C 333 2.24 5.97 13.04
N GLN C 334 1.76 7.20 12.83
CA GLN C 334 2.18 8.33 13.66
C GLN C 334 1.64 8.18 15.08
N ILE C 335 0.35 7.88 15.19
CA ILE C 335 -0.27 7.67 16.49
C ILE C 335 0.34 6.46 17.19
N SER C 336 0.82 5.50 16.40
CA SER C 336 1.55 4.36 16.95
C SER C 336 2.91 4.80 17.44
N GLN C 337 3.59 5.63 16.65
CA GLN C 337 4.89 6.17 17.04
C GLN C 337 4.77 6.98 18.33
N ILE C 338 3.70 7.76 18.44
CA ILE C 338 3.43 8.55 19.64
C ILE C 338 3.12 7.64 20.83
N SER C 339 2.07 6.84 20.69
CA SER C 339 1.63 5.96 21.76
C SER C 339 2.77 5.14 22.35
N ARG C 340 3.49 4.41 21.50
CA ARG C 340 4.60 3.60 21.95
C ARG C 340 5.63 4.42 22.71
N ASP C 341 5.96 5.60 22.17
CA ASP C 341 6.93 6.49 22.80
C ASP C 341 6.43 7.01 24.14
N LEU C 342 5.15 7.39 24.19
CA LEU C 342 4.56 7.90 25.43
C LEU C 342 4.65 6.89 26.57
N LYS C 343 4.42 5.61 26.26
CA LYS C 343 4.53 4.56 27.26
C LYS C 343 5.95 4.45 27.78
N LYS C 344 6.91 4.33 26.87
CA LYS C 344 8.32 4.27 27.24
C LYS C 344 8.69 5.35 28.25
N MET C 345 8.21 6.56 28.00
CA MET C 345 8.48 7.69 28.89
C MET C 345 8.02 7.39 30.32
N ALA C 346 6.77 6.98 30.46
CA ALA C 346 6.20 6.63 31.77
C ALA C 346 7.03 5.56 32.48
N ARG C 347 7.45 4.56 31.71
CA ARG C 347 8.22 3.44 32.25
C ARG C 347 9.63 3.83 32.64
N GLU C 348 10.35 4.44 31.71
CA GLU C 348 11.77 4.73 31.89
C GLU C 348 12.02 5.97 32.75
N LEU C 349 11.02 6.85 32.81
CA LEU C 349 11.15 8.07 33.59
C LEU C 349 10.42 7.93 34.91
N ASP C 350 9.58 6.90 34.99
CA ASP C 350 8.85 6.57 36.22
C ASP C 350 7.89 7.68 36.66
N VAL C 351 7.00 8.06 35.75
CA VAL C 351 6.00 9.11 36.01
C VAL C 351 4.65 8.73 35.43
N VAL C 352 3.57 9.17 36.08
CA VAL C 352 2.23 8.93 35.58
C VAL C 352 2.01 9.72 34.29
N VAL C 353 1.68 9.01 33.21
CA VAL C 353 1.39 9.70 31.96
C VAL C 353 -0.08 9.58 31.58
N ILE C 354 -0.78 10.72 31.67
CA ILE C 354 -2.19 10.80 31.32
C ILE C 354 -2.31 11.52 29.99
N ALA C 355 -2.94 10.88 29.01
CA ALA C 355 -3.12 11.48 27.70
C ALA C 355 -4.58 11.52 27.30
N LEU C 356 -5.11 12.74 27.16
CA LEU C 356 -6.46 12.92 26.66
C LEU C 356 -6.48 12.57 25.17
N SER C 357 -7.56 11.94 24.73
CA SER C 357 -7.69 11.55 23.34
C SER C 357 -9.08 11.84 22.82
N GLN C 358 -9.32 11.49 21.56
CA GLN C 358 -10.62 11.68 20.95
C GLN C 358 -11.10 10.37 20.34
N LEU C 359 -12.41 10.20 20.29
CA LEU C 359 -12.99 8.97 19.77
C LEU C 359 -13.55 9.17 18.36
N SER C 360 -13.53 8.10 17.58
CA SER C 360 -14.03 8.14 16.21
C SER C 360 -15.42 8.79 16.15
N ARG C 361 -15.61 9.64 15.15
CA ARG C 361 -16.90 10.29 14.92
C ARG C 361 -17.98 9.24 14.63
N GLN C 362 -17.55 7.99 14.54
CA GLN C 362 -18.43 6.87 14.22
C GLN C 362 -19.30 6.45 15.41
N VAL C 363 -18.99 6.99 16.59
CA VAL C 363 -19.72 6.65 17.81
C VAL C 363 -21.15 7.17 17.78
N GLU C 364 -21.36 8.28 17.09
CA GLU C 364 -22.65 8.96 17.09
C GLU C 364 -23.65 8.38 16.08
N GLN C 365 -23.24 7.34 15.37
CA GLN C 365 -24.12 6.68 14.40
C GLN C 365 -24.58 5.31 14.92
N ARG C 366 -24.73 5.20 16.22
CA ARG C 366 -25.23 3.97 16.84
C ARG C 366 -26.40 4.29 17.78
N GLN C 367 -26.98 3.25 18.35
CA GLN C 367 -28.09 3.42 19.29
C GLN C 367 -27.58 3.67 20.71
N ASP C 368 -26.54 2.92 21.09
CA ASP C 368 -25.88 3.13 22.36
C ASP C 368 -24.63 3.98 22.14
N LYS C 369 -24.69 5.24 22.58
CA LYS C 369 -23.62 6.20 22.33
C LYS C 369 -22.44 5.95 23.26
N ARG C 370 -22.48 4.83 23.97
CA ARG C 370 -21.47 4.49 24.96
C ARG C 370 -20.22 3.93 24.29
N PRO C 371 -19.07 4.62 24.47
CA PRO C 371 -17.80 4.31 23.83
C PRO C 371 -17.22 2.96 24.25
N MET C 372 -16.58 2.27 23.30
CA MET C 372 -15.82 1.07 23.59
C MET C 372 -14.41 1.22 23.01
N LEU C 373 -13.58 0.20 23.18
CA LEU C 373 -12.19 0.28 22.76
C LEU C 373 -12.02 0.43 21.25
N SER C 374 -12.86 -0.27 20.48
CA SER C 374 -12.78 -0.24 19.03
C SER C 374 -13.00 1.16 18.46
N ASP C 375 -13.53 2.06 19.29
CA ASP C 375 -13.83 3.41 18.85
C ASP C 375 -12.59 4.29 18.76
N LEU C 376 -11.47 3.80 19.27
CA LEU C 376 -10.19 4.47 19.06
C LEU C 376 -9.77 4.27 17.60
N ARG C 377 -10.22 5.18 16.75
CA ARG C 377 -10.14 5.05 15.29
C ARG C 377 -8.78 4.61 14.75
N GLU C 378 -8.04 5.56 14.18
CA GLU C 378 -6.73 5.31 13.58
C GLU C 378 -5.81 4.52 14.50
N SER C 379 -5.63 5.04 15.71
CA SER C 379 -4.74 4.45 16.71
C SER C 379 -4.90 2.94 16.85
N GLY C 380 -3.88 2.19 16.44
CA GLY C 380 -3.88 0.75 16.59
C GLY C 380 -3.05 0.35 17.79
N GLN C 381 -1.76 0.68 17.75
CA GLN C 381 -0.84 0.39 18.84
C GLN C 381 -1.19 1.22 20.07
N LEU C 382 -2.40 1.77 20.08
CA LEU C 382 -2.85 2.62 21.17
C LEU C 382 -3.37 1.80 22.33
N GLU C 383 -4.53 1.17 22.12
CA GLU C 383 -5.18 0.38 23.15
C GLU C 383 -4.26 -0.63 23.80
N GLN C 384 -3.22 -1.04 23.06
CA GLN C 384 -2.26 -2.03 23.54
C GLN C 384 -1.26 -1.45 24.53
N ASP C 385 -0.84 -0.21 24.31
CA ASP C 385 0.16 0.42 25.16
C ASP C 385 -0.47 1.18 26.33
N ALA C 386 -1.79 1.28 26.33
CA ALA C 386 -2.50 1.98 27.40
C ALA C 386 -2.74 1.05 28.58
N ASP C 387 -2.62 1.60 29.79
CA ASP C 387 -2.81 0.83 31.01
C ASP C 387 -4.23 0.99 31.58
N ILE C 388 -4.73 2.22 31.57
CA ILE C 388 -6.07 2.50 32.08
C ILE C 388 -6.87 3.37 31.12
N ILE C 389 -7.39 2.76 30.06
CA ILE C 389 -8.25 3.48 29.13
C ILE C 389 -9.57 3.80 29.81
N GLU C 390 -9.86 5.08 29.95
CA GLU C 390 -11.11 5.51 30.57
C GLU C 390 -11.87 6.52 29.71
N PHE C 391 -13.01 6.09 29.18
CA PHE C 391 -13.84 6.96 28.36
C PHE C 391 -14.78 7.80 29.22
N LEU C 392 -15.19 8.95 28.71
CA LEU C 392 -16.17 9.79 29.38
C LEU C 392 -17.48 9.81 28.60
N TYR C 393 -18.59 9.81 29.32
CA TYR C 393 -19.91 9.80 28.69
C TYR C 393 -20.95 10.62 29.44
N ARG C 394 -21.37 11.71 28.82
CA ARG C 394 -22.50 12.49 29.33
C ARG C 394 -23.76 12.06 28.58
N ASP C 395 -24.71 11.48 29.30
CA ASP C 395 -25.93 10.98 28.68
C ASP C 395 -26.86 12.14 28.27
N ASP C 396 -26.81 13.23 29.02
CA ASP C 396 -27.69 14.37 28.75
C ASP C 396 -27.24 15.23 27.56
N TYR C 397 -26.35 14.68 26.75
CA TYR C 397 -25.92 15.35 25.52
C TYR C 397 -26.68 14.79 24.32
N TYR C 398 -26.87 13.47 24.31
CA TYR C 398 -27.57 12.80 23.22
C TYR C 398 -29.06 12.70 23.51
N ASP C 399 -29.42 12.83 24.78
CA ASP C 399 -30.81 12.76 25.20
C ASP C 399 -31.17 14.00 26.02
N LYS C 400 -32.14 14.76 25.55
CA LYS C 400 -32.58 15.98 26.23
C LYS C 400 -33.39 15.64 27.48
N GLU C 401 -33.94 14.43 27.51
CA GLU C 401 -34.74 13.97 28.63
C GLU C 401 -34.13 12.72 29.25
N SER C 402 -32.97 12.87 29.86
CA SER C 402 -32.27 11.75 30.48
C SER C 402 -32.61 11.64 31.96
N GLU C 403 -32.69 10.40 32.46
CA GLU C 403 -32.93 10.17 33.87
C GLU C 403 -31.69 10.48 34.69
N SER C 404 -30.59 10.72 33.99
CA SER C 404 -29.32 11.08 34.62
C SER C 404 -28.94 12.53 34.29
N LYS C 405 -29.70 13.47 34.85
CA LYS C 405 -29.48 14.89 34.61
C LYS C 405 -28.15 15.35 35.19
N ASN C 406 -27.28 15.85 34.32
CA ASN C 406 -25.96 16.35 34.72
C ASN C 406 -25.07 15.26 35.32
N ILE C 407 -25.03 14.10 34.68
CA ILE C 407 -24.25 12.97 35.17
C ILE C 407 -23.27 12.43 34.12
N VAL C 408 -21.98 12.66 34.36
CA VAL C 408 -20.93 12.08 33.54
C VAL C 408 -20.57 10.73 34.12
N GLU C 409 -20.52 9.70 33.27
CA GLU C 409 -20.10 8.39 33.73
C GLU C 409 -18.75 7.98 33.15
N VAL C 410 -17.73 7.98 34.02
CA VAL C 410 -16.38 7.57 33.65
C VAL C 410 -16.34 6.05 33.49
N ILE C 411 -16.02 5.61 32.28
CA ILE C 411 -16.01 4.18 31.97
C ILE C 411 -14.61 3.65 31.81
N ILE C 412 -14.12 2.93 32.81
CA ILE C 412 -12.82 2.27 32.72
C ILE C 412 -12.99 0.98 31.92
N ALA C 413 -12.57 1.04 30.65
CA ALA C 413 -12.75 -0.09 29.74
C ALA C 413 -11.55 -1.02 29.75
N LYS C 414 -10.44 -0.54 30.32
CA LYS C 414 -9.24 -1.37 30.42
C LYS C 414 -8.43 -1.02 31.67
N HIS C 415 -8.12 -2.05 32.45
CA HIS C 415 -7.24 -1.92 33.61
C HIS C 415 -6.31 -3.13 33.61
N ARG C 416 -5.02 -2.89 33.44
CA ARG C 416 -4.07 -3.99 33.33
C ARG C 416 -3.80 -4.66 34.67
N ASP C 417 -3.65 -3.86 35.72
CA ASP C 417 -3.39 -4.38 37.06
C ASP C 417 -4.60 -4.23 37.99
N GLY C 418 -5.78 -4.15 37.39
CA GLY C 418 -7.02 -4.00 38.16
C GLY C 418 -8.26 -4.39 37.38
N PRO C 419 -9.45 -4.10 37.94
CA PRO C 419 -10.73 -4.43 37.35
C PRO C 419 -11.30 -3.31 36.47
N VAL C 420 -12.36 -3.62 35.73
CA VAL C 420 -13.04 -2.64 34.89
C VAL C 420 -14.34 -2.19 35.54
N GLY C 421 -15.18 -1.50 34.78
CA GLY C 421 -16.48 -1.06 35.29
C GLY C 421 -16.73 0.42 35.10
N THR C 422 -17.95 0.85 35.39
CA THR C 422 -18.36 2.25 35.21
C THR C 422 -18.50 2.99 36.53
N VAL C 423 -17.93 4.19 36.60
CA VAL C 423 -18.02 5.04 37.78
C VAL C 423 -18.79 6.32 37.45
N SER C 424 -19.75 6.68 38.29
CA SER C 424 -20.60 7.85 38.03
C SER C 424 -20.15 9.08 38.82
N LEU C 425 -20.19 10.24 38.17
CA LEU C 425 -19.85 11.50 38.81
C LEU C 425 -20.81 12.60 38.37
N ALA C 426 -21.10 13.53 39.27
CA ALA C 426 -21.99 14.64 38.96
C ALA C 426 -21.22 15.80 38.33
N PHE C 427 -21.61 16.16 37.10
CA PHE C 427 -20.94 17.23 36.37
C PHE C 427 -21.68 18.55 36.50
N ILE C 428 -21.01 19.55 37.06
CA ILE C 428 -21.58 20.87 37.18
C ILE C 428 -21.13 21.72 35.99
N LYS C 429 -21.94 21.73 34.94
CA LYS C 429 -21.59 22.41 33.68
C LYS C 429 -21.11 23.84 33.89
N GLU C 430 -21.66 24.51 34.91
CA GLU C 430 -21.44 25.92 35.12
C GLU C 430 -20.10 26.24 35.79
N TYR C 431 -19.56 25.28 36.54
CA TYR C 431 -18.29 25.51 37.24
C TYR C 431 -17.18 24.61 36.73
N GLY C 432 -17.52 23.70 35.82
CA GLY C 432 -16.56 22.72 35.32
C GLY C 432 -16.04 21.85 36.46
N ASN C 433 -16.92 21.57 37.41
CA ASN C 433 -16.57 20.81 38.60
C ASN C 433 -17.19 19.42 38.57
N PHE C 434 -16.52 18.47 39.21
CA PHE C 434 -17.02 17.10 39.29
C PHE C 434 -17.25 16.70 40.75
N VAL C 435 -18.38 16.07 41.02
CA VAL C 435 -18.76 15.72 42.38
C VAL C 435 -18.83 14.21 42.59
N ASN C 436 -18.49 13.77 43.80
CA ASN C 436 -18.51 12.36 44.17
C ASN C 436 -19.92 11.87 44.47
N LEU C 437 -20.14 10.56 44.34
CA LEU C 437 -21.45 9.96 44.59
C LEU C 437 -21.36 8.72 45.46
N GLU C 438 -22.50 8.03 45.60
CA GLU C 438 -22.60 6.80 46.39
C GLU C 438 -21.95 6.91 47.76
N ASN D 14 35.55 25.98 23.92
CA ASN D 14 35.91 26.00 25.37
C ASN D 14 36.17 24.60 25.92
N GLU D 15 37.39 24.38 26.39
CA GLU D 15 37.78 23.07 26.93
C GLU D 15 37.65 23.02 28.46
N TYR D 16 37.84 24.16 29.10
CA TYR D 16 37.83 24.24 30.56
C TYR D 16 36.51 23.76 31.16
N ALA D 17 35.42 24.39 30.73
CA ALA D 17 34.09 24.01 31.20
C ALA D 17 33.71 22.62 30.68
N GLU D 18 34.29 22.26 29.55
CA GLU D 18 34.03 20.98 28.91
C GLU D 18 34.56 19.83 29.77
N GLN D 19 35.71 20.06 30.41
CA GLN D 19 36.29 19.09 31.33
C GLN D 19 35.39 18.91 32.53
N ALA D 20 34.97 20.03 33.11
CA ALA D 20 34.10 20.04 34.28
C ALA D 20 32.88 19.16 34.06
N VAL D 21 32.27 19.28 32.88
CA VAL D 21 31.10 18.48 32.54
C VAL D 21 31.45 17.00 32.48
N LEU D 22 32.46 16.66 31.68
CA LEU D 22 32.90 15.28 31.56
C LEU D 22 33.31 14.70 32.91
N GLY D 23 34.03 15.49 33.69
CA GLY D 23 34.51 15.05 34.99
C GLY D 23 33.38 14.84 35.98
N SER D 24 32.58 15.87 36.21
CA SER D 24 31.49 15.80 37.18
C SER D 24 30.52 14.68 36.87
N ILE D 25 30.52 14.22 35.62
CA ILE D 25 29.69 13.09 35.22
C ILE D 25 30.37 11.78 35.61
N LEU D 26 31.68 11.71 35.41
CA LEU D 26 32.46 10.54 35.83
C LEU D 26 32.43 10.43 37.35
N THR D 27 32.16 11.56 38.01
CA THR D 27 32.02 11.58 39.46
C THR D 27 30.63 11.09 39.86
N GLU D 28 29.60 11.70 39.28
CA GLU D 28 28.23 11.30 39.53
C GLU D 28 27.62 10.70 38.26
N PRO D 29 27.73 9.37 38.12
CA PRO D 29 27.27 8.62 36.95
C PRO D 29 25.75 8.68 36.79
N GLU D 30 25.16 9.77 37.24
CA GLU D 30 23.71 9.95 37.18
C GLU D 30 23.40 11.36 36.69
N LEU D 31 24.45 12.05 36.25
CA LEU D 31 24.31 13.43 35.78
C LEU D 31 24.23 13.54 34.27
N ILE D 32 24.60 12.47 33.57
CA ILE D 32 24.42 12.40 32.11
C ILE D 32 22.96 12.59 31.75
N LYS D 33 22.09 12.25 32.69
CA LYS D 33 20.66 12.39 32.53
C LYS D 33 20.20 13.82 32.85
N GLU D 34 20.71 14.37 33.95
CA GLU D 34 20.32 15.71 34.40
C GLU D 34 20.73 16.84 33.45
N CYS D 35 21.46 16.48 32.38
CA CYS D 35 21.82 17.44 31.34
C CYS D 35 22.12 16.73 30.03
N PRO D 36 21.22 16.87 29.05
CA PRO D 36 21.31 16.17 27.77
C PRO D 36 22.30 16.82 26.82
N LEU D 37 23.15 16.00 26.21
CA LEU D 37 24.14 16.47 25.24
C LEU D 37 24.43 15.38 24.22
N THR D 38 25.11 15.75 23.14
CA THR D 38 25.61 14.79 22.17
C THR D 38 27.11 14.99 22.00
N PRO D 39 27.82 13.93 21.58
CA PRO D 39 29.26 14.04 21.41
C PRO D 39 29.64 15.25 20.55
N GLU D 40 28.70 15.69 19.72
CA GLU D 40 28.93 16.81 18.81
C GLU D 40 29.30 18.10 19.54
N HIS D 41 28.82 18.23 20.77
CA HIS D 41 29.08 19.41 21.60
C HIS D 41 30.56 19.50 21.96
N PHE D 42 31.17 18.35 22.22
CA PHE D 42 32.52 18.29 22.76
C PHE D 42 33.60 18.40 21.69
N SER D 43 34.78 18.85 22.11
CA SER D 43 35.94 18.93 21.24
C SER D 43 36.26 17.56 20.67
N PRO D 44 36.94 17.53 19.51
CA PRO D 44 37.24 16.29 18.79
C PRO D 44 38.13 15.33 19.59
N GLY D 45 38.15 14.07 19.17
CA GLY D 45 39.00 13.07 19.79
C GLY D 45 38.59 12.71 21.21
N LYS D 46 39.41 13.10 22.17
CA LYS D 46 39.19 12.78 23.58
C LYS D 46 37.77 13.13 24.01
N HIS D 47 37.57 14.38 24.40
CA HIS D 47 36.28 14.85 24.90
C HIS D 47 35.11 14.28 24.11
N PHE D 48 35.28 14.17 22.80
CA PHE D 48 34.28 13.58 21.92
C PHE D 48 34.04 12.12 22.32
N ASN D 49 35.05 11.29 22.14
CA ASN D 49 34.96 9.87 22.47
C ASN D 49 34.61 9.64 23.95
N ILE D 50 35.04 10.57 24.80
CA ILE D 50 34.74 10.49 26.23
C ILE D 50 33.23 10.53 26.46
N TYR D 51 32.50 11.20 25.58
CA TYR D 51 31.05 11.28 25.67
C TYR D 51 30.37 10.23 24.82
N PHE D 52 30.90 10.01 23.62
CA PHE D 52 30.33 9.03 22.69
C PHE D 52 30.16 7.69 23.39
N THR D 53 31.25 7.20 23.97
CA THR D 53 31.23 5.94 24.71
C THR D 53 30.47 6.10 26.02
N MET D 54 30.53 7.30 26.60
CA MET D 54 29.84 7.60 27.84
C MET D 54 28.33 7.56 27.66
N GLN D 55 27.87 8.11 26.53
CA GLN D 55 26.45 8.14 26.23
C GLN D 55 25.95 6.75 25.83
N ASP D 56 26.77 6.02 25.07
CA ASP D 56 26.40 4.69 24.60
C ASP D 56 26.04 3.75 25.76
N LEU D 57 26.85 3.77 26.80
CA LEU D 57 26.62 2.90 27.96
C LEU D 57 25.32 3.25 28.69
N ASP D 58 24.86 4.49 28.52
CA ASP D 58 23.61 4.93 29.13
C ASP D 58 22.41 4.42 28.35
N ARG D 59 22.46 4.56 27.03
CA ARG D 59 21.39 4.09 26.15
C ARG D 59 21.22 2.58 26.27
N LYS D 60 22.33 1.88 26.52
CA LYS D 60 22.30 0.44 26.70
C LYS D 60 21.76 0.07 28.08
N GLY D 61 21.42 1.08 28.87
CA GLY D 61 20.83 0.88 30.19
C GLY D 61 21.82 0.40 31.23
N GLN D 62 22.92 1.14 31.38
CA GLN D 62 23.97 0.78 32.33
C GLN D 62 24.47 2.01 33.09
N SER D 63 25.64 1.88 33.72
CA SER D 63 26.23 2.97 34.48
C SER D 63 27.45 3.54 33.76
N VAL D 64 27.86 4.74 34.15
CA VAL D 64 28.98 5.40 33.50
C VAL D 64 30.06 5.84 34.50
N ASP D 65 31.07 5.00 34.66
CA ASP D 65 32.21 5.30 35.51
C ASP D 65 33.49 4.79 34.86
N PHE D 66 34.64 5.29 35.33
CA PHE D 66 35.93 4.89 34.77
C PHE D 66 35.93 3.39 34.51
N THR D 67 35.67 2.63 35.56
CA THR D 67 35.68 1.18 35.52
C THR D 67 34.88 0.63 34.34
N SER D 68 33.67 1.15 34.17
CA SER D 68 32.78 0.67 33.11
C SER D 68 33.21 1.15 31.73
N ILE D 69 33.57 2.43 31.63
CA ILE D 69 34.01 3.00 30.36
C ILE D 69 35.23 2.25 29.82
N ALA D 70 36.26 2.14 30.66
CA ALA D 70 37.49 1.46 30.27
C ALA D 70 37.25 -0.03 30.02
N ALA D 71 36.15 -0.56 30.57
CA ALA D 71 35.79 -1.95 30.35
C ALA D 71 35.11 -2.12 29.00
N ARG D 72 34.48 -1.06 28.52
CA ARG D 72 33.80 -1.06 27.23
C ARG D 72 34.81 -1.10 26.09
N VAL D 73 35.53 0.01 25.92
CA VAL D 73 36.55 0.10 24.87
C VAL D 73 37.91 -0.36 25.37
N GLY D 74 38.07 -1.67 25.51
CA GLY D 74 39.26 -2.27 26.10
C GLY D 74 40.55 -1.98 25.35
N GLU D 75 40.52 -2.19 24.03
CA GLU D 75 41.70 -1.99 23.20
C GLU D 75 41.86 -0.52 22.83
N LYS D 76 40.73 0.15 22.60
CA LYS D 76 40.74 1.54 22.15
C LYS D 76 40.59 2.53 23.30
N LEU D 77 41.10 2.14 24.47
CA LEU D 77 41.07 3.01 25.65
C LEU D 77 41.94 4.26 25.48
N PRO D 78 43.15 4.10 24.92
CA PRO D 78 44.06 5.23 24.75
C PRO D 78 43.48 6.40 23.96
N GLN D 79 42.53 6.11 23.07
CA GLN D 79 41.90 7.15 22.25
C GLN D 79 41.01 8.08 23.09
N LEU D 80 40.87 7.75 24.37
CA LEU D 80 40.12 8.59 25.29
C LEU D 80 41.08 9.30 26.25
N GLY D 81 42.35 9.36 25.86
CA GLY D 81 43.37 9.98 26.68
C GLY D 81 43.97 9.01 27.68
N GLY D 82 43.62 7.74 27.53
CA GLY D 82 44.06 6.71 28.46
C GLY D 82 43.31 6.78 29.78
N PHE D 83 43.47 5.75 30.61
CA PHE D 83 42.80 5.72 31.91
C PHE D 83 43.27 6.88 32.78
N GLY D 84 44.55 7.22 32.66
CA GLY D 84 45.13 8.30 33.45
C GLY D 84 44.49 9.65 33.24
N TYR D 85 43.67 9.76 32.19
CA TYR D 85 42.99 11.02 31.90
C TYR D 85 41.60 11.09 32.51
N LEU D 86 40.90 9.96 32.51
CA LEU D 86 39.58 9.87 33.13
C LEU D 86 39.67 10.27 34.60
N THR D 87 40.71 9.79 35.27
CA THR D 87 40.94 10.12 36.67
C THR D 87 41.29 11.58 36.87
N GLU D 88 42.07 12.14 35.94
CA GLU D 88 42.45 13.54 36.01
C GLU D 88 41.21 14.43 35.83
N LEU D 89 40.30 14.00 34.96
CA LEU D 89 39.04 14.70 34.76
C LEU D 89 38.19 14.65 36.03
N ALA D 90 38.08 13.45 36.60
CA ALA D 90 37.29 13.25 37.81
C ALA D 90 37.86 14.03 39.00
N ALA D 91 39.17 14.25 38.98
CA ALA D 91 39.83 14.99 40.04
C ALA D 91 39.69 16.49 39.83
N SER D 92 39.57 16.91 38.57
CA SER D 92 39.49 18.33 38.23
C SER D 92 38.22 18.98 38.78
N VAL D 93 37.22 18.16 39.08
CA VAL D 93 35.95 18.66 39.59
C VAL D 93 35.98 18.84 41.10
N ALA D 94 36.01 20.10 41.53
CA ALA D 94 35.97 20.41 42.95
C ALA D 94 34.64 19.98 43.54
N SER D 95 33.55 20.49 42.98
CA SER D 95 32.21 20.13 43.41
C SER D 95 31.27 20.05 42.22
N THR D 96 30.34 19.10 42.27
CA THR D 96 29.40 18.90 41.17
C THR D 96 28.19 19.83 41.29
N THR D 97 28.40 21.00 41.87
CA THR D 97 27.33 21.97 42.06
C THR D 97 27.22 22.91 40.86
N THR D 98 28.35 23.19 40.24
CA THR D 98 28.38 24.07 39.07
C THR D 98 28.20 23.30 37.77
N PHE D 99 27.71 22.07 37.88
CA PHE D 99 27.47 21.22 36.72
C PHE D 99 26.49 21.88 35.76
N LYS D 100 25.48 22.53 36.31
CA LYS D 100 24.49 23.24 35.52
C LYS D 100 25.13 24.39 34.75
N GLN D 101 25.85 25.24 35.47
CA GLN D 101 26.52 26.40 34.88
C GLN D 101 27.50 26.00 33.79
N HIS D 102 28.21 24.90 33.99
CA HIS D 102 29.19 24.42 33.01
C HIS D 102 28.52 23.68 31.85
N CYS D 103 27.45 22.95 32.14
CA CYS D 103 26.72 22.24 31.10
C CYS D 103 26.01 23.21 30.18
N GLN D 104 25.91 24.47 30.62
CA GLN D 104 25.34 25.52 29.80
C GLN D 104 26.41 26.19 28.96
N THR D 105 27.57 26.44 29.58
CA THR D 105 28.71 27.03 28.87
C THR D 105 29.15 26.12 27.73
N VAL D 106 28.95 24.82 27.92
CA VAL D 106 29.22 23.85 26.86
C VAL D 106 28.14 23.93 25.78
N SER D 107 26.90 24.15 26.21
CA SER D 107 25.77 24.21 25.30
C SER D 107 25.76 25.52 24.50
N GLU D 108 26.13 26.61 25.16
CA GLU D 108 26.22 27.91 24.48
C GLU D 108 27.23 27.86 23.34
N TYR D 109 28.37 27.23 23.60
CA TYR D 109 29.42 27.09 22.59
C TYR D 109 29.02 26.10 21.49
N PHE D 110 28.01 25.28 21.75
CA PHE D 110 27.52 24.36 20.74
C PHE D 110 26.66 25.07 19.70
N GLN D 111 25.77 25.93 20.18
CA GLN D 111 24.95 26.76 19.29
C GLN D 111 25.86 27.63 18.45
N LYS D 112 26.82 28.26 19.11
CA LYS D 112 27.81 29.12 18.46
C LYS D 112 28.57 28.38 17.37
N ARG D 113 28.82 27.10 17.58
CA ARG D 113 29.51 26.26 16.59
C ARG D 113 28.63 26.02 15.37
N LYS D 114 27.36 25.73 15.61
CA LYS D 114 26.42 25.41 14.54
C LYS D 114 25.88 26.67 13.87
N ALA D 115 25.77 27.75 14.64
CA ALA D 115 25.33 29.03 14.10
C ALA D 115 26.23 29.49 12.97
N ILE D 116 27.53 29.24 13.13
CA ILE D 116 28.49 29.54 12.07
C ILE D 116 28.41 28.47 10.98
N SER D 117 28.24 27.22 11.40
CA SER D 117 28.14 26.10 10.47
C SER D 117 26.90 26.23 9.57
N ILE D 118 25.90 26.96 10.05
CA ILE D 118 24.70 27.20 9.27
C ILE D 118 24.73 28.58 8.61
N ALA D 119 25.67 29.42 9.01
CA ALA D 119 25.85 30.74 8.41
C ALA D 119 26.68 30.63 7.14
N GLN D 120 27.86 30.02 7.25
CA GLN D 120 28.71 29.78 6.09
C GLN D 120 28.09 28.67 5.24
N GLN D 121 26.96 28.14 5.71
CA GLN D 121 26.19 27.17 4.97
C GLN D 121 25.41 27.88 3.86
N ILE D 122 24.76 28.98 4.24
CA ILE D 122 24.01 29.79 3.30
C ILE D 122 24.90 30.26 2.15
N ILE D 123 26.07 30.80 2.50
CA ILE D 123 27.03 31.29 1.52
C ILE D 123 27.25 30.28 0.39
N GLU D 124 27.71 29.09 0.76
CA GLU D 124 28.00 28.04 -0.20
C GLU D 124 26.75 27.48 -0.88
N ASN D 125 25.65 27.45 -0.12
CA ASN D 125 24.37 26.93 -0.63
C ASN D 125 23.80 27.75 -1.78
N VAL D 126 23.58 29.04 -1.54
CA VAL D 126 23.02 29.94 -2.53
C VAL D 126 23.81 29.86 -3.84
N ASN D 127 25.13 29.70 -3.72
CA ASN D 127 26.02 29.64 -4.86
C ASN D 127 25.59 28.60 -5.91
N VAL D 134 18.46 26.46 -8.80
CA VAL D 134 17.31 27.21 -9.28
C VAL D 134 17.24 28.60 -8.62
N LYS D 135 16.20 28.80 -7.79
CA LYS D 135 16.02 30.05 -7.09
C LYS D 135 16.48 29.96 -5.64
N PRO D 136 17.28 30.94 -5.19
CA PRO D 136 17.79 30.97 -3.82
C PRO D 136 16.73 31.34 -2.79
N ILE D 137 15.47 31.10 -3.13
CA ILE D 137 14.36 31.40 -2.23
C ILE D 137 14.22 30.32 -1.17
N GLN D 138 14.11 29.07 -1.60
CA GLN D 138 13.97 27.94 -0.68
C GLN D 138 15.19 27.80 0.21
N GLU D 139 16.28 28.45 -0.18
CA GLU D 139 17.51 28.46 0.62
C GLU D 139 17.29 29.26 1.89
N ALA D 140 17.06 30.56 1.74
CA ALA D 140 16.80 31.44 2.87
C ALA D 140 15.66 30.91 3.74
N VAL D 141 14.86 30.01 3.18
CA VAL D 141 13.77 29.38 3.93
C VAL D 141 14.29 28.16 4.70
N SER D 142 15.01 27.29 4.01
CA SER D 142 15.59 26.10 4.63
C SER D 142 16.68 26.48 5.63
N GLU D 143 17.43 27.52 5.30
CA GLU D 143 18.49 27.99 6.18
C GLU D 143 17.93 28.81 7.34
N LEU D 144 16.62 29.00 7.34
CA LEU D 144 15.95 29.75 8.41
C LEU D 144 15.46 28.81 9.49
N MET D 145 14.82 27.71 9.07
CA MET D 145 14.28 26.71 9.98
C MET D 145 15.39 26.11 10.85
N GLU D 146 16.58 25.98 10.27
CA GLU D 146 17.74 25.47 11.00
C GLU D 146 18.28 26.48 12.02
N ILE D 147 18.27 27.75 11.64
CA ILE D 147 18.82 28.80 12.50
C ILE D 147 17.98 29.06 13.75
N GLU D 148 16.75 28.55 13.75
CA GLU D 148 15.86 28.72 14.90
C GLU D 148 15.83 27.46 15.77
N ILE D 159 3.24 26.97 38.34
CA ILE D 159 3.04 28.27 37.73
C ILE D 159 2.45 29.24 38.75
N ASP D 160 3.15 30.36 38.92
CA ASP D 160 2.68 31.44 39.80
C ASP D 160 3.01 32.76 39.13
N GLU D 161 4.17 32.77 38.47
CA GLU D 161 4.65 33.92 37.72
C GLU D 161 3.57 34.47 36.78
N ALA D 162 3.08 33.61 35.88
CA ALA D 162 2.11 34.01 34.87
C ALA D 162 0.67 33.81 35.32
N LEU D 163 0.27 34.50 36.38
CA LEU D 163 -1.13 34.46 36.84
C LEU D 163 -1.55 35.79 37.44
N VAL D 164 -0.57 36.64 37.76
CA VAL D 164 -0.87 37.96 38.32
C VAL D 164 -1.53 38.89 37.30
N THR D 165 -1.17 38.70 36.03
CA THR D 165 -1.83 39.42 34.94
C THR D 165 -3.25 38.90 34.74
N VAL D 166 -3.42 37.58 34.88
CA VAL D 166 -4.73 36.96 34.78
C VAL D 166 -5.74 37.73 35.62
N TYR D 167 -5.31 38.18 36.79
CA TYR D 167 -6.16 38.98 37.66
C TYR D 167 -6.68 40.20 36.90
N GLU D 168 -5.76 40.99 36.38
CA GLU D 168 -6.08 42.24 35.69
C GLU D 168 -6.91 42.01 34.44
N GLU D 169 -6.90 40.78 33.94
CA GLU D 169 -7.65 40.42 32.74
C GLU D 169 -9.14 40.56 33.01
N ILE D 170 -9.58 39.91 34.08
CA ILE D 170 -10.98 39.95 34.50
C ILE D 170 -11.35 41.34 35.01
N GLU D 171 -10.41 41.96 35.72
CA GLU D 171 -10.59 43.32 36.21
C GLU D 171 -10.75 44.28 35.02
N SER D 172 -9.98 44.03 33.96
CA SER D 172 -10.07 44.83 32.75
C SER D 172 -11.29 44.44 31.92
N ALA D 173 -12.31 43.92 32.58
CA ALA D 173 -13.57 43.61 31.92
C ALA D 173 -14.15 44.90 31.36
N ASP D 174 -14.59 44.87 30.10
CA ASP D 174 -14.99 46.11 29.43
C ASP D 174 -16.45 46.20 29.21
N GLY D 175 -16.98 45.14 28.69
CA GLY D 175 -18.37 45.11 28.46
C GLY D 175 -18.60 45.19 26.99
N ASN D 176 -17.55 45.32 26.22
CA ASN D 176 -17.76 45.36 24.80
C ASN D 176 -17.07 44.27 24.09
N ILE D 177 -16.50 44.53 22.94
CA ILE D 177 -15.94 43.43 22.23
C ILE D 177 -14.43 43.42 22.46
N THR D 178 -13.91 42.29 22.94
CA THR D 178 -12.47 42.16 23.20
C THR D 178 -11.70 41.86 21.93
N GLY D 179 -12.15 40.83 21.21
CA GLY D 179 -11.47 40.38 20.00
C GLY D 179 -11.97 41.03 18.73
N VAL D 180 -11.93 40.29 17.62
CA VAL D 180 -12.34 40.80 16.32
C VAL D 180 -13.84 40.64 16.10
N PRO D 181 -14.55 41.77 15.97
CA PRO D 181 -16.01 41.76 15.83
C PRO D 181 -16.46 41.17 14.50
N SER D 182 -17.56 40.42 14.54
CA SER D 182 -18.11 39.81 13.34
C SER D 182 -18.85 40.85 12.49
N GLY D 183 -19.52 41.77 13.16
CA GLY D 183 -20.30 42.80 12.48
C GLY D 183 -21.79 42.57 12.65
N PHE D 184 -22.14 41.59 13.48
CA PHE D 184 -23.53 41.27 13.75
C PHE D 184 -23.79 41.35 15.26
N THR D 185 -24.44 42.43 15.68
CA THR D 185 -24.65 42.73 17.09
C THR D 185 -25.06 41.51 17.92
N GLU D 186 -25.95 40.68 17.37
CA GLU D 186 -26.47 39.53 18.10
C GLU D 186 -25.48 38.36 18.16
N LEU D 187 -24.46 38.39 17.32
CA LEU D 187 -23.45 37.35 17.30
C LEU D 187 -22.28 37.68 18.22
N ASP D 188 -21.84 38.93 18.16
CA ASP D 188 -20.73 39.39 19.00
C ASP D 188 -21.11 39.40 20.48
N ARG D 189 -22.42 39.33 20.74
CA ARG D 189 -22.91 39.28 22.12
C ARG D 189 -22.82 37.85 22.65
N MET D 190 -22.02 37.03 21.97
CA MET D 190 -21.82 35.64 22.37
C MET D 190 -20.34 35.28 22.32
N THR D 191 -19.63 35.83 21.35
CA THR D 191 -18.23 35.52 21.14
C THR D 191 -17.34 36.59 21.74
N TYR D 192 -17.82 37.83 21.72
CA TYR D 192 -17.04 39.00 22.15
C TYR D 192 -15.81 39.15 21.27
N GLY D 193 -16.03 38.97 19.97
CA GLY D 193 -14.97 39.05 18.97
C GLY D 193 -14.18 37.76 18.88
N TYR D 194 -14.10 37.21 17.68
CA TYR D 194 -13.26 36.04 17.45
C TYR D 194 -11.89 36.34 18.04
N LYS D 195 -11.42 35.47 18.93
CA LYS D 195 -10.15 35.69 19.63
C LYS D 195 -8.97 35.68 18.68
N ARG D 196 -7.78 35.42 19.22
CA ARG D 196 -6.57 35.43 18.40
C ARG D 196 -6.09 34.04 17.99
N ARG D 197 -6.34 33.04 18.82
CA ARG D 197 -5.86 31.69 18.54
C ARG D 197 -6.98 30.80 17.98
N ASN D 198 -8.19 31.35 17.92
CA ASN D 198 -9.36 30.59 17.50
C ASN D 198 -9.33 30.16 16.04
N PHE D 199 -10.04 29.07 15.75
CA PHE D 199 -10.18 28.57 14.39
C PHE D 199 -11.66 28.31 14.11
N VAL D 200 -12.33 29.31 13.58
CA VAL D 200 -13.78 29.21 13.35
C VAL D 200 -14.07 28.56 12.00
N LEU D 201 -15.24 27.93 11.91
CA LEU D 201 -15.63 27.23 10.70
C LEU D 201 -17.01 27.67 10.21
N ILE D 202 -17.05 28.27 9.03
CA ILE D 202 -18.32 28.68 8.44
C ILE D 202 -18.72 27.69 7.35
N ALA D 203 -19.42 26.63 7.75
CA ALA D 203 -19.83 25.59 6.82
C ALA D 203 -21.32 25.68 6.51
N ALA D 204 -21.70 25.23 5.32
CA ALA D 204 -23.10 25.24 4.89
C ALA D 204 -23.27 24.63 3.51
N ARG D 205 -24.52 24.35 3.14
CA ARG D 205 -24.84 23.84 1.81
C ARG D 205 -24.68 24.96 0.78
N PRO D 206 -24.53 24.59 -0.50
CA PRO D 206 -24.46 25.58 -1.58
C PRO D 206 -25.73 26.44 -1.66
N SER D 207 -25.56 27.70 -2.05
CA SER D 207 -26.67 28.64 -2.18
C SER D 207 -27.35 28.93 -0.85
N MET D 208 -26.56 29.38 0.13
CA MET D 208 -27.09 29.75 1.44
C MET D 208 -26.50 31.09 1.86
N GLY D 209 -25.57 31.59 1.05
CA GLY D 209 -24.88 32.83 1.36
C GLY D 209 -23.53 32.57 1.98
N LYS D 210 -23.11 31.32 1.94
CA LYS D 210 -21.84 30.89 2.52
C LYS D 210 -20.69 31.86 2.19
N THR D 211 -20.69 32.35 0.95
CA THR D 211 -19.63 33.24 0.48
C THR D 211 -19.90 34.70 0.85
N ALA D 212 -21.12 35.16 0.61
CA ALA D 212 -21.51 36.54 0.88
C ALA D 212 -21.45 36.86 2.38
N PHE D 213 -21.72 35.86 3.20
CA PHE D 213 -21.64 35.97 4.65
C PHE D 213 -20.20 36.18 5.08
N ALA D 214 -19.28 35.58 4.34
CA ALA D 214 -17.85 35.72 4.61
C ALA D 214 -17.37 37.10 4.18
N LEU D 215 -17.74 37.50 2.96
CA LEU D 215 -17.35 38.79 2.41
C LEU D 215 -17.95 39.96 3.19
N LYS D 216 -18.96 39.66 4.01
CA LYS D 216 -19.55 40.66 4.88
C LYS D 216 -18.66 40.88 6.10
N GLN D 217 -18.39 39.78 6.82
CA GLN D 217 -17.51 39.84 7.97
C GLN D 217 -16.13 40.35 7.55
N ALA D 218 -15.78 40.09 6.30
CA ALA D 218 -14.52 40.58 5.74
C ALA D 218 -14.39 42.09 5.89
N LYS D 219 -15.40 42.81 5.43
CA LYS D 219 -15.38 44.27 5.50
C LYS D 219 -15.59 44.79 6.92
N ASN D 220 -16.60 44.25 7.61
CA ASN D 220 -16.89 44.66 8.98
C ASN D 220 -15.65 44.68 9.85
N MET D 221 -14.73 43.76 9.60
CA MET D 221 -13.46 43.71 10.32
C MET D 221 -12.50 44.78 9.82
N SER D 222 -12.58 45.07 8.52
CA SER D 222 -11.74 46.10 7.92
C SER D 222 -12.22 47.50 8.28
N ASP D 223 -13.42 47.58 8.84
CA ASP D 223 -13.95 48.85 9.32
C ASP D 223 -13.57 49.07 10.78
N ASN D 224 -13.46 47.98 11.53
CA ASN D 224 -12.97 48.04 12.90
C ASN D 224 -11.44 48.12 12.90
N ASP D 225 -10.90 48.52 11.75
CA ASP D 225 -9.46 48.67 11.55
C ASP D 225 -8.69 47.39 11.88
N ASP D 226 -9.02 46.32 11.18
CA ASP D 226 -8.28 45.06 11.27
C ASP D 226 -7.96 44.60 9.86
N VAL D 227 -6.99 43.70 9.73
CA VAL D 227 -6.57 43.22 8.42
C VAL D 227 -7.21 41.87 8.09
N VAL D 228 -7.88 41.81 6.95
CA VAL D 228 -8.53 40.58 6.50
C VAL D 228 -7.85 40.01 5.26
N ASN D 229 -7.23 38.85 5.42
CA ASN D 229 -6.64 38.13 4.30
C ASN D 229 -7.63 37.13 3.70
N LEU D 230 -8.19 37.48 2.56
CA LEU D 230 -9.17 36.64 1.89
C LEU D 230 -8.50 35.73 0.87
N HIS D 231 -8.48 34.43 1.17
CA HIS D 231 -7.93 33.45 0.25
C HIS D 231 -9.04 32.77 -0.55
N SER D 232 -9.37 33.33 -1.70
CA SER D 232 -10.39 32.74 -2.57
C SER D 232 -9.75 31.82 -3.59
N LEU D 233 -9.86 30.51 -3.35
CA LEU D 233 -9.27 29.51 -4.24
C LEU D 233 -10.27 29.13 -5.32
N GLU D 234 -11.54 29.49 -5.09
CA GLU D 234 -12.61 29.14 -6.01
C GLU D 234 -12.88 30.27 -7.00
N MET D 235 -12.89 31.50 -6.50
CA MET D 235 -13.21 32.65 -7.33
C MET D 235 -11.96 33.44 -7.72
N GLY D 236 -12.16 34.56 -8.39
CA GLY D 236 -11.07 35.41 -8.83
C GLY D 236 -10.95 36.65 -7.96
N LYS D 237 -9.76 37.27 -8.00
CA LYS D 237 -9.50 38.50 -7.25
C LYS D 237 -10.53 39.56 -7.62
N LYS D 238 -11.12 39.41 -8.80
CA LYS D 238 -12.10 40.37 -9.31
C LYS D 238 -13.48 40.20 -8.70
N GLU D 239 -14.08 39.03 -8.89
CA GLU D 239 -15.43 38.76 -8.41
C GLU D 239 -15.57 39.06 -6.91
N ASN D 240 -14.52 38.76 -6.15
CA ASN D 240 -14.51 39.06 -4.73
C ASN D 240 -14.67 40.55 -4.46
N ILE D 241 -14.06 41.37 -5.30
CA ILE D 241 -14.23 42.82 -5.21
C ILE D 241 -15.60 43.21 -5.77
N LYS D 242 -15.94 42.67 -6.94
CA LYS D 242 -17.21 42.94 -7.58
C LYS D 242 -18.38 42.68 -6.62
N ARG D 243 -18.18 41.74 -5.70
CA ARG D 243 -19.18 41.44 -4.68
C ARG D 243 -19.09 42.41 -3.51
N LEU D 244 -17.85 42.76 -3.14
CA LEU D 244 -17.62 43.70 -2.04
C LEU D 244 -18.21 45.08 -2.33
N ILE D 245 -18.35 45.39 -3.62
CA ILE D 245 -18.91 46.67 -4.06
C ILE D 245 -20.42 46.63 -4.03
N VAL D 246 -20.99 45.62 -4.69
CA VAL D 246 -22.44 45.44 -4.74
C VAL D 246 -23.03 45.26 -3.33
N THR D 247 -22.16 44.96 -2.38
CA THR D 247 -22.56 44.80 -0.99
C THR D 247 -22.37 46.08 -0.20
N ALA D 248 -21.36 46.86 -0.57
CA ALA D 248 -21.00 48.07 0.16
C ALA D 248 -21.92 49.24 -0.18
N GLY D 249 -22.17 49.45 -1.46
CA GLY D 249 -22.99 50.57 -1.91
C GLY D 249 -24.48 50.27 -1.93
N SER D 250 -24.82 49.01 -1.69
CA SER D 250 -26.21 48.55 -1.71
C SER D 250 -26.81 48.59 -3.11
N ILE D 251 -25.95 48.71 -4.12
CA ILE D 251 -26.40 48.74 -5.50
C ILE D 251 -26.89 47.35 -5.89
N ASN D 252 -27.80 47.29 -6.87
CA ASN D 252 -28.37 46.01 -7.30
C ASN D 252 -27.35 45.15 -8.04
N ALA D 253 -27.29 43.87 -7.69
CA ALA D 253 -26.30 42.96 -8.23
C ALA D 253 -26.45 42.72 -9.73
N GLN D 254 -27.69 42.64 -10.20
CA GLN D 254 -27.95 42.35 -11.60
C GLN D 254 -27.72 43.58 -12.48
N LYS D 255 -28.01 44.76 -11.95
CA LYS D 255 -27.81 46.02 -12.69
C LYS D 255 -26.40 46.12 -13.27
N ILE D 256 -25.43 46.30 -12.39
CA ILE D 256 -24.03 46.47 -12.78
C ILE D 256 -23.58 45.45 -13.85
N LYS D 257 -23.55 44.18 -13.46
CA LYS D 257 -23.09 43.10 -14.32
C LYS D 257 -22.83 43.53 -15.76
N ALA D 258 -23.90 43.68 -16.54
CA ALA D 258 -23.78 44.09 -17.94
C ALA D 258 -24.55 45.39 -18.21
N ALA D 259 -25.80 45.44 -17.77
CA ALA D 259 -26.66 46.60 -18.00
C ALA D 259 -25.99 47.91 -17.58
N ARG D 260 -25.78 48.08 -16.28
CA ARG D 260 -25.07 49.23 -15.72
C ARG D 260 -25.11 50.49 -16.58
N ARG D 261 -24.15 50.59 -17.51
CA ARG D 261 -23.99 51.77 -18.36
C ARG D 261 -25.31 52.44 -18.72
N ASP D 262 -26.09 51.76 -19.57
CA ASP D 262 -27.33 52.33 -20.08
C ASP D 262 -28.58 51.72 -19.43
N PHE D 263 -28.50 51.43 -18.14
CA PHE D 263 -29.64 50.81 -17.46
C PHE D 263 -29.86 51.36 -16.04
N ALA D 264 -28.80 51.86 -15.42
CA ALA D 264 -28.91 52.37 -14.06
C ALA D 264 -28.48 53.83 -13.95
N SER D 265 -29.18 54.58 -13.10
CA SER D 265 -28.91 56.01 -12.91
C SER D 265 -28.96 56.39 -11.44
N GLU D 266 -28.22 57.45 -11.09
CA GLU D 266 -28.16 57.94 -9.71
C GLU D 266 -27.57 56.89 -8.77
N ASP D 267 -27.13 55.78 -9.33
CA ASP D 267 -26.45 54.73 -8.58
C ASP D 267 -24.95 54.98 -8.62
N TRP D 268 -24.53 55.81 -9.57
CA TRP D 268 -23.12 56.19 -9.69
C TRP D 268 -22.64 56.86 -8.41
N GLY D 269 -23.58 57.41 -7.66
CA GLY D 269 -23.29 57.98 -6.35
C GLY D 269 -22.94 56.89 -5.36
N LYS D 270 -23.74 55.83 -5.36
CA LYS D 270 -23.50 54.68 -4.48
C LYS D 270 -22.31 53.86 -4.99
N LEU D 271 -21.98 54.03 -6.26
CA LEU D 271 -20.85 53.32 -6.87
C LEU D 271 -19.55 54.07 -6.62
N SER D 272 -19.53 55.36 -6.94
CA SER D 272 -18.36 56.19 -6.71
C SER D 272 -18.08 56.34 -5.22
N MET D 273 -18.91 55.68 -4.41
CA MET D 273 -18.72 55.67 -2.96
C MET D 273 -18.16 54.32 -2.52
N ALA D 274 -18.73 53.24 -3.07
CA ALA D 274 -18.28 51.88 -2.74
C ALA D 274 -16.86 51.64 -3.24
N ILE D 275 -16.61 52.00 -4.49
CA ILE D 275 -15.28 51.88 -5.09
C ILE D 275 -14.23 52.50 -4.17
N GLY D 276 -14.60 53.58 -3.50
CA GLY D 276 -13.72 54.22 -2.53
C GLY D 276 -13.55 53.38 -1.28
N GLU D 277 -14.67 52.91 -0.72
CA GLU D 277 -14.66 52.10 0.49
C GLU D 277 -13.73 50.89 0.37
N ILE D 278 -13.85 50.16 -0.74
CA ILE D 278 -13.06 48.95 -0.96
C ILE D 278 -11.57 49.27 -1.07
N SER D 279 -11.24 50.41 -1.67
CA SER D 279 -9.86 50.84 -1.81
C SER D 279 -9.35 51.50 -0.54
N ASN D 280 -10.27 51.87 0.34
CA ASN D 280 -9.92 52.49 1.60
C ASN D 280 -9.99 51.46 2.73
N SER D 281 -10.04 50.19 2.35
CA SER D 281 -10.18 49.09 3.29
C SER D 281 -8.88 48.30 3.44
N ASN D 282 -8.84 47.41 4.43
CA ASN D 282 -7.67 46.59 4.68
C ASN D 282 -7.84 45.17 4.17
N ILE D 283 -8.59 45.02 3.08
CA ILE D 283 -8.85 43.71 2.48
C ILE D 283 -7.73 43.30 1.54
N ASN D 284 -7.12 42.15 1.80
CA ASN D 284 -6.12 41.59 0.90
C ASN D 284 -6.61 40.28 0.30
N ILE D 285 -6.57 40.19 -1.03
CA ILE D 285 -7.10 39.02 -1.72
C ILE D 285 -6.02 38.22 -2.45
N PHE D 286 -5.88 36.96 -2.08
CA PHE D 286 -4.96 36.05 -2.76
C PHE D 286 -5.77 35.04 -3.57
N ASP D 287 -5.39 34.84 -4.83
CA ASP D 287 -6.15 33.97 -5.71
C ASP D 287 -5.31 32.99 -6.53
N LYS D 288 -4.18 32.57 -5.98
CA LYS D 288 -3.38 31.52 -6.63
C LYS D 288 -4.21 30.24 -6.67
N ALA D 289 -4.14 29.52 -7.78
CA ALA D 289 -4.97 28.34 -7.99
C ALA D 289 -4.82 27.30 -6.88
N GLY D 290 -3.60 26.84 -6.65
CA GLY D 290 -3.32 25.83 -5.64
C GLY D 290 -2.63 26.39 -4.42
N GLN D 291 -3.34 26.39 -3.29
CA GLN D 291 -2.79 26.96 -2.06
C GLN D 291 -2.67 25.92 -0.96
N SER D 292 -1.44 25.65 -0.53
CA SER D 292 -1.19 24.76 0.59
C SER D 292 -1.34 25.55 1.88
N VAL D 293 -1.63 24.87 2.98
CA VAL D 293 -1.73 25.52 4.27
C VAL D 293 -0.45 26.29 4.59
N ASN D 294 0.67 25.75 4.11
CA ASN D 294 1.98 26.37 4.28
C ASN D 294 2.11 27.65 3.46
N TYR D 295 1.46 27.67 2.29
CA TYR D 295 1.44 28.86 1.44
C TYR D 295 0.74 30.00 2.18
N ILE D 296 -0.47 29.72 2.65
CA ILE D 296 -1.23 30.69 3.43
C ILE D 296 -0.43 31.15 4.64
N TRP D 297 0.25 30.21 5.29
CA TRP D 297 1.09 30.51 6.44
C TRP D 297 2.10 31.61 6.10
N SER D 298 2.85 31.40 5.01
CA SER D 298 3.85 32.36 4.57
C SER D 298 3.25 33.73 4.31
N LYS D 299 2.13 33.76 3.61
CA LYS D 299 1.45 35.01 3.28
C LYS D 299 0.84 35.67 4.52
N THR D 300 0.77 34.92 5.61
CA THR D 300 0.24 35.46 6.86
C THR D 300 1.33 36.15 7.67
N ARG D 301 2.50 35.52 7.76
CA ARG D 301 3.64 36.13 8.43
C ARG D 301 3.96 37.46 7.75
N GLN D 302 4.05 37.41 6.43
CA GLN D 302 4.39 38.56 5.60
C GLN D 302 3.43 39.73 5.85
N THR D 303 2.14 39.44 5.85
CA THR D 303 1.12 40.47 6.09
C THR D 303 1.19 40.97 7.53
N LYS D 304 1.53 40.08 8.46
CA LYS D 304 1.64 40.43 9.87
C LYS D 304 2.91 41.23 10.14
N ARG D 305 3.94 41.00 9.34
CA ARG D 305 5.21 41.71 9.49
C ARG D 305 5.10 43.13 8.93
N LYS D 306 4.55 43.25 7.73
CA LYS D 306 4.36 44.55 7.09
C LYS D 306 3.40 45.43 7.89
N ASN D 307 2.50 44.79 8.63
CA ASN D 307 1.50 45.50 9.44
C ASN D 307 1.67 45.24 10.93
N PRO D 308 2.48 46.06 11.61
CA PRO D 308 2.73 45.88 13.03
C PRO D 308 1.59 46.41 13.90
N GLY D 309 1.45 45.84 15.09
CA GLY D 309 0.48 46.33 16.07
C GLY D 309 -0.96 45.95 15.83
N LYS D 310 -1.32 45.71 14.57
CA LYS D 310 -2.70 45.41 14.21
C LYS D 310 -2.98 43.91 14.09
N ARG D 311 -4.21 43.53 14.40
CA ARG D 311 -4.63 42.13 14.33
C ARG D 311 -4.88 41.69 12.89
N VAL D 312 -4.69 40.40 12.63
CA VAL D 312 -4.88 39.86 11.29
C VAL D 312 -5.86 38.68 11.28
N ILE D 313 -6.76 38.68 10.31
CA ILE D 313 -7.71 37.59 10.14
C ILE D 313 -7.48 36.91 8.79
N VAL D 314 -7.44 35.58 8.80
CA VAL D 314 -7.21 34.82 7.57
C VAL D 314 -8.46 34.03 7.17
N MET D 315 -9.11 34.48 6.10
CA MET D 315 -10.29 33.79 5.58
C MET D 315 -9.91 32.84 4.45
N ILE D 316 -10.65 31.74 4.34
CA ILE D 316 -10.42 30.75 3.29
C ILE D 316 -11.74 30.35 2.65
N ASP D 317 -11.87 30.63 1.35
CA ASP D 317 -13.11 30.35 0.63
C ASP D 317 -13.12 28.92 0.08
N TYR D 318 -13.19 27.96 1.00
CA TYR D 318 -13.20 26.53 0.66
C TYR D 318 -12.09 25.77 1.37
N LEU D 319 -12.46 25.05 2.42
CA LEU D 319 -11.51 24.24 3.16
C LEU D 319 -11.06 23.04 2.32
N GLN D 320 -11.92 22.63 1.40
CA GLN D 320 -11.67 21.44 0.59
C GLN D 320 -10.83 21.74 -0.65
N LEU D 321 -10.85 22.99 -1.11
CA LEU D 321 -10.07 23.38 -2.26
C LEU D 321 -8.61 23.68 -1.91
N LEU D 322 -8.28 23.64 -0.63
CA LEU D 322 -6.91 23.80 -0.18
C LEU D 322 -6.08 22.61 -0.63
N GLU D 323 -4.82 22.85 -0.96
CA GLU D 323 -3.92 21.79 -1.40
C GLU D 323 -3.28 21.12 -0.20
N PRO D 324 -3.50 19.80 -0.05
CA PRO D 324 -2.96 19.02 1.06
C PRO D 324 -1.43 18.96 1.03
N ALA D 325 -0.84 18.35 2.06
CA ALA D 325 0.61 18.21 2.14
C ALA D 325 1.07 16.96 1.40
N LYS D 326 0.41 15.84 1.69
CA LYS D 326 0.73 14.57 1.05
C LYS D 326 -0.28 14.26 -0.05
N ALA D 327 0.16 14.37 -1.31
CA ALA D 327 -0.69 14.14 -2.46
C ALA D 327 -1.26 12.72 -2.46
N ASN D 328 -0.38 11.73 -2.28
CA ASN D 328 -0.79 10.33 -2.21
C ASN D 328 -1.17 9.91 -0.79
N ASP D 329 -2.40 10.23 -0.41
CA ASP D 329 -2.93 9.89 0.91
C ASP D 329 -4.44 9.80 0.82
N SER D 330 -5.07 9.19 1.82
CA SER D 330 -6.53 9.08 1.85
C SER D 330 -7.16 10.46 2.03
N ARG D 331 -8.27 10.69 1.32
CA ARG D 331 -8.96 11.98 1.35
C ARG D 331 -9.34 12.41 2.77
N THR D 332 -9.82 11.46 3.57
CA THR D 332 -10.22 11.73 4.95
C THR D 332 -9.02 12.15 5.81
N ASN D 333 -7.83 11.74 5.40
CA ASN D 333 -6.60 12.13 6.10
C ASN D 333 -6.06 13.48 5.65
N GLN D 334 -6.40 13.87 4.42
CA GLN D 334 -5.98 15.16 3.88
C GLN D 334 -6.67 16.31 4.60
N ILE D 335 -7.99 16.18 4.76
CA ILE D 335 -8.78 17.19 5.45
C ILE D 335 -8.35 17.29 6.91
N SER D 336 -7.84 16.19 7.44
CA SER D 336 -7.29 16.16 8.79
C SER D 336 -5.93 16.86 8.82
N GLN D 337 -5.11 16.59 7.82
CA GLN D 337 -3.80 17.23 7.69
C GLN D 337 -3.98 18.75 7.58
N ILE D 338 -4.97 19.16 6.79
CA ILE D 338 -5.28 20.58 6.63
C ILE D 338 -5.80 21.18 7.94
N SER D 339 -6.89 20.61 8.44
CA SER D 339 -7.52 21.11 9.66
C SER D 339 -6.52 21.28 10.80
N ARG D 340 -5.79 20.21 11.11
CA ARG D 340 -4.79 20.25 12.18
C ARG D 340 -3.78 21.36 11.95
N ASP D 341 -3.29 21.46 10.71
CA ASP D 341 -2.32 22.50 10.36
C ASP D 341 -2.92 23.89 10.49
N LEU D 342 -4.15 24.05 10.03
CA LEU D 342 -4.84 25.34 10.09
C LEU D 342 -4.95 25.87 11.52
N LYS D 343 -5.24 24.98 12.46
CA LYS D 343 -5.34 25.37 13.86
C LYS D 343 -3.99 25.84 14.39
N LYS D 344 -2.96 25.01 14.22
CA LYS D 344 -1.60 25.37 14.63
C LYS D 344 -1.25 26.79 14.22
N MET D 345 -1.57 27.13 12.97
CA MET D 345 -1.31 28.45 12.42
C MET D 345 -1.92 29.53 13.30
N ALA D 346 -3.22 29.45 13.53
CA ALA D 346 -3.93 30.41 14.36
C ALA D 346 -3.31 30.54 15.74
N ARG D 347 -2.89 29.41 16.30
CA ARG D 347 -2.29 29.36 17.62
C ARG D 347 -0.89 29.97 17.64
N GLU D 348 -0.02 29.47 16.76
CA GLU D 348 1.39 29.82 16.77
C GLU D 348 1.67 31.17 16.12
N LEU D 349 0.75 31.62 15.27
CA LEU D 349 0.91 32.90 14.59
C LEU D 349 0.04 33.97 15.23
N ASP D 350 -0.89 33.52 16.06
CA ASP D 350 -1.78 34.39 16.84
C ASP D 350 -2.65 35.28 15.95
N VAL D 351 -3.43 34.64 15.08
CA VAL D 351 -4.34 35.34 14.18
C VAL D 351 -5.66 34.58 14.05
N VAL D 352 -6.75 35.31 13.81
CA VAL D 352 -8.05 34.69 13.64
C VAL D 352 -8.10 33.93 12.33
N VAL D 353 -8.35 32.62 12.41
CA VAL D 353 -8.46 31.82 11.20
C VAL D 353 -9.91 31.39 10.94
N ILE D 354 -10.49 31.97 9.89
CA ILE D 354 -11.84 31.65 9.47
C ILE D 354 -11.78 30.83 8.19
N ALA D 355 -12.35 29.64 8.22
CA ALA D 355 -12.35 28.77 7.06
C ALA D 355 -13.76 28.38 6.64
N LEU D 356 -14.15 28.80 5.45
CA LEU D 356 -15.42 28.36 4.88
C LEU D 356 -15.32 26.90 4.50
N SER D 357 -16.41 26.16 4.67
CA SER D 357 -16.43 24.74 4.35
C SER D 357 -17.75 24.35 3.71
N GLN D 358 -17.86 23.09 3.32
CA GLN D 358 -19.09 22.58 2.73
C GLN D 358 -19.59 21.39 3.54
N LEU D 359 -20.91 21.18 3.51
CA LEU D 359 -21.51 20.10 4.27
C LEU D 359 -21.92 18.95 3.37
N SER D 360 -21.90 17.75 3.91
CA SER D 360 -22.28 16.55 3.17
C SER D 360 -23.59 16.77 2.41
N ARG D 361 -23.62 16.29 1.18
CA ARG D 361 -24.82 16.36 0.35
C ARG D 361 -25.95 15.55 0.98
N GLN D 362 -25.62 14.86 2.07
CA GLN D 362 -26.56 13.99 2.77
C GLN D 362 -27.57 14.78 3.62
N VAL D 363 -27.34 16.08 3.74
CA VAL D 363 -28.22 16.95 4.53
C VAL D 363 -29.59 17.12 3.88
N GLU D 364 -29.62 17.07 2.56
CA GLU D 364 -30.84 17.33 1.80
C GLU D 364 -31.77 16.13 1.70
N GLN D 365 -31.39 15.02 2.31
CA GLN D 365 -32.23 13.82 2.32
C GLN D 365 -32.84 13.58 3.71
N ARG D 366 -33.17 14.67 4.39
CA ARG D 366 -33.83 14.60 5.69
C ARG D 366 -35.05 15.52 5.71
N GLN D 367 -35.78 15.50 6.82
CA GLN D 367 -36.96 16.36 6.97
C GLN D 367 -36.55 17.73 7.49
N ASP D 368 -35.63 17.75 8.44
CA ASP D 368 -35.08 18.99 8.96
C ASP D 368 -33.75 19.28 8.28
N LYS D 369 -33.75 20.24 7.36
CA LYS D 369 -32.57 20.54 6.55
C LYS D 369 -31.52 21.31 7.35
N ARG D 370 -31.74 21.38 8.65
CA ARG D 370 -30.86 22.13 9.55
C ARG D 370 -29.61 21.31 9.87
N PRO D 371 -28.44 21.84 9.48
CA PRO D 371 -27.15 21.17 9.62
C PRO D 371 -26.72 20.96 11.07
N MET D 372 -26.06 19.83 11.33
CA MET D 372 -25.45 19.56 12.62
C MET D 372 -23.98 19.19 12.42
N LEU D 373 -23.30 18.85 13.50
CA LEU D 373 -21.86 18.58 13.44
C LEU D 373 -21.52 17.33 12.62
N SER D 374 -22.35 16.30 12.73
CA SER D 374 -22.11 15.03 12.05
C SER D 374 -22.12 15.17 10.53
N ASP D 375 -22.68 16.28 10.05
CA ASP D 375 -22.79 16.54 8.61
C ASP D 375 -21.46 16.90 7.97
N LEU D 376 -20.45 17.20 8.79
CA LEU D 376 -19.10 17.38 8.29
C LEU D 376 -18.57 16.03 7.82
N ARG D 377 -18.84 15.72 6.55
CA ARG D 377 -18.63 14.38 5.96
C ARG D 377 -17.26 13.76 6.25
N GLU D 378 -16.40 13.79 5.24
CA GLU D 378 -15.05 13.23 5.33
C GLU D 378 -14.30 13.70 6.58
N SER D 379 -14.19 15.01 6.71
CA SER D 379 -13.47 15.64 7.82
C SER D 379 -13.80 15.05 9.18
N GLY D 380 -12.83 14.38 9.77
CA GLY D 380 -12.98 13.81 11.11
C GLY D 380 -12.27 14.68 12.13
N GLN D 381 -10.98 14.86 11.95
CA GLN D 381 -10.17 15.70 12.81
C GLN D 381 -10.55 17.18 12.61
N LEU D 382 -11.72 17.39 12.02
CA LEU D 382 -12.19 18.73 11.73
C LEU D 382 -12.91 19.34 12.92
N GLU D 383 -14.10 18.80 13.22
CA GLU D 383 -14.93 19.32 14.29
C GLU D 383 -14.17 19.44 15.61
N GLN D 384 -13.12 18.65 15.76
CA GLN D 384 -12.32 18.63 16.98
C GLN D 384 -11.35 19.80 17.07
N ASP D 385 -10.81 20.23 15.93
CA ASP D 385 -9.84 21.31 15.91
C ASP D 385 -10.49 22.68 15.72
N ALA D 386 -11.79 22.68 15.44
CA ALA D 386 -12.52 23.94 15.27
C ALA D 386 -12.97 24.50 16.60
N ASP D 387 -12.95 25.82 16.72
CA ASP D 387 -13.34 26.49 17.95
C ASP D 387 -14.77 27.00 17.91
N ILE D 388 -15.16 27.57 16.76
CA ILE D 388 -16.49 28.11 16.59
C ILE D 388 -17.12 27.65 15.28
N ILE D 389 -17.59 26.41 15.25
CA ILE D 389 -18.29 25.89 14.08
C ILE D 389 -19.64 26.59 13.95
N GLU D 390 -19.84 27.29 12.85
CA GLU D 390 -21.09 27.98 12.60
C GLU D 390 -21.66 27.67 11.22
N PHE D 391 -22.79 26.96 11.20
CA PHE D 391 -23.44 26.61 9.94
C PHE D 391 -24.38 27.72 9.50
N LEU D 392 -24.60 27.82 8.20
CA LEU D 392 -25.57 28.77 7.65
C LEU D 392 -26.79 28.03 7.12
N TYR D 393 -27.96 28.62 7.32
CA TYR D 393 -29.21 28.01 6.87
C TYR D 393 -30.24 29.02 6.38
N ARG D 394 -30.52 28.99 5.08
CA ARG D 394 -31.62 29.74 4.51
C ARG D 394 -32.83 28.83 4.37
N ASP D 395 -33.89 29.15 5.10
CA ASP D 395 -35.11 28.33 5.08
C ASP D 395 -35.87 28.47 3.76
N ASP D 396 -35.79 29.65 3.15
CA ASP D 396 -36.52 29.93 1.92
C ASP D 396 -35.87 29.33 0.67
N TYR D 397 -34.99 28.34 0.88
CA TYR D 397 -34.38 27.62 -0.22
C TYR D 397 -35.05 26.26 -0.40
N TYR D 398 -35.36 25.61 0.72
CA TYR D 398 -36.00 24.30 0.70
C TYR D 398 -37.52 24.45 0.75
N ASP D 399 -37.98 25.62 1.18
CA ASP D 399 -39.41 25.90 1.30
C ASP D 399 -39.75 27.18 0.56
N LYS D 400 -40.60 27.08 -0.45
CA LYS D 400 -40.99 28.24 -1.26
C LYS D 400 -41.93 29.15 -0.47
N GLU D 401 -42.59 28.58 0.52
CA GLU D 401 -43.54 29.31 1.35
C GLU D 401 -43.11 29.29 2.81
N SER D 402 -41.99 29.95 3.09
CA SER D 402 -41.45 29.99 4.44
C SER D 402 -41.95 31.22 5.21
N GLU D 403 -42.20 31.04 6.50
CA GLU D 403 -42.61 32.15 7.36
C GLU D 403 -41.42 33.07 7.61
N SER D 404 -40.23 32.60 7.25
CA SER D 404 -39.01 33.40 7.38
C SER D 404 -38.49 33.82 6.01
N LYS D 405 -39.23 34.71 5.35
CA LYS D 405 -38.85 35.20 4.02
C LYS D 405 -37.55 35.99 4.07
N ASN D 406 -36.56 35.52 3.32
CA ASN D 406 -35.25 36.16 3.24
C ASN D 406 -34.53 36.22 4.60
N ILE D 407 -34.52 35.09 5.30
CA ILE D 407 -33.88 35.03 6.61
C ILE D 407 -32.86 33.90 6.71
N VAL D 408 -31.58 34.27 6.80
CA VAL D 408 -30.53 33.31 7.06
C VAL D 408 -30.35 33.17 8.56
N GLU D 409 -30.27 31.94 9.05
CA GLU D 409 -30.02 31.73 10.47
C GLU D 409 -28.66 31.08 10.73
N VAL D 410 -27.72 31.88 11.23
CA VAL D 410 -26.39 31.40 11.57
C VAL D 410 -26.46 30.54 12.83
N ILE D 411 -26.08 29.27 12.69
CA ILE D 411 -26.17 28.33 13.81
C ILE D 411 -24.80 27.98 14.37
N ILE D 412 -24.47 28.58 15.51
CA ILE D 412 -23.25 28.24 16.22
C ILE D 412 -23.45 26.91 16.93
N ALA D 413 -22.90 25.85 16.35
CA ALA D 413 -23.08 24.49 16.89
C ALA D 413 -21.99 24.12 17.88
N LYS D 414 -20.89 24.87 17.86
CA LYS D 414 -19.79 24.64 18.78
C LYS D 414 -19.09 25.92 19.18
N HIS D 415 -18.99 26.15 20.48
CA HIS D 415 -18.24 27.28 21.01
C HIS D 415 -17.42 26.77 22.20
N ARG D 416 -16.09 26.77 22.06
CA ARG D 416 -15.23 26.19 23.07
C ARG D 416 -15.16 27.06 24.33
N ASP D 417 -15.04 28.37 24.14
CA ASP D 417 -14.97 29.29 25.27
C ASP D 417 -16.24 30.13 25.41
N GLY D 418 -17.36 29.58 24.94
CA GLY D 418 -18.65 30.26 25.00
C GLY D 418 -19.84 29.34 24.84
N PRO D 419 -21.03 29.92 24.68
CA PRO D 419 -22.28 29.18 24.54
C PRO D 419 -22.65 28.94 23.08
N VAL D 420 -23.64 28.07 22.86
CA VAL D 420 -24.15 27.79 21.52
C VAL D 420 -25.45 28.53 21.29
N GLY D 421 -26.17 28.15 20.23
CA GLY D 421 -27.46 28.77 19.93
C GLY D 421 -27.54 29.30 18.51
N THR D 422 -28.75 29.70 18.11
CA THR D 422 -28.98 30.17 16.75
C THR D 422 -29.18 31.70 16.69
N VAL D 423 -28.52 32.34 15.73
CA VAL D 423 -28.65 33.77 15.52
C VAL D 423 -29.26 34.04 14.14
N SER D 424 -30.28 34.89 14.10
CA SER D 424 -30.98 35.19 12.86
C SER D 424 -30.55 36.50 12.22
N LEU D 425 -30.38 36.49 10.91
CA LEU D 425 -30.01 37.70 10.16
C LEU D 425 -30.82 37.80 8.88
N ALA D 426 -31.12 39.03 8.47
CA ALA D 426 -31.88 39.26 7.24
C ALA D 426 -30.94 39.28 6.04
N PHE D 427 -31.18 38.38 5.09
CA PHE D 427 -30.34 38.27 3.90
C PHE D 427 -30.97 38.99 2.71
N ILE D 428 -30.26 39.98 2.19
CA ILE D 428 -30.71 40.71 1.01
C ILE D 428 -30.08 40.10 -0.24
N LYS D 429 -30.78 39.14 -0.83
CA LYS D 429 -30.27 38.39 -1.98
C LYS D 429 -29.71 39.29 -3.07
N GLU D 430 -30.29 40.47 -3.23
CA GLU D 430 -29.96 41.36 -4.34
C GLU D 430 -28.66 42.13 -4.14
N TYR D 431 -28.29 42.36 -2.89
CA TYR D 431 -27.08 43.13 -2.60
C TYR D 431 -26.01 42.29 -1.92
N GLY D 432 -26.36 41.05 -1.56
CA GLY D 432 -25.44 40.19 -0.82
C GLY D 432 -25.12 40.79 0.53
N ASN D 433 -26.11 41.44 1.12
CA ASN D 433 -25.95 42.15 2.38
C ASN D 433 -26.68 41.44 3.51
N PHE D 434 -26.14 41.55 4.73
CA PHE D 434 -26.77 40.94 5.90
C PHE D 434 -27.19 42.02 6.90
N VAL D 435 -28.40 41.90 7.42
CA VAL D 435 -28.96 42.91 8.32
C VAL D 435 -29.19 42.37 9.73
N ASN D 436 -29.00 43.24 10.71
CA ASN D 436 -29.19 42.89 12.12
C ASN D 436 -30.67 42.86 12.51
N LEU D 437 -30.99 42.13 13.57
CA LEU D 437 -32.37 42.01 14.04
C LEU D 437 -32.48 42.22 15.56
N GLU D 438 -33.62 41.81 16.12
CA GLU D 438 -33.90 41.90 17.56
C GLU D 438 -32.95 42.83 18.32
N ASN E 14 24.78 37.96 -12.86
CA ASN E 14 24.26 37.68 -14.23
C ASN E 14 24.17 38.95 -15.05
N GLU E 15 24.96 39.01 -16.12
CA GLU E 15 24.98 40.19 -16.99
C GLU E 15 24.00 40.09 -18.16
N TYR E 16 23.78 38.87 -18.62
CA TYR E 16 22.94 38.64 -19.80
C TYR E 16 21.50 39.11 -19.60
N ALA E 17 20.84 38.60 -18.57
CA ALA E 17 19.48 39.02 -18.24
C ALA E 17 19.47 40.48 -17.80
N GLU E 18 20.61 40.93 -17.29
CA GLU E 18 20.77 42.30 -16.83
C GLU E 18 20.66 43.26 -18.01
N GLN E 19 21.33 42.92 -19.10
CA GLN E 19 21.30 43.73 -20.32
C GLN E 19 19.89 43.87 -20.86
N ALA E 20 19.17 42.74 -20.94
CA ALA E 20 17.80 42.74 -21.43
C ALA E 20 16.93 43.71 -20.66
N VAL E 21 17.06 43.70 -19.33
CA VAL E 21 16.30 44.60 -18.48
C VAL E 21 16.61 46.06 -18.80
N LEU E 22 17.89 46.40 -18.79
CA LEU E 22 18.34 47.75 -19.10
C LEU E 22 17.87 48.20 -20.48
N GLY E 23 18.09 47.33 -21.47
CA GLY E 23 17.73 47.63 -22.85
C GLY E 23 16.24 47.75 -23.09
N SER E 24 15.48 46.77 -22.59
CA SER E 24 14.03 46.77 -22.76
C SER E 24 13.39 48.01 -22.15
N ILE E 25 14.06 48.59 -21.17
CA ILE E 25 13.60 49.82 -20.55
C ILE E 25 13.98 51.03 -21.40
N LEU E 26 15.16 50.99 -22.00
CA LEU E 26 15.59 52.03 -22.93
C LEU E 26 14.70 52.00 -24.18
N THR E 27 14.07 50.85 -24.40
CA THR E 27 13.14 50.66 -25.51
C THR E 27 11.75 51.17 -25.14
N GLU E 28 11.25 50.72 -24.00
CA GLU E 28 9.97 51.18 -23.48
C GLU E 28 10.20 51.95 -22.17
N PRO E 29 10.38 53.28 -22.27
CA PRO E 29 10.69 54.16 -21.15
C PRO E 29 9.55 54.26 -20.14
N GLU E 30 8.74 53.20 -20.06
CA GLU E 30 7.60 53.17 -19.15
C GLU E 30 7.61 51.87 -18.35
N LEU E 31 8.63 51.05 -18.58
CA LEU E 31 8.74 49.76 -17.94
C LEU E 31 9.52 49.81 -16.63
N ILE E 32 10.28 50.90 -16.43
CA ILE E 32 10.94 51.14 -15.15
C ILE E 32 9.93 51.11 -14.02
N LYS E 33 8.67 51.37 -14.36
CA LYS E 33 7.58 51.37 -13.39
C LYS E 33 7.00 49.97 -13.19
N GLU E 34 6.85 49.22 -14.27
CA GLU E 34 6.26 47.89 -14.20
C GLU E 34 7.12 46.88 -13.45
N CYS E 35 8.36 47.25 -13.18
CA CYS E 35 9.27 46.40 -12.42
C CYS E 35 10.25 47.23 -11.58
N PRO E 36 10.07 47.22 -10.25
CA PRO E 36 10.85 48.02 -9.32
C PRO E 36 12.23 47.42 -9.03
N LEU E 37 13.26 48.24 -9.13
CA LEU E 37 14.62 47.82 -8.86
C LEU E 37 15.45 49.00 -8.35
N THR E 38 16.62 48.69 -7.79
CA THR E 38 17.58 49.72 -7.40
C THR E 38 18.94 49.39 -8.03
N PRO E 39 19.76 50.40 -8.29
CA PRO E 39 21.07 50.17 -8.89
C PRO E 39 21.85 49.08 -8.17
N GLU E 40 21.51 48.83 -6.90
CA GLU E 40 22.17 47.81 -6.10
C GLU E 40 22.07 46.43 -6.74
N HIS E 41 21.04 46.23 -7.55
CA HIS E 41 20.80 44.97 -8.23
C HIS E 41 21.82 44.74 -9.33
N PHE E 42 22.23 45.83 -9.97
CA PHE E 42 23.04 45.74 -11.19
C PHE E 42 24.54 45.69 -10.95
N SER E 43 25.27 45.19 -11.94
CA SER E 43 26.72 45.10 -11.89
C SER E 43 27.35 46.46 -11.63
N PRO E 44 28.58 46.48 -11.09
CA PRO E 44 29.25 47.74 -10.81
C PRO E 44 29.63 48.49 -12.09
N GLY E 45 29.72 49.81 -11.98
CA GLY E 45 30.10 50.64 -13.13
C GLY E 45 28.95 50.91 -14.07
N LYS E 46 29.05 50.37 -15.29
CA LYS E 46 28.07 50.61 -16.34
C LYS E 46 26.63 50.35 -15.89
N HIS E 47 26.24 49.08 -15.91
CA HIS E 47 24.88 48.68 -15.53
C HIS E 47 24.37 49.43 -14.30
N PHE E 48 25.25 49.66 -13.35
CA PHE E 48 24.92 50.40 -12.13
C PHE E 48 24.51 51.83 -12.46
N ASN E 49 25.42 52.56 -13.10
CA ASN E 49 25.16 53.95 -13.50
C ASN E 49 24.05 54.05 -14.54
N ILE E 50 23.92 53.02 -15.36
CA ILE E 50 22.87 52.97 -16.37
C ILE E 50 21.50 53.02 -15.70
N TYR E 51 21.40 52.44 -14.51
CA TYR E 51 20.13 52.44 -13.78
C TYR E 51 20.03 53.62 -12.81
N PHE E 52 21.13 53.93 -12.12
CA PHE E 52 21.14 55.03 -11.16
C PHE E 52 20.68 56.33 -11.82
N THR E 53 21.21 56.61 -13.01
CA THR E 53 20.84 57.78 -13.77
C THR E 53 19.49 57.59 -14.44
N MET E 54 19.17 56.32 -14.74
CA MET E 54 17.90 55.97 -15.35
C MET E 54 16.75 56.13 -14.36
N GLN E 55 17.01 55.75 -13.11
CA GLN E 55 16.01 55.82 -12.05
C GLN E 55 15.80 57.25 -11.58
N ASP E 56 16.89 58.01 -11.51
CA ASP E 56 16.83 59.41 -11.09
C ASP E 56 15.90 60.21 -11.99
N LEU E 57 16.02 60.01 -13.30
CA LEU E 57 15.20 60.71 -14.27
C LEU E 57 13.72 60.39 -14.14
N ASP E 58 13.41 59.33 -13.40
CA ASP E 58 12.03 58.93 -13.17
C ASP E 58 11.49 59.57 -11.88
N ARG E 59 12.32 59.60 -10.86
CA ARG E 59 11.96 60.22 -9.58
C ARG E 59 11.81 61.73 -9.74
N LYS E 60 12.50 62.29 -10.72
CA LYS E 60 12.38 63.71 -11.04
C LYS E 60 11.21 63.96 -11.97
N GLY E 61 10.49 62.87 -12.28
CA GLY E 61 9.26 62.96 -13.06
C GLY E 61 9.46 63.31 -14.53
N GLN E 62 10.23 62.49 -15.23
CA GLN E 62 10.47 62.69 -16.66
C GLN E 62 10.43 61.35 -17.39
N SER E 63 10.98 61.33 -18.61
CA SER E 63 11.05 60.11 -19.40
C SER E 63 12.47 59.54 -19.42
N VAL E 64 12.59 58.27 -19.78
CA VAL E 64 13.89 57.60 -19.76
C VAL E 64 14.26 57.03 -21.13
N ASP E 65 15.03 57.79 -21.90
CA ASP E 65 15.52 57.34 -23.20
C ASP E 65 16.96 57.79 -23.43
N PHE E 66 17.61 57.24 -24.45
CA PHE E 66 19.00 57.58 -24.76
C PHE E 66 19.18 59.09 -24.72
N THR E 67 18.40 59.77 -25.54
CA THR E 67 18.46 61.23 -25.66
C THR E 67 18.48 61.92 -24.31
N SER E 68 17.52 61.56 -23.45
CA SER E 68 17.39 62.19 -22.14
C SER E 68 18.51 61.77 -21.18
N ILE E 69 18.90 60.50 -21.23
CA ILE E 69 19.96 59.98 -20.37
C ILE E 69 21.30 60.63 -20.69
N ALA E 70 21.66 60.63 -21.97
CA ALA E 70 22.90 61.24 -22.42
C ALA E 70 22.85 62.76 -22.26
N ALA E 71 21.65 63.31 -22.11
CA ALA E 71 21.48 64.73 -21.89
C ALA E 71 21.68 65.09 -20.41
N ARG E 72 21.36 64.14 -19.54
CA ARG E 72 21.53 64.32 -18.10
C ARG E 72 23.02 64.38 -17.74
N VAL E 73 23.70 63.25 -17.85
CA VAL E 73 25.13 63.18 -17.59
C VAL E 73 25.92 63.46 -18.86
N GLY E 74 26.03 64.74 -19.20
CA GLY E 74 26.69 65.16 -20.44
C GLY E 74 28.19 64.92 -20.45
N GLU E 75 28.85 65.25 -19.34
CA GLU E 75 30.29 65.09 -19.23
C GLU E 75 30.68 63.68 -18.79
N LYS E 76 29.86 63.10 -17.91
CA LYS E 76 30.13 61.77 -17.36
C LYS E 76 29.38 60.69 -18.12
N LEU E 77 29.18 60.91 -19.42
CA LEU E 77 28.51 59.94 -20.28
C LEU E 77 29.33 58.67 -20.50
N PRO E 78 30.66 58.81 -20.66
CA PRO E 78 31.53 57.66 -20.87
C PRO E 78 31.45 56.59 -19.77
N GLN E 79 31.12 57.00 -18.55
CA GLN E 79 31.01 56.09 -17.42
C GLN E 79 29.79 55.18 -17.51
N LEU E 80 29.00 55.37 -18.56
CA LEU E 80 27.84 54.53 -18.82
C LEU E 80 28.09 53.68 -20.07
N GLY E 81 29.37 53.55 -20.42
CA GLY E 81 29.78 52.79 -21.60
C GLY E 81 29.74 53.62 -22.87
N GLY E 82 29.54 54.92 -22.71
CA GLY E 82 29.38 55.81 -23.85
C GLY E 82 27.99 55.66 -24.45
N PHE E 83 27.66 56.53 -25.40
CA PHE E 83 26.35 56.45 -26.06
C PHE E 83 26.26 55.19 -26.89
N GLY E 84 27.37 54.79 -27.49
CA GLY E 84 27.42 53.61 -28.34
C GLY E 84 27.03 52.32 -27.63
N TYR E 85 26.90 52.39 -26.31
CA TYR E 85 26.50 51.23 -25.52
C TYR E 85 25.00 51.23 -25.24
N LEU E 86 24.46 52.41 -24.93
CA LEU E 86 23.03 52.56 -24.71
C LEU E 86 22.26 51.99 -25.89
N THR E 87 22.76 52.29 -27.09
CA THR E 87 22.15 51.80 -28.32
C THR E 87 22.33 50.30 -28.49
N GLU E 88 23.49 49.79 -28.06
CA GLU E 88 23.77 48.37 -28.17
C GLU E 88 22.85 47.56 -27.25
N LEU E 89 22.53 48.14 -26.09
CA LEU E 89 21.62 47.50 -25.15
C LEU E 89 20.20 47.45 -25.70
N ALA E 90 19.74 48.57 -26.24
CA ALA E 90 18.40 48.66 -26.80
C ALA E 90 18.25 47.75 -28.02
N ALA E 91 19.35 47.56 -28.74
CA ALA E 91 19.36 46.70 -29.92
C ALA E 91 19.37 45.23 -29.51
N SER E 92 19.92 44.95 -28.34
CA SER E 92 20.05 43.57 -27.86
C SER E 92 18.69 42.94 -27.56
N VAL E 93 17.73 43.77 -27.18
CA VAL E 93 16.40 43.27 -26.82
C VAL E 93 15.56 43.00 -28.07
N ALA E 94 15.32 41.71 -28.32
CA ALA E 94 14.52 41.30 -29.47
C ALA E 94 13.06 41.73 -29.30
N SER E 95 12.47 41.37 -28.16
CA SER E 95 11.11 41.75 -27.84
C SER E 95 10.95 42.02 -26.34
N THR E 96 10.17 43.04 -26.01
CA THR E 96 9.99 43.43 -24.60
C THR E 96 8.95 42.56 -23.90
N THR E 97 8.84 41.31 -24.32
CA THR E 97 7.89 40.36 -23.73
C THR E 97 8.57 39.56 -22.62
N THR E 98 9.88 39.38 -22.76
CA THR E 98 10.66 38.61 -21.80
C THR E 98 11.08 39.47 -20.61
N PHE E 99 10.67 40.73 -20.63
CA PHE E 99 11.04 41.70 -19.60
C PHE E 99 10.78 41.17 -18.19
N LYS E 100 9.56 40.67 -17.96
CA LYS E 100 9.20 40.09 -16.67
C LYS E 100 10.18 39.01 -16.26
N GLN E 101 10.31 38.00 -17.11
CA GLN E 101 11.18 36.86 -16.86
C GLN E 101 12.62 37.26 -16.58
N HIS E 102 13.08 38.32 -17.24
CA HIS E 102 14.44 38.81 -17.02
C HIS E 102 14.53 39.69 -15.78
N CYS E 103 13.48 40.47 -15.52
CA CYS E 103 13.46 41.35 -14.37
C CYS E 103 13.38 40.52 -13.09
N GLN E 104 13.05 39.24 -13.24
CA GLN E 104 13.01 38.32 -12.12
C GLN E 104 14.37 37.66 -11.95
N THR E 105 15.02 37.30 -13.06
CA THR E 105 16.36 36.72 -13.03
C THR E 105 17.34 37.71 -12.41
N VAL E 106 17.12 39.00 -12.64
CA VAL E 106 17.94 40.05 -12.05
C VAL E 106 17.61 40.19 -10.57
N SER E 107 16.36 39.93 -10.21
CA SER E 107 15.92 40.02 -8.83
C SER E 107 16.38 38.83 -7.99
N GLU E 108 16.27 37.64 -8.56
CA GLU E 108 16.72 36.42 -7.89
C GLU E 108 18.20 36.53 -7.52
N TYR E 109 19.01 36.95 -8.50
CA TYR E 109 20.44 37.12 -8.28
C TYR E 109 20.74 38.23 -7.28
N PHE E 110 19.79 39.12 -7.05
CA PHE E 110 19.97 40.20 -6.07
C PHE E 110 19.82 39.68 -4.65
N GLN E 111 18.82 38.83 -4.43
CA GLN E 111 18.66 38.16 -3.13
C GLN E 111 19.90 37.32 -2.87
N LYS E 112 20.28 36.56 -3.89
CA LYS E 112 21.48 35.73 -3.87
C LYS E 112 22.69 36.50 -3.35
N ARG E 113 22.89 37.69 -3.88
CA ARG E 113 24.03 38.54 -3.50
C ARG E 113 23.96 38.95 -2.04
N LYS E 114 22.78 39.36 -1.58
CA LYS E 114 22.62 39.82 -0.21
C LYS E 114 22.52 38.67 0.78
N ALA E 115 22.00 37.54 0.32
CA ALA E 115 21.92 36.34 1.15
C ALA E 115 23.30 35.95 1.63
N ILE E 116 24.29 36.11 0.76
CA ILE E 116 25.67 35.88 1.11
C ILE E 116 26.18 37.01 2.00
N SER E 117 25.85 38.24 1.61
CA SER E 117 26.30 39.42 2.35
C SER E 117 25.77 39.47 3.77
N ILE E 118 24.66 38.78 4.01
CA ILE E 118 24.07 38.71 5.35
C ILE E 118 24.48 37.41 6.06
N ALA E 119 25.06 36.49 5.30
CA ALA E 119 25.53 35.22 5.87
C ALA E 119 26.95 35.37 6.40
N GLN E 120 27.86 35.85 5.56
CA GLN E 120 29.22 36.16 5.98
C GLN E 120 29.18 37.35 6.92
N GLN E 121 27.99 37.94 7.06
CA GLN E 121 27.77 39.03 8.00
C GLN E 121 27.71 38.46 9.42
N ILE E 122 26.99 37.35 9.57
CA ILE E 122 26.85 36.67 10.86
C ILE E 122 28.22 36.29 11.43
N ILE E 123 29.02 35.64 10.60
CA ILE E 123 30.34 35.16 11.00
C ILE E 123 31.20 36.27 11.60
N GLU E 124 31.37 37.36 10.86
CA GLU E 124 32.17 38.49 11.32
C GLU E 124 31.54 39.20 12.51
N ASN E 125 30.22 39.25 12.53
CA ASN E 125 29.47 39.92 13.61
C ASN E 125 29.61 39.23 14.96
N VAL E 126 29.35 37.92 14.98
CA VAL E 126 29.39 37.14 16.22
C VAL E 126 30.66 37.40 17.02
N ASN E 127 31.82 37.14 16.41
CA ASN E 127 33.09 37.32 17.08
C ASN E 127 34.15 37.96 16.19
N VAL E 134 30.13 39.47 24.51
CA VAL E 134 28.87 39.53 23.78
C VAL E 134 28.41 38.14 23.33
N LYS E 135 27.34 37.66 23.94
CA LYS E 135 26.78 36.35 23.60
C LYS E 135 26.21 36.34 22.18
N PRO E 136 26.49 35.25 21.43
CA PRO E 136 26.08 35.11 20.03
C PRO E 136 24.57 34.92 19.83
N ILE E 137 23.78 35.28 20.84
CA ILE E 137 22.33 35.13 20.78
C ILE E 137 21.69 36.24 19.94
N GLN E 138 21.92 37.49 20.33
CA GLN E 138 21.35 38.64 19.64
C GLN E 138 21.81 38.67 18.17
N GLU E 139 22.85 37.90 17.88
CA GLU E 139 23.33 37.76 16.51
C GLU E 139 22.33 36.95 15.70
N ALA E 140 22.13 35.70 16.11
CA ALA E 140 21.15 34.83 15.45
C ALA E 140 19.76 35.48 15.42
N VAL E 141 19.59 36.52 16.24
CA VAL E 141 18.34 37.28 16.27
C VAL E 141 18.35 38.39 15.23
N SER E 142 19.41 39.21 15.24
CA SER E 142 19.54 40.31 14.29
C SER E 142 19.74 39.79 12.87
N GLU E 143 20.44 38.67 12.75
CA GLU E 143 20.72 38.07 11.45
C GLU E 143 19.52 37.27 10.95
N LEU E 144 18.46 37.22 11.77
CA LEU E 144 17.25 36.50 11.42
C LEU E 144 16.23 37.45 10.78
N MET E 145 16.11 38.64 11.35
CA MET E 145 15.18 39.64 10.83
C MET E 145 15.60 40.12 9.45
N GLU E 146 16.90 40.20 9.23
CA GLU E 146 17.44 40.60 7.92
C GLU E 146 17.18 39.55 6.85
N ILE E 147 17.32 38.28 7.21
CA ILE E 147 17.13 37.19 6.26
C ILE E 147 15.68 37.08 5.80
N GLU E 148 14.75 37.51 6.66
CA GLU E 148 13.34 37.49 6.31
C GLU E 148 12.95 38.67 5.42
N ALA E 149 13.75 39.74 5.48
CA ALA E 149 13.55 40.90 4.62
C ALA E 149 13.86 40.54 3.17
N SER E 150 14.60 39.44 2.99
CA SER E 150 14.89 38.93 1.66
C SER E 150 13.68 38.15 1.14
N GLY E 151 12.65 38.04 1.96
CA GLY E 151 11.41 37.37 1.56
C GLY E 151 10.40 38.32 0.98
N THR E 152 10.86 39.21 0.09
CA THR E 152 9.97 40.14 -0.60
C THR E 152 9.37 39.48 -1.83
N ASP E 153 8.05 39.34 -1.83
CA ASP E 153 7.34 38.66 -2.93
C ASP E 153 7.15 39.55 -4.15
N ASP E 154 7.22 38.93 -5.32
CA ASP E 154 6.85 39.60 -6.57
C ASP E 154 5.41 39.25 -6.91
N ASP E 155 4.91 38.17 -6.31
CA ASP E 155 3.52 37.77 -6.45
C ASP E 155 2.86 37.61 -5.07
N ASP E 156 1.80 38.39 -4.85
CA ASP E 156 1.12 38.40 -3.56
C ASP E 156 -0.35 38.82 -3.69
N GLY E 157 -0.83 39.55 -2.68
CA GLY E 157 -2.20 40.05 -2.68
C GLY E 157 -2.26 41.47 -2.14
N SER E 158 -2.24 42.44 -3.07
CA SER E 158 -2.18 43.86 -2.71
C SER E 158 -3.54 44.55 -2.79
N ILE E 159 -3.54 45.82 -3.23
CA ILE E 159 -4.77 46.61 -3.28
C ILE E 159 -5.31 46.85 -4.69
N ASP E 160 -4.56 47.65 -5.46
CA ASP E 160 -5.08 48.24 -6.69
C ASP E 160 -4.80 47.39 -7.93
N GLU E 161 -4.27 48.04 -8.97
CA GLU E 161 -4.14 47.45 -10.29
C GLU E 161 -5.46 46.85 -10.79
N ALA E 162 -6.18 46.19 -9.88
CA ALA E 162 -7.47 45.60 -10.21
C ALA E 162 -8.55 46.68 -10.26
N LEU E 163 -8.73 47.40 -9.16
CA LEU E 163 -9.78 48.42 -9.07
C LEU E 163 -9.81 49.27 -10.33
N VAL E 164 -8.64 49.69 -10.81
CA VAL E 164 -8.55 50.49 -12.03
C VAL E 164 -9.08 49.73 -13.24
N THR E 165 -8.69 48.47 -13.36
CA THR E 165 -9.16 47.64 -14.48
C THR E 165 -10.56 47.11 -14.21
N VAL E 166 -10.95 47.05 -12.94
CA VAL E 166 -12.34 46.73 -12.58
C VAL E 166 -13.26 47.63 -13.39
N TYR E 167 -12.72 48.77 -13.79
CA TYR E 167 -13.41 49.65 -14.72
C TYR E 167 -13.56 48.99 -16.08
N GLU E 168 -12.78 49.49 -17.04
CA GLU E 168 -12.86 49.03 -18.42
C GLU E 168 -14.27 48.99 -18.96
N GLU E 169 -14.38 48.64 -20.25
CA GLU E 169 -15.66 48.55 -20.93
C GLU E 169 -16.73 47.75 -20.18
N ILE E 170 -16.33 46.65 -19.55
CA ILE E 170 -17.29 45.78 -18.86
C ILE E 170 -18.32 46.57 -18.07
N GLU E 171 -17.93 47.02 -16.89
CA GLU E 171 -18.75 47.91 -16.06
C GLU E 171 -19.31 49.00 -16.95
N SER E 172 -18.43 49.59 -17.77
CA SER E 172 -18.82 50.66 -18.68
C SER E 172 -20.06 50.23 -19.46
N ALA E 173 -19.85 49.78 -20.69
CA ALA E 173 -20.97 49.40 -21.56
C ALA E 173 -20.85 47.99 -22.16
N ASP E 174 -21.97 47.47 -22.67
CA ASP E 174 -22.09 46.10 -23.25
C ASP E 174 -23.57 45.57 -23.33
N GLY E 175 -23.89 44.65 -24.25
CA GLY E 175 -25.19 43.88 -24.27
C GLY E 175 -24.87 42.59 -25.00
N ASN E 176 -25.63 41.56 -25.01
CA ASN E 176 -25.14 40.37 -25.75
C ASN E 176 -23.84 39.74 -25.36
N ILE E 177 -23.57 38.62 -25.99
CA ILE E 177 -22.45 37.78 -25.65
C ILE E 177 -21.12 38.37 -26.11
N THR E 178 -20.17 38.52 -25.19
CA THR E 178 -18.86 39.10 -25.48
C THR E 178 -17.94 38.08 -26.15
N GLY E 179 -17.83 36.91 -25.54
CA GLY E 179 -16.92 35.87 -26.04
C GLY E 179 -17.58 34.89 -27.00
N VAL E 180 -17.14 33.64 -26.94
CA VAL E 180 -17.64 32.61 -27.84
C VAL E 180 -18.88 31.92 -27.27
N PRO E 181 -20.01 32.05 -28.00
CA PRO E 181 -21.30 31.52 -27.55
C PRO E 181 -21.33 30.00 -27.56
N SER E 182 -21.94 29.41 -26.53
CA SER E 182 -22.06 27.97 -26.44
C SER E 182 -23.13 27.43 -27.39
N GLY E 183 -24.18 28.22 -27.59
CA GLY E 183 -25.30 27.82 -28.44
C GLY E 183 -26.53 27.45 -27.64
N PHE E 184 -26.44 27.65 -26.32
CA PHE E 184 -27.57 27.38 -25.43
C PHE E 184 -27.94 28.66 -24.68
N THR E 185 -29.02 29.28 -25.11
CA THR E 185 -29.45 30.58 -24.58
C THR E 185 -29.35 30.70 -23.06
N GLU E 186 -29.70 29.63 -22.35
CA GLU E 186 -29.71 29.64 -20.88
C GLU E 186 -28.31 29.50 -20.27
N LEU E 187 -27.34 29.06 -21.06
CA LEU E 187 -25.97 28.90 -20.60
C LEU E 187 -25.17 30.17 -20.84
N ASP E 188 -25.33 30.75 -22.02
CA ASP E 188 -24.63 31.98 -22.38
C ASP E 188 -25.10 33.15 -21.52
N ARG E 189 -26.25 33.00 -20.88
CA ARG E 189 -26.77 34.01 -19.98
C ARG E 189 -26.09 33.92 -18.62
N MET E 190 -24.98 33.19 -18.58
CA MET E 190 -24.18 33.03 -17.36
C MET E 190 -22.71 33.28 -17.64
N THR E 191 -22.26 32.86 -18.82
CA THR E 191 -20.86 32.95 -19.19
C THR E 191 -20.59 34.17 -20.07
N TYR E 192 -21.58 34.54 -20.87
CA TYR E 192 -21.44 35.60 -21.86
C TYR E 192 -20.34 35.23 -22.84
N GLY E 193 -20.36 33.95 -23.25
CA GLY E 193 -19.38 33.42 -24.18
C GLY E 193 -18.09 33.04 -23.49
N TYR E 194 -17.65 31.80 -23.69
CA TYR E 194 -16.35 31.37 -23.19
C TYR E 194 -15.33 32.41 -23.62
N LYS E 195 -14.58 32.94 -22.66
CA LYS E 195 -13.61 34.01 -22.93
C LYS E 195 -12.48 33.53 -23.85
N ARG E 196 -11.34 34.21 -23.79
CA ARG E 196 -10.21 33.85 -24.64
C ARG E 196 -9.13 33.06 -23.90
N ARG E 197 -8.96 33.32 -22.61
CA ARG E 197 -7.91 32.65 -21.83
C ARG E 197 -8.47 31.50 -21.01
N ASN E 198 -9.79 31.32 -21.05
CA ASN E 198 -10.47 30.32 -20.23
C ASN E 198 -10.16 28.88 -20.63
N PHE E 199 -10.24 27.99 -19.65
CA PHE E 199 -10.04 26.56 -19.87
C PHE E 199 -11.20 25.80 -19.25
N VAL E 200 -12.24 25.57 -20.04
CA VAL E 200 -13.44 24.91 -19.53
C VAL E 200 -13.29 23.40 -19.57
N LEU E 201 -14.02 22.72 -18.69
CA LEU E 201 -13.95 21.27 -18.61
C LEU E 201 -15.34 20.65 -18.71
N ILE E 202 -15.55 19.84 -19.74
CA ILE E 202 -16.80 19.13 -19.90
C ILE E 202 -16.63 17.67 -19.51
N ALA E 203 -16.79 17.37 -18.23
CA ALA E 203 -16.64 16.02 -17.72
C ALA E 203 -18.00 15.38 -17.44
N ALA E 204 -18.03 14.05 -17.43
CA ALA E 204 -19.26 13.31 -17.16
C ALA E 204 -19.04 11.80 -17.30
N ARG E 205 -19.98 11.03 -16.79
CA ARG E 205 -19.94 9.58 -16.92
C ARG E 205 -20.23 9.16 -18.37
N PRO E 206 -19.82 7.93 -18.73
CA PRO E 206 -20.12 7.41 -20.07
C PRO E 206 -21.61 7.34 -20.35
N SER E 207 -21.99 7.57 -21.60
CA SER E 207 -23.39 7.53 -22.03
C SER E 207 -24.23 8.61 -21.37
N MET E 208 -23.81 9.87 -21.53
CA MET E 208 -24.54 11.00 -21.00
C MET E 208 -24.66 12.09 -22.06
N GLY E 209 -24.04 11.85 -23.21
CA GLY E 209 -24.01 12.82 -24.29
C GLY E 209 -22.73 13.64 -24.24
N LYS E 210 -21.76 13.16 -23.48
CA LYS E 210 -20.49 13.85 -23.29
C LYS E 210 -19.88 14.27 -24.62
N THR E 211 -20.00 13.41 -25.63
CA THR E 211 -19.42 13.67 -26.95
C THR E 211 -20.34 14.53 -27.82
N ALA E 212 -21.62 14.15 -27.88
CA ALA E 212 -22.60 14.86 -28.69
C ALA E 212 -22.81 16.30 -28.23
N PHE E 213 -22.68 16.51 -26.92
CA PHE E 213 -22.78 17.84 -26.33
C PHE E 213 -21.63 18.71 -26.82
N ALA E 214 -20.48 18.09 -27.04
CA ALA E 214 -19.30 18.78 -27.54
C ALA E 214 -19.46 19.11 -29.02
N LEU E 215 -19.86 18.11 -29.79
CA LEU E 215 -20.05 18.26 -31.23
C LEU E 215 -21.16 19.26 -31.57
N LYS E 216 -22.00 19.55 -30.59
CA LYS E 216 -23.05 20.53 -30.76
C LYS E 216 -22.47 21.93 -30.63
N GLN E 217 -21.79 22.18 -29.51
CA GLN E 217 -21.12 23.45 -29.29
C GLN E 217 -20.10 23.69 -30.40
N ALA E 218 -19.56 22.60 -30.94
CA ALA E 218 -18.61 22.69 -32.04
C ALA E 218 -19.20 23.46 -33.21
N LYS E 219 -20.39 23.07 -33.64
CA LYS E 219 -21.03 23.74 -34.78
C LYS E 219 -21.56 25.13 -34.42
N ASN E 220 -22.29 25.22 -33.31
CA ASN E 220 -22.84 26.50 -32.86
C ASN E 220 -21.81 27.62 -32.90
N MET E 221 -20.56 27.28 -32.60
CA MET E 221 -19.47 28.24 -32.67
C MET E 221 -19.05 28.49 -34.12
N SER E 222 -19.16 27.46 -34.94
CA SER E 222 -18.82 27.58 -36.36
C SER E 222 -19.90 28.35 -37.12
N ASP E 223 -21.06 28.52 -36.49
CA ASP E 223 -22.14 29.31 -37.07
C ASP E 223 -21.99 30.78 -36.68
N ASN E 224 -21.47 31.02 -35.48
CA ASN E 224 -21.17 32.37 -35.04
C ASN E 224 -19.86 32.86 -35.66
N ASP E 225 -19.45 32.16 -36.71
CA ASP E 225 -18.21 32.46 -37.45
C ASP E 225 -16.98 32.45 -36.55
N ASP E 226 -16.75 31.31 -35.89
CA ASP E 226 -15.54 31.08 -35.12
C ASP E 226 -14.92 29.76 -35.57
N VAL E 227 -13.65 29.55 -35.25
CA VAL E 227 -12.96 28.33 -35.66
C VAL E 227 -12.89 27.31 -34.53
N VAL E 228 -13.36 26.10 -34.80
CA VAL E 228 -13.33 25.03 -33.80
C VAL E 228 -12.39 23.91 -34.22
N ASN E 229 -11.32 23.73 -33.44
CA ASN E 229 -10.38 22.63 -33.65
C ASN E 229 -10.74 21.43 -32.79
N LEU E 230 -11.34 20.42 -33.41
CA LEU E 230 -11.75 19.22 -32.70
C LEU E 230 -10.64 18.17 -32.73
N HIS E 231 -10.10 17.87 -31.56
CA HIS E 231 -9.09 16.84 -31.42
C HIS E 231 -9.69 15.56 -30.86
N SER E 232 -10.19 14.70 -31.74
CA SER E 232 -10.75 13.43 -31.31
C SER E 232 -9.68 12.35 -31.33
N LEU E 233 -9.16 12.02 -30.15
CA LEU E 233 -8.12 11.01 -30.03
C LEU E 233 -8.75 9.63 -29.88
N GLU E 234 -10.05 9.61 -29.60
CA GLU E 234 -10.77 8.37 -29.35
C GLU E 234 -11.46 7.87 -30.60
N MET E 235 -12.07 8.79 -31.35
CA MET E 235 -12.82 8.43 -32.54
C MET E 235 -12.04 8.76 -33.81
N GLY E 236 -12.71 8.63 -34.96
CA GLY E 236 -12.08 8.92 -36.24
C GLY E 236 -12.58 10.21 -36.84
N LYS E 237 -11.83 10.74 -37.80
CA LYS E 237 -12.20 11.96 -38.51
C LYS E 237 -13.56 11.78 -39.17
N LYS E 238 -13.95 10.52 -39.38
CA LYS E 238 -15.20 10.21 -40.06
C LYS E 238 -16.41 10.26 -39.12
N GLU E 239 -16.41 9.44 -38.08
CA GLU E 239 -17.53 9.37 -37.14
C GLU E 239 -17.90 10.75 -36.61
N ASN E 240 -16.89 11.59 -36.40
CA ASN E 240 -17.13 12.96 -35.94
C ASN E 240 -17.96 13.77 -36.94
N ILE E 241 -17.77 13.49 -38.23
CA ILE E 241 -18.58 14.12 -39.27
C ILE E 241 -19.93 13.44 -39.35
N LYS E 242 -19.91 12.10 -39.39
CA LYS E 242 -21.12 11.31 -39.45
C LYS E 242 -22.09 11.74 -38.35
N ARG E 243 -21.54 12.17 -37.22
CA ARG E 243 -22.34 12.67 -36.10
C ARG E 243 -22.75 14.11 -36.33
N LEU E 244 -21.85 14.91 -36.91
CA LEU E 244 -22.14 16.31 -37.20
C LEU E 244 -23.26 16.46 -38.23
N ILE E 245 -23.43 15.43 -39.05
CA ILE E 245 -24.48 15.43 -40.07
C ILE E 245 -25.82 14.99 -39.48
N VAL E 246 -25.82 13.86 -38.80
CA VAL E 246 -27.03 13.33 -38.16
C VAL E 246 -27.58 14.30 -37.12
N THR E 247 -26.75 15.27 -36.72
CA THR E 247 -27.15 16.29 -35.76
C THR E 247 -27.62 17.55 -36.48
N ALA E 248 -27.04 17.82 -37.64
CA ALA E 248 -27.35 19.04 -38.38
C ALA E 248 -28.67 18.97 -39.14
N GLY E 249 -28.88 17.87 -39.86
CA GLY E 249 -30.08 17.71 -40.67
C GLY E 249 -31.26 17.16 -39.90
N SER E 250 -31.00 16.75 -38.66
CA SER E 250 -32.04 16.15 -37.81
C SER E 250 -32.50 14.80 -38.33
N ILE E 251 -31.68 14.19 -39.19
CA ILE E 251 -32.00 12.86 -39.72
C ILE E 251 -31.77 11.82 -38.63
N ASN E 252 -32.46 10.68 -38.74
CA ASN E 252 -32.36 9.63 -37.73
C ASN E 252 -31.01 8.93 -37.79
N ALA E 253 -30.39 8.77 -36.62
CA ALA E 253 -29.05 8.19 -36.50
C ALA E 253 -28.97 6.74 -36.98
N GLN E 254 -30.03 5.98 -36.71
CA GLN E 254 -30.04 4.57 -37.07
C GLN E 254 -30.32 4.36 -38.55
N LYS E 255 -31.15 5.23 -39.14
CA LYS E 255 -31.49 5.14 -40.55
C LYS E 255 -30.25 5.08 -41.44
N ILE E 256 -29.52 6.18 -41.51
CA ILE E 256 -28.34 6.30 -42.35
C ILE E 256 -27.39 5.10 -42.23
N LYS E 257 -26.81 4.93 -41.06
CA LYS E 257 -25.82 3.88 -40.80
C LYS E 257 -25.66 2.87 -41.95
N ALA E 258 -26.58 1.93 -42.06
CA ALA E 258 -26.54 0.93 -43.12
C ALA E 258 -27.80 0.93 -43.97
N ALA E 259 -28.95 1.11 -43.32
CA ALA E 259 -30.23 1.11 -44.02
C ALA E 259 -30.27 2.19 -45.11
N ARG E 260 -30.30 3.45 -44.69
CA ARG E 260 -30.23 4.61 -45.59
C ARG E 260 -30.75 4.35 -47.00
N ARG E 261 -29.88 3.83 -47.86
CA ARG E 261 -30.18 3.61 -49.27
C ARG E 261 -31.63 3.18 -49.53
N ASP E 262 -31.96 1.96 -49.10
CA ASP E 262 -33.28 1.41 -49.36
C ASP E 262 -34.16 1.34 -48.11
N PHE E 263 -34.11 2.38 -47.29
CA PHE E 263 -34.91 2.40 -46.06
C PHE E 263 -35.45 3.78 -45.73
N ALA E 264 -34.78 4.83 -46.18
CA ALA E 264 -35.19 6.19 -45.87
C ALA E 264 -35.48 7.00 -47.14
N SER E 265 -36.51 7.83 -47.07
CA SER E 265 -36.91 8.67 -48.20
C SER E 265 -37.25 10.09 -47.76
N GLU E 266 -37.11 11.04 -48.67
CA GLU E 266 -37.39 12.45 -48.41
C GLU E 266 -36.43 13.03 -47.38
N ASP E 267 -35.53 12.19 -46.89
CA ASP E 267 -34.49 12.62 -45.95
C ASP E 267 -33.28 13.11 -46.72
N TRP E 268 -33.20 12.73 -47.98
CA TRP E 268 -32.12 13.16 -48.86
C TRP E 268 -32.11 14.69 -48.96
N GLY E 269 -33.26 15.30 -48.68
CA GLY E 269 -33.36 16.75 -48.60
C GLY E 269 -32.65 17.28 -47.38
N LYS E 270 -32.86 16.61 -46.26
CA LYS E 270 -32.19 16.98 -45.01
C LYS E 270 -30.73 16.55 -45.03
N LEU E 271 -30.40 15.62 -45.92
CA LEU E 271 -29.03 15.14 -46.08
C LEU E 271 -28.23 16.03 -47.02
N SER E 272 -28.76 16.27 -48.21
CA SER E 272 -28.11 17.14 -49.18
C SER E 272 -28.03 18.57 -48.66
N MET E 273 -28.54 18.79 -47.45
CA MET E 273 -28.47 20.08 -46.79
C MET E 273 -27.41 20.08 -45.70
N ALA E 274 -27.39 19.00 -44.92
CA ALA E 274 -26.42 18.85 -43.83
C ALA E 274 -25.01 18.70 -44.38
N ILE E 275 -24.86 17.85 -45.40
CA ILE E 275 -23.58 17.67 -46.08
C ILE E 275 -22.98 19.01 -46.49
N GLY E 276 -23.84 19.94 -46.88
CA GLY E 276 -23.42 21.30 -47.21
C GLY E 276 -22.98 22.07 -45.98
N GLU E 277 -23.82 22.07 -44.95
CA GLU E 277 -23.53 22.79 -43.72
C GLU E 277 -22.17 22.46 -43.13
N ILE E 278 -21.86 21.16 -43.05
CA ILE E 278 -20.59 20.71 -42.48
C ILE E 278 -19.40 21.15 -43.32
N SER E 279 -19.57 21.13 -44.64
CA SER E 279 -18.53 21.56 -45.56
C SER E 279 -18.46 23.09 -45.62
N ASN E 280 -19.54 23.74 -45.19
CA ASN E 280 -19.59 25.20 -45.18
C ASN E 280 -19.30 25.73 -43.78
N SER E 281 -18.71 24.87 -42.95
CA SER E 281 -18.41 25.22 -41.56
C SER E 281 -16.92 25.39 -41.34
N ASN E 282 -16.56 25.91 -40.16
CA ASN E 282 -15.16 26.13 -39.80
C ASN E 282 -14.65 25.06 -38.85
N ILE E 283 -15.17 23.85 -38.97
CA ILE E 283 -14.77 22.73 -38.12
C ILE E 283 -13.52 22.05 -38.65
N ASN E 284 -12.48 21.99 -37.82
CA ASN E 284 -11.25 21.30 -38.17
C ASN E 284 -11.02 20.10 -37.27
N ILE E 285 -10.85 18.92 -37.87
CA ILE E 285 -10.74 17.69 -37.10
C ILE E 285 -9.35 17.04 -37.21
N PHE E 286 -8.71 16.86 -36.06
CA PHE E 286 -7.43 16.17 -35.99
C PHE E 286 -7.60 14.82 -35.30
N ASP E 287 -7.09 13.76 -35.91
CA ASP E 287 -7.31 12.41 -35.38
C ASP E 287 -6.05 11.55 -35.29
N LYS E 288 -4.89 12.18 -35.10
CA LYS E 288 -3.67 11.43 -34.87
C LYS E 288 -3.81 10.63 -33.57
N ALA E 289 -3.33 9.40 -33.58
CA ALA E 289 -3.50 8.50 -32.44
C ALA E 289 -2.98 9.09 -31.14
N GLY E 290 -1.70 9.42 -31.10
CA GLY E 290 -1.08 9.98 -29.90
C GLY E 290 -0.83 11.47 -30.02
N GLN E 291 -1.56 12.25 -29.24
CA GLN E 291 -1.43 13.70 -29.28
C GLN E 291 -0.93 14.25 -27.95
N SER E 292 0.23 14.90 -27.98
CA SER E 292 0.76 15.58 -26.82
C SER E 292 0.16 16.99 -26.74
N VAL E 293 0.14 17.57 -25.55
CA VAL E 293 -0.37 18.93 -25.39
C VAL E 293 0.42 19.89 -26.27
N ASN E 294 1.69 19.54 -26.52
CA ASN E 294 2.55 20.32 -27.40
C ASN E 294 2.14 20.18 -28.86
N TYR E 295 1.66 18.99 -29.22
CA TYR E 295 1.17 18.73 -30.56
C TYR E 295 -0.02 19.64 -30.86
N ILE E 296 -1.02 19.58 -29.98
CA ILE E 296 -2.19 20.44 -30.09
C ILE E 296 -1.78 21.90 -30.14
N TRP E 297 -0.76 22.25 -29.36
CA TRP E 297 -0.24 23.61 -29.34
C TRP E 297 0.18 24.04 -30.74
N SER E 298 1.03 23.23 -31.37
CA SER E 298 1.53 23.54 -32.71
C SER E 298 0.40 23.72 -33.71
N LYS E 299 -0.55 22.79 -33.69
CA LYS E 299 -1.69 22.83 -34.59
C LYS E 299 -2.62 24.01 -34.29
N THR E 300 -2.46 24.60 -33.11
CA THR E 300 -3.27 25.74 -32.73
C THR E 300 -2.69 27.05 -33.26
N ARG E 301 -1.37 27.20 -33.17
CA ARG E 301 -0.69 28.35 -33.74
C ARG E 301 -0.96 28.40 -35.24
N GLN E 302 -0.75 27.25 -35.88
CA GLN E 302 -0.91 27.10 -37.33
C GLN E 302 -2.31 27.53 -37.79
N THR E 303 -3.33 27.04 -37.11
CA THR E 303 -4.71 27.38 -37.43
C THR E 303 -4.99 28.85 -37.15
N LYS E 304 -4.35 29.38 -36.10
CA LYS E 304 -4.53 30.78 -35.72
C LYS E 304 -3.78 31.71 -36.68
N ARG E 305 -2.68 31.21 -37.25
CA ARG E 305 -1.89 31.99 -38.20
C ARG E 305 -2.58 32.06 -39.56
N LYS E 306 -3.02 30.91 -40.06
CA LYS E 306 -3.71 30.83 -41.34
C LYS E 306 -5.03 31.62 -41.31
N ASN E 307 -5.61 31.73 -40.12
CA ASN E 307 -6.88 32.43 -39.95
C ASN E 307 -6.73 33.67 -39.06
N PRO E 308 -6.42 34.83 -39.67
CA PRO E 308 -6.25 36.05 -38.91
C PRO E 308 -7.58 36.68 -38.50
N GLY E 309 -7.55 37.46 -37.43
CA GLY E 309 -8.72 38.25 -37.01
C GLY E 309 -9.81 37.48 -36.29
N LYS E 310 -9.92 36.18 -36.56
CA LYS E 310 -10.98 35.36 -36.00
C LYS E 310 -10.54 34.57 -34.76
N ARG E 311 -11.48 34.31 -33.87
CA ARG E 311 -11.21 33.59 -32.63
C ARG E 311 -11.12 32.08 -32.88
N VAL E 312 -10.34 31.40 -32.07
CA VAL E 312 -10.16 29.96 -32.22
C VAL E 312 -10.53 29.21 -30.94
N ILE E 313 -11.22 28.08 -31.09
CA ILE E 313 -11.57 27.23 -29.97
C ILE E 313 -10.96 25.85 -30.16
N VAL E 314 -10.32 25.33 -29.12
CA VAL E 314 -9.67 24.02 -29.20
C VAL E 314 -10.39 23.00 -28.32
N MET E 315 -11.09 22.07 -28.95
CA MET E 315 -11.79 21.01 -28.22
C MET E 315 -10.95 19.74 -28.16
N ILE E 316 -11.10 18.99 -27.07
CA ILE E 316 -10.36 17.75 -26.89
C ILE E 316 -11.31 16.64 -26.42
N ASP E 317 -11.41 15.57 -27.22
CA ASP E 317 -12.33 14.48 -26.92
C ASP E 317 -11.68 13.43 -26.03
N TYR E 318 -11.35 13.83 -24.81
CA TYR E 318 -10.70 12.95 -23.82
C TYR E 318 -9.41 13.56 -23.28
N LEU E 319 -9.50 14.15 -22.10
CA LEU E 319 -8.35 14.71 -21.42
C LEU E 319 -7.34 13.62 -21.08
N GLN E 320 -7.86 12.42 -20.85
CA GLN E 320 -7.05 11.30 -20.38
C GLN E 320 -6.34 10.57 -21.52
N LEU E 321 -6.88 10.67 -22.73
CA LEU E 321 -6.27 10.03 -23.89
C LEU E 321 -5.12 10.84 -24.47
N LEU E 322 -4.93 12.05 -23.95
CA LEU E 322 -3.80 12.88 -24.35
C LEU E 322 -2.49 12.23 -23.92
N GLU E 323 -1.45 12.43 -24.72
CA GLU E 323 -0.14 11.86 -24.42
C GLU E 323 0.66 12.79 -23.53
N PRO E 324 1.07 12.30 -22.35
CA PRO E 324 1.82 13.09 -21.38
C PRO E 324 3.21 13.49 -21.91
N ALA E 325 3.92 14.31 -21.14
CA ALA E 325 5.26 14.74 -21.53
C ALA E 325 6.32 13.77 -21.02
N LYS E 326 6.18 13.35 -19.77
CA LYS E 326 7.09 12.39 -19.17
C LYS E 326 6.44 11.01 -19.08
N ALA E 327 6.86 10.10 -19.95
CA ALA E 327 6.28 8.76 -20.01
C ALA E 327 6.41 8.02 -18.67
N ASN E 328 7.62 8.02 -18.11
CA ASN E 328 7.87 7.41 -16.82
C ASN E 328 7.62 8.35 -15.66
N ASP E 329 6.35 8.46 -15.28
CA ASP E 329 5.94 9.33 -14.19
C ASP E 329 4.64 8.78 -13.60
N SER E 330 4.26 9.22 -12.40
CA SER E 330 3.03 8.78 -11.79
C SER E 330 1.82 9.32 -12.56
N ARG E 331 0.80 8.48 -12.72
CA ARG E 331 -0.40 8.84 -13.48
C ARG E 331 -1.03 10.14 -12.99
N THR E 332 -1.10 10.29 -11.67
CA THR E 332 -1.69 11.49 -11.06
C THR E 332 -0.90 12.75 -11.43
N ASN E 333 0.39 12.58 -11.70
CA ASN E 333 1.24 13.70 -12.11
C ASN E 333 1.13 14.02 -13.60
N GLN E 334 0.80 13.00 -14.40
CA GLN E 334 0.64 13.19 -15.84
C GLN E 334 -0.56 14.07 -16.13
N ILE E 335 -1.69 13.77 -15.48
CA ILE E 335 -2.90 14.55 -15.66
C ILE E 335 -2.67 15.99 -15.20
N SER E 336 -1.78 16.16 -14.22
CA SER E 336 -1.39 17.48 -13.77
C SER E 336 -0.52 18.17 -14.82
N GLN E 337 0.46 17.42 -15.33
CA GLN E 337 1.32 17.93 -16.40
C GLN E 337 0.48 18.39 -17.59
N ILE E 338 -0.54 17.60 -17.91
CA ILE E 338 -1.45 17.92 -19.00
C ILE E 338 -2.28 19.16 -18.66
N SER E 339 -3.02 19.07 -17.55
CA SER E 339 -3.90 20.16 -17.13
C SER E 339 -3.20 21.50 -17.09
N ARG E 340 -2.07 21.56 -16.37
CA ARG E 340 -1.30 22.79 -16.26
C ARG E 340 -0.89 23.32 -17.62
N ASP E 341 -0.39 22.45 -18.48
CA ASP E 341 0.04 22.83 -19.82
C ASP E 341 -1.13 23.32 -20.66
N LEU E 342 -2.26 22.65 -20.56
CA LEU E 342 -3.46 23.02 -21.30
C LEU E 342 -3.90 24.44 -20.98
N LYS E 343 -3.88 24.80 -19.70
CA LYS E 343 -4.24 26.15 -19.29
C LYS E 343 -3.30 27.17 -19.90
N LYS E 344 -1.99 26.95 -19.72
CA LYS E 344 -0.98 27.82 -20.28
C LYS E 344 -1.27 28.16 -21.74
N MET E 345 -1.62 27.14 -22.51
CA MET E 345 -1.93 27.29 -23.92
C MET E 345 -3.02 28.34 -24.14
N ALA E 346 -4.15 28.14 -23.47
CA ALA E 346 -5.28 29.07 -23.56
C ALA E 346 -4.87 30.50 -23.22
N ARG E 347 -4.06 30.64 -22.17
CA ARG E 347 -3.60 31.93 -21.70
C ARG E 347 -2.64 32.59 -22.68
N GLU E 348 -1.58 31.86 -23.04
CA GLU E 348 -0.49 32.41 -23.82
C GLU E 348 -0.78 32.47 -25.32
N LEU E 349 -1.77 31.69 -25.76
CA LEU E 349 -2.13 31.66 -27.17
C LEU E 349 -3.45 32.39 -27.38
N ASP E 350 -4.13 32.68 -26.28
CA ASP E 350 -5.37 33.46 -26.27
C ASP E 350 -6.49 32.79 -27.08
N VAL E 351 -6.80 31.54 -26.73
CA VAL E 351 -7.84 30.77 -27.40
C VAL E 351 -8.66 29.97 -26.38
N VAL E 352 -9.94 29.76 -26.67
CA VAL E 352 -10.79 28.97 -25.80
C VAL E 352 -10.37 27.51 -25.82
N VAL E 353 -10.02 26.96 -24.66
CA VAL E 353 -9.66 25.56 -24.59
C VAL E 353 -10.73 24.75 -23.86
N ILE E 354 -11.46 23.95 -24.64
CA ILE E 354 -12.49 23.07 -24.10
C ILE E 354 -11.98 21.64 -24.10
N ALA E 355 -11.95 21.01 -22.93
CA ALA E 355 -11.47 19.65 -22.81
C ALA E 355 -12.51 18.73 -22.19
N LEU E 356 -12.95 17.74 -22.95
CA LEU E 356 -13.83 16.71 -22.43
C LEU E 356 -13.05 15.82 -21.48
N SER E 357 -13.71 15.36 -20.42
CA SER E 357 -13.06 14.50 -19.44
C SER E 357 -14.00 13.39 -18.98
N GLN E 358 -13.52 12.56 -18.07
CA GLN E 358 -14.32 11.49 -17.51
C GLN E 358 -14.33 11.59 -15.99
N LEU E 359 -15.40 11.08 -15.38
CA LEU E 359 -15.54 11.15 -13.93
C LEU E 359 -15.32 9.78 -13.30
N SER E 360 -14.78 9.78 -12.08
CA SER E 360 -14.51 8.54 -11.37
C SER E 360 -15.69 7.58 -11.45
N ARG E 361 -15.38 6.31 -11.67
CA ARG E 361 -16.40 5.26 -11.70
C ARG E 361 -17.11 5.18 -10.35
N GLN E 362 -16.60 5.94 -9.39
CA GLN E 362 -17.11 5.93 -8.01
C GLN E 362 -18.43 6.69 -7.89
N VAL E 363 -18.83 7.38 -8.95
CA VAL E 363 -20.07 8.16 -8.95
C VAL E 363 -21.30 7.27 -8.87
N GLU E 364 -21.22 6.09 -9.48
CA GLU E 364 -22.37 5.21 -9.60
C GLU E 364 -22.64 4.38 -8.35
N GLN E 365 -21.83 4.58 -7.31
CA GLN E 365 -22.01 3.87 -6.06
C GLN E 365 -22.58 4.78 -4.98
N ARG E 366 -23.39 5.76 -5.39
CA ARG E 366 -24.05 6.66 -4.46
C ARG E 366 -25.55 6.71 -4.74
N GLN E 367 -26.29 7.45 -3.91
CA GLN E 367 -27.72 7.59 -4.09
C GLN E 367 -28.04 8.70 -5.07
N ASP E 368 -27.32 9.82 -4.95
CA ASP E 368 -27.43 10.92 -5.89
C ASP E 368 -26.32 10.82 -6.93
N LYS E 369 -26.68 10.42 -8.14
CA LYS E 369 -25.71 10.16 -9.19
C LYS E 369 -25.18 11.46 -9.80
N ARG E 370 -25.48 12.57 -9.12
CA ARG E 370 -25.11 13.89 -9.61
C ARG E 370 -23.66 14.20 -9.28
N PRO E 371 -22.84 14.44 -10.32
CA PRO E 371 -21.40 14.69 -10.21
C PRO E 371 -21.03 15.95 -9.45
N MET E 372 -19.98 15.87 -8.64
CA MET E 372 -19.40 17.04 -7.98
C MET E 372 -17.92 17.12 -8.32
N LEU E 373 -17.24 18.13 -7.80
CA LEU E 373 -15.84 18.36 -8.13
C LEU E 373 -14.91 17.23 -7.68
N SER E 374 -15.13 16.73 -6.48
CA SER E 374 -14.30 15.68 -5.91
C SER E 374 -14.27 14.43 -6.76
N ASP E 375 -15.26 14.28 -7.63
CA ASP E 375 -15.37 13.10 -8.48
C ASP E 375 -14.30 13.06 -9.56
N LEU E 376 -13.61 14.17 -9.76
CA LEU E 376 -12.44 14.18 -10.65
C LEU E 376 -11.34 13.38 -9.97
N ARG E 377 -11.29 12.08 -10.31
CA ARG E 377 -10.47 11.08 -9.62
C ARG E 377 -9.00 11.46 -9.47
N GLU E 378 -8.16 10.88 -10.31
CA GLU E 378 -6.72 11.10 -10.30
C GLU E 378 -6.35 12.58 -10.34
N SER E 379 -6.85 13.27 -11.36
CA SER E 379 -6.57 14.68 -11.59
C SER E 379 -6.70 15.53 -10.33
N GLY E 380 -5.56 16.02 -9.84
CA GLY E 380 -5.55 16.92 -8.69
C GLY E 380 -5.42 18.36 -9.15
N GLN E 381 -4.33 18.65 -9.85
CA GLN E 381 -4.07 19.99 -10.38
C GLN E 381 -5.06 20.30 -11.51
N LEU E 382 -6.14 19.54 -11.57
CA LEU E 382 -7.15 19.69 -12.61
C LEU E 382 -8.17 20.76 -12.25
N GLU E 383 -9.00 20.48 -11.25
CA GLU E 383 -10.05 21.38 -10.83
C GLU E 383 -9.53 22.80 -10.56
N GLN E 384 -8.24 22.88 -10.24
CA GLN E 384 -7.62 24.17 -9.93
C GLN E 384 -7.29 24.99 -11.17
N ASP E 385 -6.91 24.32 -12.25
CA ASP E 385 -6.54 25.01 -13.48
C ASP E 385 -7.73 25.20 -14.42
N ALA E 386 -8.87 24.63 -14.04
CA ALA E 386 -10.07 24.76 -14.85
C ALA E 386 -10.84 26.03 -14.49
N ASP E 387 -11.41 26.67 -15.51
CA ASP E 387 -12.16 27.91 -15.31
C ASP E 387 -13.66 27.68 -15.23
N ILE E 388 -14.16 26.79 -16.09
CA ILE E 388 -15.59 26.48 -16.10
C ILE E 388 -15.84 24.97 -16.14
N ILE E 389 -15.70 24.32 -14.99
CA ILE E 389 -15.98 22.90 -14.89
C ILE E 389 -17.48 22.67 -15.01
N GLU E 390 -17.90 21.98 -16.07
CA GLU E 390 -19.31 21.70 -16.30
C GLU E 390 -19.57 20.20 -16.52
N PHE E 391 -20.24 19.59 -15.56
CA PHE E 391 -20.57 18.17 -15.66
C PHE E 391 -21.88 17.97 -16.43
N LEU E 392 -22.02 16.81 -17.06
CA LEU E 392 -23.26 16.45 -17.74
C LEU E 392 -23.98 15.34 -16.98
N TYR E 393 -25.31 15.41 -16.94
CA TYR E 393 -26.09 14.42 -16.22
C TYR E 393 -27.43 14.10 -16.88
N ARG E 394 -27.55 12.88 -17.38
CA ARG E 394 -28.82 12.37 -17.88
C ARG E 394 -29.48 11.53 -16.80
N ASP E 395 -30.61 12.00 -16.28
CA ASP E 395 -31.31 11.31 -15.20
C ASP E 395 -31.96 10.02 -15.68
N ASP E 396 -32.40 10.01 -16.93
CA ASP E 396 -33.09 8.84 -17.48
C ASP E 396 -32.13 7.70 -17.83
N TYR E 397 -30.91 7.74 -17.30
CA TYR E 397 -29.95 6.68 -17.48
C TYR E 397 -29.94 5.76 -16.26
N TYR E 398 -29.98 6.36 -15.08
CA TYR E 398 -29.97 5.61 -13.84
C TYR E 398 -31.39 5.29 -13.38
N ASP E 399 -32.36 6.01 -13.93
CA ASP E 399 -33.75 5.82 -13.57
C ASP E 399 -34.57 5.58 -14.84
N LYS E 400 -35.22 4.42 -14.93
CA LYS E 400 -36.03 4.09 -16.10
C LYS E 400 -37.34 4.86 -16.09
N GLU E 401 -37.72 5.35 -14.92
CA GLU E 401 -38.97 6.09 -14.75
C GLU E 401 -38.69 7.47 -14.17
N SER E 402 -38.01 8.31 -14.96
CA SER E 402 -37.66 9.65 -14.52
C SER E 402 -38.71 10.66 -14.96
N GLU E 403 -38.97 11.64 -14.09
CA GLU E 403 -39.90 12.72 -14.41
C GLU E 403 -39.28 13.66 -15.44
N SER E 404 -37.99 13.47 -15.69
CA SER E 404 -37.27 14.25 -16.69
C SER E 404 -36.87 13.37 -17.87
N LYS E 405 -37.87 12.96 -18.66
CA LYS E 405 -37.64 12.10 -19.81
C LYS E 405 -36.85 12.82 -20.89
N ASN E 406 -35.69 12.27 -21.23
CA ASN E 406 -34.82 12.84 -22.27
C ASN E 406 -34.31 14.23 -21.92
N ILE E 407 -33.86 14.41 -20.68
CA ILE E 407 -33.37 15.70 -20.21
C ILE E 407 -31.96 15.62 -19.63
N VAL E 408 -31.00 16.19 -20.34
CA VAL E 408 -29.63 16.32 -19.85
C VAL E 408 -29.53 17.63 -19.08
N GLU E 409 -28.97 17.58 -17.88
CA GLU E 409 -28.76 18.80 -17.12
C GLU E 409 -27.28 19.14 -16.98
N VAL E 410 -26.86 20.18 -17.69
CA VAL E 410 -25.49 20.66 -17.62
C VAL E 410 -25.27 21.37 -16.29
N ILE E 411 -24.32 20.85 -15.50
CA ILE E 411 -24.07 21.37 -14.17
C ILE E 411 -22.76 22.15 -14.09
N ILE E 412 -22.85 23.47 -14.11
CA ILE E 412 -21.68 24.31 -13.93
C ILE E 412 -21.30 24.32 -12.45
N ALA E 413 -20.26 23.58 -12.12
CA ALA E 413 -19.84 23.42 -10.74
C ALA E 413 -18.76 24.44 -10.36
N LYS E 414 -18.15 25.05 -11.37
CA LYS E 414 -17.12 26.06 -11.14
C LYS E 414 -17.08 27.13 -12.23
N HIS E 415 -17.23 28.38 -11.82
CA HIS E 415 -17.09 29.52 -12.73
C HIS E 415 -16.22 30.54 -12.01
N ARG E 416 -15.03 30.80 -12.55
CA ARG E 416 -14.08 31.68 -11.87
C ARG E 416 -14.49 33.15 -11.99
N ASP E 417 -14.98 33.55 -13.16
CA ASP E 417 -15.41 34.92 -13.38
C ASP E 417 -16.93 35.04 -13.49
N GLY E 418 -17.65 34.08 -12.91
CA GLY E 418 -19.10 34.06 -12.96
C GLY E 418 -19.74 33.21 -11.88
N PRO E 419 -21.06 32.98 -11.99
CA PRO E 419 -21.84 32.22 -11.02
C PRO E 419 -21.95 30.74 -11.39
N VAL E 420 -22.41 29.93 -10.43
CA VAL E 420 -22.65 28.51 -10.67
C VAL E 420 -24.14 28.24 -10.91
N GLY E 421 -24.52 26.97 -10.92
CA GLY E 421 -25.91 26.60 -11.12
C GLY E 421 -26.10 25.51 -12.17
N THR E 422 -27.32 24.98 -12.25
CA THR E 422 -27.62 23.91 -13.18
C THR E 422 -28.51 24.40 -14.33
N VAL E 423 -28.14 24.02 -15.56
CA VAL E 423 -28.90 24.38 -16.75
C VAL E 423 -29.47 23.13 -17.40
N SER E 424 -30.74 23.17 -17.76
CA SER E 424 -31.41 22.00 -18.35
C SER E 424 -31.56 22.13 -19.86
N LEU E 425 -31.29 21.03 -20.56
CA LEU E 425 -31.45 20.98 -22.01
C LEU E 425 -32.12 19.67 -22.42
N ALA E 426 -32.91 19.72 -23.49
CA ALA E 426 -33.59 18.54 -24.00
C ALA E 426 -32.69 17.76 -24.95
N PHE E 427 -32.40 16.51 -24.60
CA PHE E 427 -31.51 15.67 -25.40
C PHE E 427 -32.28 14.73 -26.31
N ILE E 428 -32.09 14.91 -27.61
CA ILE E 428 -32.72 14.03 -28.59
C ILE E 428 -31.78 12.89 -28.95
N LYS E 429 -31.93 11.78 -28.24
CA LYS E 429 -31.06 10.62 -28.39
C LYS E 429 -30.86 10.20 -29.84
N GLU E 430 -31.89 10.42 -30.64
CA GLU E 430 -31.92 9.90 -32.01
C GLU E 430 -31.13 10.76 -33.00
N TYR E 431 -31.00 12.04 -32.71
CA TYR E 431 -30.29 12.94 -33.63
C TYR E 431 -29.02 13.51 -33.00
N GLY E 432 -28.77 13.17 -31.74
CA GLY E 432 -27.63 13.72 -31.01
C GLY E 432 -27.72 15.23 -30.95
N ASN E 433 -28.95 15.73 -30.81
CA ASN E 433 -29.21 17.15 -30.80
C ASN E 433 -29.64 17.64 -29.42
N PHE E 434 -29.32 18.89 -29.11
CA PHE E 434 -29.70 19.48 -27.83
C PHE E 434 -30.63 20.68 -28.05
N VAL E 435 -31.71 20.73 -27.27
CA VAL E 435 -32.72 21.77 -27.43
C VAL E 435 -32.79 22.73 -26.24
N ASN E 436 -33.09 23.99 -26.52
CA ASN E 436 -33.20 25.01 -25.48
C ASN E 436 -34.52 24.92 -24.72
N LEU E 437 -34.54 25.46 -23.51
CA LEU E 437 -35.75 25.46 -22.68
C LEU E 437 -35.98 26.83 -22.04
N GLU E 438 -36.89 26.88 -21.08
CA GLU E 438 -37.15 28.10 -20.31
C GLU E 438 -37.56 29.28 -21.20
N ASN F 14 23.96 14.26 -38.60
CA ASN F 14 23.97 15.51 -39.41
C ASN F 14 24.05 16.76 -38.53
N GLU F 15 25.08 17.58 -38.75
CA GLU F 15 25.27 18.80 -37.98
C GLU F 15 24.70 20.02 -38.70
N TYR F 16 24.75 20.00 -40.03
CA TYR F 16 24.32 21.14 -40.84
C TYR F 16 22.87 21.51 -40.61
N ALA F 17 21.97 20.55 -40.82
CA ALA F 17 20.55 20.77 -40.60
C ALA F 17 20.24 20.92 -39.11
N GLU F 18 21.13 20.38 -38.28
CA GLU F 18 20.98 20.46 -36.84
C GLU F 18 21.21 21.88 -36.36
N GLN F 19 22.15 22.58 -36.99
CA GLN F 19 22.40 23.99 -36.69
C GLN F 19 21.17 24.81 -37.04
N ALA F 20 20.69 24.63 -38.27
CA ALA F 20 19.52 25.37 -38.77
C ALA F 20 18.34 25.29 -37.81
N VAL F 21 18.09 24.10 -37.27
CA VAL F 21 16.99 23.91 -36.32
C VAL F 21 17.21 24.72 -35.04
N LEU F 22 18.36 24.51 -34.40
CA LEU F 22 18.70 25.24 -33.18
C LEU F 22 18.62 26.74 -33.42
N GLY F 23 19.26 27.21 -34.48
CA GLY F 23 19.28 28.62 -34.81
C GLY F 23 17.89 29.19 -35.07
N SER F 24 17.16 28.57 -35.99
CA SER F 24 15.83 29.05 -36.35
C SER F 24 14.91 29.13 -35.13
N ILE F 25 15.25 28.39 -34.09
CA ILE F 25 14.52 28.45 -32.84
C ILE F 25 15.01 29.61 -31.99
N LEU F 26 16.32 29.84 -31.99
CA LEU F 26 16.91 30.95 -31.27
C LEU F 26 16.49 32.28 -31.89
N THR F 27 15.97 32.22 -33.11
CA THR F 27 15.46 33.41 -33.80
C THR F 27 13.96 33.54 -33.55
N GLU F 28 13.24 32.43 -33.66
CA GLU F 28 11.81 32.40 -33.37
C GLU F 28 11.55 31.50 -32.16
N PRO F 29 11.57 32.08 -30.95
CA PRO F 29 11.45 31.38 -29.68
C PRO F 29 10.07 30.77 -29.46
N GLU F 30 9.35 30.52 -30.55
CA GLU F 30 8.02 29.94 -30.49
C GLU F 30 7.95 28.73 -31.41
N LEU F 31 9.10 28.37 -31.97
CA LEU F 31 9.18 27.26 -32.91
C LEU F 31 9.45 25.93 -32.21
N ILE F 32 10.03 25.99 -31.01
CA ILE F 32 10.25 24.80 -30.20
C ILE F 32 8.96 24.00 -30.03
N LYS F 33 7.83 24.67 -30.16
CA LYS F 33 6.52 24.03 -30.07
C LYS F 33 6.08 23.44 -31.40
N GLU F 34 6.32 24.16 -32.48
CA GLU F 34 5.91 23.73 -33.82
C GLU F 34 6.64 22.49 -34.32
N CYS F 35 7.62 22.03 -33.53
CA CYS F 35 8.36 20.81 -33.86
C CYS F 35 8.95 20.18 -32.60
N PRO F 36 8.39 19.03 -32.18
CA PRO F 36 8.78 18.34 -30.96
C PRO F 36 10.07 17.54 -31.11
N LEU F 37 10.99 17.73 -30.17
CA LEU F 37 12.26 17.01 -30.16
C LEU F 37 12.74 16.80 -28.74
N THR F 38 13.76 15.96 -28.59
CA THR F 38 14.46 15.78 -27.32
C THR F 38 15.96 15.93 -27.57
N PRO F 39 16.72 16.33 -26.53
CA PRO F 39 18.15 16.50 -26.70
C PRO F 39 18.80 15.26 -27.31
N GLU F 40 18.12 14.12 -27.20
CA GLU F 40 18.60 12.85 -27.74
C GLU F 40 18.81 12.92 -29.24
N HIS F 41 18.14 13.87 -29.89
CA HIS F 41 18.22 14.03 -31.34
C HIS F 41 19.52 14.69 -31.76
N PHE F 42 20.04 15.56 -30.88
CA PHE F 42 21.17 16.40 -31.24
C PHE F 42 22.53 15.79 -30.89
N SER F 43 23.57 16.34 -31.51
CA SER F 43 24.94 15.88 -31.30
C SER F 43 25.33 16.03 -29.82
N PRO F 44 26.44 15.38 -29.42
CA PRO F 44 26.88 15.45 -28.04
C PRO F 44 27.41 16.82 -27.66
N GLY F 45 27.33 17.15 -26.38
CA GLY F 45 27.86 18.42 -25.88
C GLY F 45 27.03 19.63 -26.25
N LYS F 46 27.57 20.44 -27.15
CA LYS F 46 26.93 21.69 -27.56
C LYS F 46 25.47 21.51 -27.94
N HIS F 47 25.23 21.12 -29.20
CA HIS F 47 23.88 20.94 -29.72
C HIS F 47 22.96 20.25 -28.72
N PHE F 48 23.50 19.30 -27.97
CA PHE F 48 22.75 18.58 -26.93
C PHE F 48 22.33 19.55 -25.82
N ASN F 49 23.31 20.22 -25.23
CA ASN F 49 23.06 21.18 -24.17
C ASN F 49 22.30 22.40 -24.67
N ILE F 50 22.48 22.72 -25.95
CA ILE F 50 21.78 23.84 -26.57
C ILE F 50 20.28 23.59 -26.60
N TYR F 51 19.89 22.32 -26.63
CA TYR F 51 18.47 21.96 -26.62
C TYR F 51 17.98 21.62 -25.21
N PHE F 52 18.78 20.87 -24.47
CA PHE F 52 18.41 20.47 -23.11
C PHE F 52 17.98 21.70 -22.31
N THR F 53 18.88 22.68 -22.22
CA THR F 53 18.58 23.93 -21.53
C THR F 53 17.49 24.70 -22.25
N MET F 54 17.46 24.57 -23.57
CA MET F 54 16.45 25.24 -24.39
C MET F 54 15.07 24.66 -24.11
N GLN F 55 15.00 23.35 -23.99
CA GLN F 55 13.74 22.67 -23.73
C GLN F 55 13.24 22.95 -22.32
N ASP F 56 14.16 22.86 -21.35
CA ASP F 56 13.81 23.09 -19.94
C ASP F 56 13.08 24.41 -19.75
N LEU F 57 13.65 25.49 -20.29
CA LEU F 57 13.07 26.82 -20.15
C LEU F 57 11.64 26.87 -20.66
N ASP F 58 11.32 26.01 -21.63
CA ASP F 58 9.99 25.95 -22.20
C ASP F 58 9.02 25.21 -21.27
N ARG F 59 9.49 24.12 -20.70
CA ARG F 59 8.68 23.32 -19.78
C ARG F 59 8.38 24.09 -18.50
N LYS F 60 9.27 25.01 -18.14
CA LYS F 60 9.07 25.87 -16.98
C LYS F 60 8.16 27.03 -17.32
N GLY F 61 7.65 27.03 -18.55
CA GLY F 61 6.70 28.05 -19.00
C GLY F 61 7.31 29.40 -19.23
N GLN F 62 8.38 29.46 -20.02
CA GLN F 62 9.07 30.70 -20.31
C GLN F 62 9.40 30.84 -21.79
N SER F 63 10.29 31.79 -22.10
CA SER F 63 10.72 32.02 -23.47
C SER F 63 12.11 31.43 -23.70
N VAL F 64 12.52 31.34 -24.97
CA VAL F 64 13.82 30.77 -25.31
C VAL F 64 14.60 31.64 -26.28
N ASP F 65 15.48 32.47 -25.75
CA ASP F 65 16.36 33.31 -26.56
C ASP F 65 17.74 33.36 -25.93
N PHE F 66 18.74 33.81 -26.69
CA PHE F 66 20.11 33.90 -26.20
C PHE F 66 20.11 34.44 -24.78
N THR F 67 19.54 35.65 -24.64
CA THR F 67 19.50 36.36 -23.36
C THR F 67 19.00 35.47 -22.23
N SER F 68 17.92 34.75 -22.47
CA SER F 68 17.31 33.90 -21.45
C SER F 68 18.14 32.64 -21.20
N ILE F 69 18.66 32.05 -22.27
CA ILE F 69 19.45 30.83 -22.17
C ILE F 69 20.75 31.07 -21.41
N ALA F 70 21.49 32.09 -21.82
CA ALA F 70 22.74 32.45 -21.16
C ALA F 70 22.46 32.93 -19.73
N ALA F 71 21.23 33.37 -19.48
CA ALA F 71 20.82 33.80 -18.16
C ALA F 71 20.59 32.60 -17.25
N ARG F 72 20.12 31.50 -17.83
CA ARG F 72 19.87 30.27 -17.09
C ARG F 72 21.17 29.65 -16.61
N VAL F 73 21.98 29.16 -17.54
CA VAL F 73 23.27 28.57 -17.23
C VAL F 73 24.36 29.65 -17.20
N GLY F 74 24.42 30.40 -16.10
CA GLY F 74 25.33 31.53 -15.98
C GLY F 74 26.79 31.16 -15.87
N GLU F 75 27.08 30.07 -15.16
CA GLU F 75 28.46 29.61 -14.99
C GLU F 75 28.80 28.56 -16.04
N LYS F 76 27.82 27.73 -16.38
CA LYS F 76 28.04 26.65 -17.33
C LYS F 76 27.67 27.05 -18.76
N LEU F 77 27.90 28.32 -19.09
CA LEU F 77 27.61 28.83 -20.42
C LEU F 77 28.58 28.31 -21.50
N PRO F 78 29.89 28.27 -21.18
CA PRO F 78 30.88 27.81 -22.14
C PRO F 78 30.62 26.40 -22.68
N GLN F 79 29.89 25.59 -21.93
CA GLN F 79 29.56 24.23 -22.34
C GLN F 79 28.55 24.21 -23.49
N LEU F 80 28.03 25.38 -23.82
CA LEU F 80 27.10 25.53 -24.95
C LEU F 80 27.80 26.24 -26.10
N GLY F 81 29.13 26.23 -26.07
CA GLY F 81 29.93 26.86 -27.10
C GLY F 81 30.19 28.33 -26.82
N GLY F 82 29.82 28.78 -25.62
CA GLY F 82 29.91 30.19 -25.26
C GLY F 82 28.80 30.97 -25.92
N PHE F 83 28.62 32.23 -25.51
CA PHE F 83 27.58 33.07 -26.10
C PHE F 83 27.86 33.33 -27.57
N GLY F 84 29.15 33.43 -27.92
CA GLY F 84 29.57 33.69 -29.28
C GLY F 84 29.12 32.63 -30.28
N TYR F 85 28.60 31.52 -29.76
CA TYR F 85 28.11 30.45 -30.62
C TYR F 85 26.61 30.55 -30.85
N LEU F 86 25.87 30.88 -29.80
CA LEU F 86 24.42 31.05 -29.90
C LEU F 86 24.10 32.06 -31.00
N THR F 87 24.84 33.16 -31.02
CA THR F 87 24.65 34.20 -32.03
C THR F 87 25.01 33.71 -33.43
N GLU F 88 26.05 32.87 -33.51
CA GLU F 88 26.47 32.31 -34.79
C GLU F 88 25.41 31.38 -35.35
N LEU F 89 24.73 30.65 -34.46
CA LEU F 89 23.65 29.76 -34.85
C LEU F 89 22.45 30.56 -35.35
N ALA F 90 22.16 31.67 -34.69
CA ALA F 90 21.02 32.52 -35.06
C ALA F 90 21.30 33.31 -36.33
N ALA F 91 22.57 33.50 -36.64
CA ALA F 91 22.97 34.20 -37.85
C ALA F 91 23.08 33.24 -39.03
N SER F 92 23.26 31.96 -38.73
CA SER F 92 23.39 30.92 -39.75
C SER F 92 22.09 30.70 -40.53
N VAL F 93 20.97 30.95 -39.87
CA VAL F 93 19.66 30.76 -40.48
C VAL F 93 19.26 31.97 -41.33
N ALA F 94 19.16 31.75 -42.64
CA ALA F 94 18.78 32.81 -43.57
C ALA F 94 17.30 33.13 -43.46
N SER F 95 16.48 32.08 -43.43
CA SER F 95 15.04 32.23 -43.25
C SER F 95 14.47 31.01 -42.53
N THR F 96 13.50 31.25 -41.65
CA THR F 96 12.90 30.18 -40.86
C THR F 96 11.76 29.48 -41.62
N THR F 97 11.91 29.38 -42.93
CA THR F 97 10.92 28.72 -43.78
C THR F 97 11.27 27.26 -43.98
N THR F 98 12.57 26.96 -43.98
CA THR F 98 13.05 25.59 -44.16
C THR F 98 13.08 24.83 -42.84
N PHE F 99 12.54 25.45 -41.79
CA PHE F 99 12.54 24.86 -40.46
C PHE F 99 11.92 23.46 -40.46
N LYS F 100 10.77 23.32 -41.11
CA LYS F 100 10.08 22.04 -41.22
C LYS F 100 10.98 20.99 -41.88
N GLN F 101 11.55 21.37 -43.02
CA GLN F 101 12.44 20.51 -43.79
C GLN F 101 13.65 20.06 -42.97
N HIS F 102 14.21 20.99 -42.20
CA HIS F 102 15.38 20.70 -41.38
C HIS F 102 15.02 19.96 -40.09
N CYS F 103 13.86 20.28 -39.53
CA CYS F 103 13.41 19.62 -38.32
C CYS F 103 13.01 18.18 -38.64
N GLN F 104 12.89 17.88 -39.93
CA GLN F 104 12.63 16.53 -40.38
C GLN F 104 13.95 15.82 -40.65
N THR F 105 14.89 16.52 -41.28
CA THR F 105 16.22 15.98 -41.54
C THR F 105 16.85 15.53 -40.21
N VAL F 106 16.63 16.30 -39.16
CA VAL F 106 17.10 15.97 -37.83
C VAL F 106 16.34 14.78 -37.26
N SER F 107 15.05 14.71 -37.58
CA SER F 107 14.18 13.65 -37.07
C SER F 107 14.45 12.31 -37.74
N GLU F 108 14.78 12.35 -39.03
CA GLU F 108 15.11 11.14 -39.77
C GLU F 108 16.41 10.53 -39.22
N TYR F 109 17.42 11.39 -39.04
CA TYR F 109 18.72 10.97 -38.51
C TYR F 109 18.63 10.46 -37.06
N PHE F 110 17.57 10.82 -36.36
CA PHE F 110 17.35 10.34 -35.00
C PHE F 110 16.87 8.89 -35.01
N GLN F 111 15.92 8.58 -35.88
CA GLN F 111 15.43 7.23 -36.04
C GLN F 111 16.59 6.32 -36.45
N LYS F 112 17.34 6.77 -37.45
CA LYS F 112 18.51 6.07 -37.94
C LYS F 112 19.49 5.75 -36.81
N ARG F 113 19.64 6.68 -35.87
CA ARG F 113 20.52 6.48 -34.72
C ARG F 113 20.00 5.39 -33.80
N LYS F 114 18.68 5.33 -33.65
CA LYS F 114 18.06 4.36 -32.75
C LYS F 114 17.75 3.03 -33.45
N ALA F 115 17.57 3.07 -34.76
CA ALA F 115 17.39 1.86 -35.54
C ALA F 115 18.62 0.97 -35.41
N ILE F 116 19.79 1.59 -35.43
CA ILE F 116 21.05 0.88 -35.23
C ILE F 116 21.20 0.48 -33.77
N SER F 117 20.86 1.40 -32.88
CA SER F 117 20.95 1.16 -31.45
C SER F 117 20.06 0.00 -31.01
N ILE F 118 18.99 -0.25 -31.77
CA ILE F 118 18.08 -1.36 -31.47
C ILE F 118 18.42 -2.60 -32.30
N ALA F 119 19.19 -2.41 -33.37
CA ALA F 119 19.63 -3.54 -34.18
C ALA F 119 20.79 -4.24 -33.50
N GLN F 120 21.81 -3.47 -33.11
CA GLN F 120 22.95 -4.00 -32.38
C GLN F 120 22.55 -4.29 -30.94
N GLN F 121 21.28 -4.06 -30.64
CA GLN F 121 20.71 -4.41 -29.35
C GLN F 121 20.36 -5.89 -29.36
N ILE F 122 19.64 -6.30 -30.40
CA ILE F 122 19.23 -7.70 -30.57
C ILE F 122 20.43 -8.62 -30.49
N ILE F 123 21.43 -8.33 -31.32
CA ILE F 123 22.64 -9.12 -31.39
C ILE F 123 23.17 -9.48 -30.00
N GLU F 124 23.52 -8.46 -29.22
CA GLU F 124 24.05 -8.67 -27.88
C GLU F 124 23.02 -9.32 -26.96
N ASN F 125 21.77 -8.89 -27.07
CA ASN F 125 20.68 -9.41 -26.25
C ASN F 125 20.50 -10.92 -26.36
N VAL F 126 20.36 -11.40 -27.58
CA VAL F 126 20.14 -12.82 -27.84
C VAL F 126 21.18 -13.68 -27.11
N ASN F 127 22.45 -13.36 -27.31
CA ASN F 127 23.53 -14.12 -26.69
C ASN F 127 23.68 -13.82 -25.21
N VAL F 134 18.88 -16.83 -22.34
CA VAL F 134 17.73 -17.70 -22.58
C VAL F 134 17.32 -17.70 -24.05
N LYS F 135 16.18 -18.32 -24.34
CA LYS F 135 15.65 -18.42 -25.70
C LYS F 135 15.49 -17.05 -26.34
N PRO F 136 15.95 -16.92 -27.61
CA PRO F 136 15.92 -15.65 -28.34
C PRO F 136 14.52 -15.24 -28.79
N ILE F 137 13.50 -15.76 -28.12
CA ILE F 137 12.12 -15.41 -28.45
C ILE F 137 11.76 -14.04 -27.87
N GLN F 138 11.94 -13.89 -26.55
CA GLN F 138 11.62 -12.64 -25.88
C GLN F 138 12.46 -11.49 -26.42
N GLU F 139 13.50 -11.82 -27.19
CA GLU F 139 14.31 -10.82 -27.84
C GLU F 139 13.55 -10.20 -29.00
N ALA F 140 13.24 -11.02 -29.99
CA ALA F 140 12.48 -10.57 -31.16
C ALA F 140 11.17 -9.91 -30.74
N VAL F 141 10.76 -10.14 -29.50
CA VAL F 141 9.57 -9.51 -28.95
C VAL F 141 9.90 -8.14 -28.36
N SER F 142 10.93 -8.09 -27.51
CA SER F 142 11.36 -6.85 -26.88
C SER F 142 11.97 -5.90 -27.92
N GLU F 143 12.66 -6.47 -28.89
CA GLU F 143 13.28 -5.69 -29.97
C GLU F 143 12.22 -5.25 -30.98
N LEU F 144 11.00 -5.73 -30.77
CA LEU F 144 9.89 -5.42 -31.67
C LEU F 144 9.16 -4.16 -31.21
N MET F 145 8.81 -4.13 -29.93
CA MET F 145 8.08 -3.01 -29.34
C MET F 145 8.88 -1.71 -29.38
N GLU F 146 10.21 -1.84 -29.38
CA GLU F 146 11.08 -0.68 -29.53
C GLU F 146 11.05 -0.13 -30.95
N ILE F 147 11.22 -1.00 -31.93
CA ILE F 147 11.28 -0.58 -33.33
C ILE F 147 10.01 0.13 -33.77
N GLU F 148 8.88 -0.23 -33.16
CA GLU F 148 7.60 0.38 -33.53
C GLU F 148 7.47 1.81 -32.99
N ALA F 149 8.17 2.11 -31.91
CA ALA F 149 8.19 3.45 -31.36
C ALA F 149 9.07 4.37 -32.20
N SER F 150 9.15 4.08 -33.50
CA SER F 150 9.93 4.87 -34.45
C SER F 150 9.08 5.35 -35.62
N GLY F 151 7.98 4.63 -35.89
CA GLY F 151 7.04 5.05 -36.92
C GLY F 151 6.18 6.19 -36.41
N THR F 152 6.82 7.12 -35.72
CA THR F 152 6.13 8.21 -35.04
C THR F 152 6.30 9.57 -35.72
N ASP F 153 5.47 9.81 -36.73
CA ASP F 153 5.39 11.12 -37.39
C ASP F 153 4.48 11.10 -38.63
N ASP F 154 3.17 11.02 -38.38
CA ASP F 154 2.20 11.12 -39.46
C ASP F 154 2.13 12.57 -39.93
N ASP F 155 2.70 12.85 -41.11
CA ASP F 155 2.74 14.20 -41.66
C ASP F 155 1.37 14.71 -42.12
N ASP F 156 0.32 14.26 -41.45
CA ASP F 156 -1.04 14.72 -41.74
C ASP F 156 -1.29 16.11 -41.16
N GLY F 157 -2.30 16.21 -40.30
CA GLY F 157 -2.63 17.48 -39.66
C GLY F 157 -3.31 18.46 -40.60
N SER F 158 -4.60 18.23 -40.85
CA SER F 158 -5.39 19.13 -41.68
C SER F 158 -6.78 19.31 -41.07
N ILE F 159 -7.82 19.21 -41.91
CA ILE F 159 -9.20 19.30 -41.44
C ILE F 159 -10.10 18.44 -42.32
N ASP F 160 -9.97 18.64 -43.63
CA ASP F 160 -10.75 17.90 -44.63
C ASP F 160 -9.80 17.21 -45.60
N GLU F 161 -9.84 15.88 -45.60
CA GLU F 161 -8.98 15.09 -46.46
C GLU F 161 -9.55 13.69 -46.55
N ALA F 162 -9.79 13.10 -45.37
CA ALA F 162 -10.57 11.88 -45.26
C ALA F 162 -12.02 12.31 -45.00
N LEU F 163 -12.20 13.61 -44.81
CA LEU F 163 -13.50 14.21 -44.56
C LEU F 163 -14.25 14.42 -45.89
N VAL F 164 -13.50 14.43 -46.98
CA VAL F 164 -14.11 14.56 -48.30
C VAL F 164 -14.60 13.21 -48.82
N THR F 165 -14.37 12.16 -48.02
CA THR F 165 -14.75 10.81 -48.43
C THR F 165 -15.90 10.23 -47.62
N VAL F 166 -16.52 11.04 -46.77
CA VAL F 166 -17.62 10.58 -45.91
C VAL F 166 -18.99 10.74 -46.55
N TYR F 167 -19.04 10.71 -47.89
CA TYR F 167 -20.30 10.84 -48.62
C TYR F 167 -20.52 9.61 -49.48
N GLU F 168 -19.42 8.94 -49.81
CA GLU F 168 -19.46 7.80 -50.70
C GLU F 168 -19.81 6.51 -49.98
N GLU F 169 -19.78 6.53 -48.64
CA GLU F 169 -20.20 5.37 -47.87
C GLU F 169 -21.55 5.58 -47.20
N ILE F 170 -22.28 6.59 -47.68
CA ILE F 170 -23.67 6.80 -47.28
C ILE F 170 -24.56 6.26 -48.39
N GLU F 171 -24.01 6.25 -49.61
CA GLU F 171 -24.67 5.67 -50.77
C GLU F 171 -24.35 4.18 -50.83
N SER F 172 -23.22 3.81 -50.24
CA SER F 172 -22.82 2.42 -50.12
C SER F 172 -23.58 1.77 -48.98
N ALA F 173 -24.51 2.53 -48.39
CA ALA F 173 -25.38 2.01 -47.35
C ALA F 173 -26.42 1.12 -48.00
N ASP F 174 -25.95 0.04 -48.59
CA ASP F 174 -26.81 -0.84 -49.33
C ASP F 174 -27.92 -1.37 -48.46
N GLY F 175 -27.51 -2.06 -47.35
CA GLY F 175 -28.51 -2.86 -46.76
C GLY F 175 -28.16 -3.03 -45.37
N ASN F 176 -27.14 -3.82 -45.09
CA ASN F 176 -27.01 -4.11 -43.74
C ASN F 176 -25.91 -4.64 -43.09
N ILE F 177 -25.80 -4.39 -41.80
CA ILE F 177 -24.62 -4.80 -41.10
C ILE F 177 -23.32 -4.60 -41.88
N THR F 178 -22.61 -3.55 -41.51
CA THR F 178 -21.33 -3.20 -42.12
C THR F 178 -20.21 -4.08 -41.56
N GLY F 179 -20.21 -4.26 -40.25
CA GLY F 179 -19.17 -5.04 -39.58
C GLY F 179 -19.54 -6.49 -39.34
N VAL F 180 -19.03 -7.05 -38.24
CA VAL F 180 -19.26 -8.44 -37.91
C VAL F 180 -20.55 -8.61 -37.11
N PRO F 181 -21.52 -9.35 -37.68
CA PRO F 181 -22.84 -9.53 -37.08
C PRO F 181 -22.79 -10.40 -35.84
N SER F 182 -23.61 -10.04 -34.84
CA SER F 182 -23.67 -10.78 -33.60
C SER F 182 -24.52 -12.04 -33.75
N GLY F 183 -25.50 -11.98 -34.63
CA GLY F 183 -26.40 -13.10 -34.85
C GLY F 183 -27.72 -12.91 -34.13
N PHE F 184 -27.91 -11.73 -33.54
CA PHE F 184 -29.15 -11.39 -32.88
C PHE F 184 -29.76 -10.15 -33.53
N THR F 185 -30.76 -10.39 -34.39
CA THR F 185 -31.37 -9.34 -35.19
C THR F 185 -31.57 -8.02 -34.44
N GLU F 186 -31.99 -8.10 -33.18
CA GLU F 186 -32.29 -6.90 -32.40
C GLU F 186 -31.04 -6.20 -31.85
N LEU F 187 -29.92 -6.93 -31.82
CA LEU F 187 -28.67 -6.34 -31.35
C LEU F 187 -27.92 -5.67 -32.49
N ASP F 188 -27.85 -6.34 -33.63
CA ASP F 188 -27.16 -5.80 -34.81
C ASP F 188 -27.88 -4.57 -35.36
N ARG F 189 -29.12 -4.37 -34.93
CA ARG F 189 -29.89 -3.19 -35.32
C ARG F 189 -29.49 -2.00 -34.46
N MET F 190 -28.33 -2.11 -33.82
CA MET F 190 -27.80 -1.04 -32.97
C MET F 190 -26.31 -0.84 -33.22
N THR F 191 -25.60 -1.94 -33.41
CA THR F 191 -24.15 -1.89 -33.61
C THR F 191 -23.79 -1.88 -35.09
N TYR F 192 -24.63 -2.54 -35.89
CA TYR F 192 -24.35 -2.73 -37.31
C TYR F 192 -23.04 -3.49 -37.48
N GLY F 193 -22.90 -4.54 -36.67
CA GLY F 193 -21.71 -5.37 -36.70
C GLY F 193 -20.58 -4.78 -35.90
N TYR F 194 -20.06 -5.54 -34.93
CA TYR F 194 -18.88 -5.12 -34.20
C TYR F 194 -17.85 -4.69 -35.22
N LYS F 195 -17.34 -3.46 -35.08
CA LYS F 195 -16.40 -2.91 -36.06
C LYS F 195 -15.07 -3.67 -36.07
N ARG F 196 -14.03 -3.03 -36.61
CA ARG F 196 -12.73 -3.69 -36.71
C ARG F 196 -11.77 -3.33 -35.57
N ARG F 197 -11.89 -2.10 -35.05
CA ARG F 197 -10.97 -1.65 -34.01
C ARG F 197 -11.59 -1.72 -32.61
N ASN F 198 -12.87 -2.10 -32.56
CA ASN F 198 -13.63 -2.12 -31.32
C ASN F 198 -13.12 -3.15 -30.32
N PHE F 199 -13.43 -2.92 -29.05
CA PHE F 199 -13.08 -3.85 -27.98
C PHE F 199 -14.30 -4.04 -27.10
N VAL F 200 -15.12 -5.03 -27.42
CA VAL F 200 -16.36 -5.25 -26.70
C VAL F 200 -16.14 -6.09 -25.44
N LEU F 201 -17.01 -5.91 -24.45
CA LEU F 201 -16.87 -6.58 -23.18
C LEU F 201 -18.17 -7.27 -22.78
N ILE F 202 -18.12 -8.60 -22.70
CA ILE F 202 -19.29 -9.37 -22.29
C ILE F 202 -19.11 -9.82 -20.85
N ALA F 203 -19.53 -8.97 -19.91
CA ALA F 203 -19.41 -9.28 -18.49
C ALA F 203 -20.76 -9.72 -17.92
N ALA F 204 -20.71 -10.40 -16.78
CA ALA F 204 -21.92 -10.88 -16.11
C ALA F 204 -21.58 -11.74 -14.91
N ARG F 205 -22.56 -11.98 -14.05
CA ARG F 205 -22.39 -12.88 -12.92
C ARG F 205 -22.33 -14.33 -13.42
N PRO F 206 -21.79 -15.24 -12.59
CA PRO F 206 -21.77 -16.67 -12.94
C PRO F 206 -23.18 -17.24 -13.11
N SER F 207 -23.32 -18.20 -14.01
CA SER F 207 -24.61 -18.85 -14.30
C SER F 207 -25.63 -17.90 -14.91
N MET F 208 -25.22 -17.21 -15.97
CA MET F 208 -26.10 -16.28 -16.66
C MET F 208 -26.09 -16.57 -18.15
N GLY F 209 -25.21 -17.49 -18.55
CA GLY F 209 -25.03 -17.83 -19.97
C GLY F 209 -23.83 -17.12 -20.55
N LYS F 210 -23.06 -16.47 -19.68
CA LYS F 210 -21.88 -15.72 -20.06
C LYS F 210 -21.06 -16.45 -21.13
N THR F 211 -20.89 -17.76 -20.95
CA THR F 211 -20.10 -18.57 -21.87
C THR F 211 -20.90 -18.97 -23.11
N ALA F 212 -22.10 -19.51 -22.89
CA ALA F 212 -22.95 -19.96 -23.98
C ALA F 212 -23.30 -18.82 -24.93
N PHE F 213 -23.46 -17.63 -24.36
CA PHE F 213 -23.74 -16.43 -25.15
C PHE F 213 -22.56 -16.14 -26.07
N ALA F 214 -21.35 -16.42 -25.59
CA ALA F 214 -20.14 -16.21 -26.37
C ALA F 214 -20.02 -17.25 -27.48
N LEU F 215 -20.18 -18.52 -27.10
CA LEU F 215 -20.07 -19.62 -28.04
C LEU F 215 -21.17 -19.59 -29.10
N LYS F 216 -22.19 -18.76 -28.87
CA LYS F 216 -23.25 -18.58 -29.85
C LYS F 216 -22.80 -17.59 -30.92
N GLN F 217 -22.37 -16.42 -30.46
CA GLN F 217 -21.84 -15.40 -31.37
C GLN F 217 -20.65 -15.96 -32.13
N ALA F 218 -19.91 -16.84 -31.47
CA ALA F 218 -18.76 -17.49 -32.09
C ALA F 218 -19.16 -18.11 -33.42
N LYS F 219 -20.18 -18.97 -33.40
CA LYS F 219 -20.63 -19.63 -34.62
C LYS F 219 -21.31 -18.65 -35.58
N ASN F 220 -22.27 -17.88 -35.07
CA ASN F 220 -22.99 -16.92 -35.91
C ASN F 220 -22.07 -16.13 -36.82
N MET F 221 -20.87 -15.85 -36.33
CA MET F 221 -19.86 -15.15 -37.12
C MET F 221 -19.20 -16.12 -38.10
N SER F 222 -19.03 -17.36 -37.68
CA SER F 222 -18.42 -18.38 -38.53
C SER F 222 -19.39 -18.81 -39.63
N ASP F 223 -20.64 -18.36 -39.53
CA ASP F 223 -21.63 -18.61 -40.56
C ASP F 223 -21.65 -17.45 -41.55
N ASN F 224 -21.36 -16.25 -41.05
CA ASN F 224 -21.24 -15.08 -41.89
C ASN F 224 -19.86 -15.06 -42.57
N ASP F 225 -19.21 -16.22 -42.56
CA ASP F 225 -17.89 -16.40 -43.17
C ASP F 225 -16.84 -15.45 -42.59
N ASP F 226 -16.67 -15.52 -41.27
CA ASP F 226 -15.62 -14.78 -40.59
C ASP F 226 -14.86 -15.75 -39.69
N VAL F 227 -13.67 -15.35 -39.25
CA VAL F 227 -12.84 -16.23 -38.44
C VAL F 227 -12.94 -15.85 -36.97
N VAL F 228 -13.29 -16.83 -36.13
CA VAL F 228 -13.41 -16.61 -34.70
C VAL F 228 -12.32 -17.36 -33.93
N ASN F 229 -11.43 -16.60 -33.29
CA ASN F 229 -10.41 -17.18 -32.43
C ASN F 229 -10.85 -17.23 -30.98
N LEU F 230 -11.29 -18.41 -30.54
CA LEU F 230 -11.76 -18.59 -29.18
C LEU F 230 -10.62 -18.99 -28.26
N HIS F 231 -10.28 -18.11 -27.32
CA HIS F 231 -9.26 -18.40 -26.32
C HIS F 231 -9.90 -18.79 -25.00
N SER F 232 -10.14 -20.08 -24.79
CA SER F 232 -10.70 -20.54 -23.54
C SER F 232 -9.60 -20.91 -22.56
N LEU F 233 -9.37 -20.04 -21.59
CA LEU F 233 -8.31 -20.26 -20.61
C LEU F 233 -8.87 -21.03 -19.44
N GLU F 234 -10.20 -21.10 -19.37
CA GLU F 234 -10.87 -21.77 -18.27
C GLU F 234 -11.21 -23.21 -18.62
N MET F 235 -11.75 -23.40 -19.83
CA MET F 235 -12.21 -24.71 -20.26
C MET F 235 -11.19 -25.39 -21.16
N GLY F 236 -11.58 -26.52 -21.73
CA GLY F 236 -10.71 -27.28 -22.61
C GLY F 236 -11.17 -27.17 -24.05
N LYS F 237 -10.26 -27.48 -24.97
CA LYS F 237 -10.57 -27.43 -26.39
C LYS F 237 -11.77 -28.33 -26.71
N LYS F 238 -12.01 -29.30 -25.83
CA LYS F 238 -13.10 -30.26 -26.03
C LYS F 238 -14.45 -29.70 -25.62
N GLU F 239 -14.60 -29.33 -24.35
CA GLU F 239 -15.88 -28.85 -23.84
C GLU F 239 -16.43 -27.72 -24.70
N ASN F 240 -15.54 -26.86 -25.19
CA ASN F 240 -15.96 -25.79 -26.08
C ASN F 240 -16.64 -26.34 -27.34
N ILE F 241 -16.13 -27.45 -27.85
CA ILE F 241 -16.74 -28.12 -28.99
C ILE F 241 -18.00 -28.85 -28.55
N LYS F 242 -17.88 -29.64 -27.48
CA LYS F 242 -19.02 -30.38 -26.93
C LYS F 242 -20.21 -29.45 -26.72
N ARG F 243 -19.92 -28.18 -26.45
CA ARG F 243 -20.98 -27.18 -26.28
C ARG F 243 -21.47 -26.65 -27.62
N LEU F 244 -20.54 -26.41 -28.54
CA LEU F 244 -20.88 -25.93 -29.87
C LEU F 244 -21.79 -26.90 -30.60
N ILE F 245 -21.66 -28.19 -30.27
CA ILE F 245 -22.47 -29.24 -30.87
C ILE F 245 -23.87 -29.26 -30.28
N VAL F 246 -23.94 -29.36 -28.95
CA VAL F 246 -25.21 -29.37 -28.23
C VAL F 246 -26.02 -28.10 -28.49
N THR F 247 -25.35 -27.09 -29.04
CA THR F 247 -26.01 -25.83 -29.39
C THR F 247 -26.41 -25.84 -30.86
N ALA F 248 -25.59 -26.48 -31.69
CA ALA F 248 -25.80 -26.48 -33.13
C ALA F 248 -26.92 -27.42 -33.58
N GLY F 249 -26.92 -28.64 -33.04
CA GLY F 249 -27.91 -29.64 -33.43
C GLY F 249 -29.19 -29.56 -32.62
N SER F 250 -29.18 -28.71 -31.60
CA SER F 250 -30.34 -28.54 -30.71
C SER F 250 -30.60 -29.79 -29.88
N ILE F 251 -29.61 -30.68 -29.82
CA ILE F 251 -29.71 -31.90 -29.02
C ILE F 251 -29.65 -31.55 -27.54
N ASN F 252 -30.23 -32.39 -26.70
CA ASN F 252 -30.28 -32.14 -25.26
C ASN F 252 -28.92 -32.30 -24.60
N ALA F 253 -28.55 -31.33 -23.77
CA ALA F 253 -27.23 -31.27 -23.15
C ALA F 253 -26.96 -32.44 -22.20
N GLN F 254 -27.99 -32.85 -21.47
CA GLN F 254 -27.83 -33.92 -20.49
C GLN F 254 -27.78 -35.28 -21.18
N LYS F 255 -28.52 -35.43 -22.26
CA LYS F 255 -28.55 -36.70 -23.02
C LYS F 255 -27.16 -37.19 -23.36
N ILE F 256 -26.52 -36.50 -24.30
CA ILE F 256 -25.18 -36.86 -24.77
C ILE F 256 -24.23 -37.25 -23.64
N LYS F 257 -23.85 -36.27 -22.83
CA LYS F 257 -22.89 -36.47 -21.74
C LYS F 257 -22.47 -37.93 -21.57
N ALA F 258 -23.34 -38.72 -20.96
CA ALA F 258 -23.05 -40.13 -20.74
C ALA F 258 -24.10 -41.03 -21.39
N ALA F 259 -25.36 -40.81 -21.03
CA ALA F 259 -26.46 -41.62 -21.54
C ALA F 259 -26.35 -41.88 -23.05
N ARG F 260 -26.44 -40.81 -23.84
CA ARG F 260 -26.26 -40.87 -25.29
C ARG F 260 -26.46 -42.25 -25.88
N ARG F 261 -25.41 -43.06 -25.83
CA ARG F 261 -25.41 -44.39 -26.45
C ARG F 261 -26.75 -45.13 -26.36
N ASP F 262 -27.14 -45.48 -25.14
CA ASP F 262 -28.36 -46.27 -24.93
C ASP F 262 -29.48 -45.46 -24.27
N PHE F 263 -29.61 -44.18 -24.63
CA PHE F 263 -30.64 -43.34 -24.04
C PHE F 263 -31.34 -42.43 -25.04
N ALA F 264 -30.65 -42.09 -26.12
CA ALA F 264 -31.21 -41.17 -27.11
C ALA F 264 -31.28 -41.82 -28.50
N SER F 265 -32.36 -41.51 -29.22
CA SER F 265 -32.56 -42.05 -30.57
C SER F 265 -33.09 -40.98 -31.51
N GLU F 266 -32.82 -41.16 -32.80
CA GLU F 266 -33.24 -40.20 -33.83
C GLU F 266 -32.60 -38.83 -33.62
N ASP F 267 -31.68 -38.75 -32.66
CA ASP F 267 -30.89 -37.55 -32.42
C ASP F 267 -29.58 -37.64 -33.18
N TRP F 268 -29.21 -38.86 -33.56
CA TRP F 268 -28.01 -39.10 -34.35
C TRP F 268 -28.07 -38.34 -35.67
N GLY F 269 -29.30 -38.04 -36.11
CA GLY F 269 -29.50 -37.21 -37.28
C GLY F 269 -29.06 -35.78 -36.97
N LYS F 270 -29.48 -35.29 -35.81
CA LYS F 270 -29.09 -33.95 -35.36
C LYS F 270 -27.62 -33.91 -34.94
N LEU F 271 -27.07 -35.08 -34.61
CA LEU F 271 -25.67 -35.17 -34.24
C LEU F 271 -24.76 -35.26 -35.47
N SER F 272 -25.06 -36.21 -36.35
CA SER F 272 -24.29 -36.38 -37.57
C SER F 272 -24.39 -35.15 -38.47
N MET F 273 -25.15 -34.16 -38.00
CA MET F 273 -25.29 -32.89 -38.69
C MET F 273 -24.47 -31.81 -38.01
N ALA F 274 -24.58 -31.76 -36.68
CA ALA F 274 -23.82 -30.79 -35.90
C ALA F 274 -22.33 -31.03 -36.04
N ILE F 275 -21.91 -32.28 -35.83
CA ILE F 275 -20.51 -32.66 -35.98
C ILE F 275 -19.95 -32.15 -37.30
N GLY F 276 -20.79 -32.11 -38.33
CA GLY F 276 -20.41 -31.54 -39.61
C GLY F 276 -20.24 -30.03 -39.52
N GLU F 277 -21.29 -29.36 -39.03
CA GLU F 277 -21.28 -27.91 -38.90
C GLU F 277 -20.01 -27.38 -38.25
N ILE F 278 -19.67 -27.96 -37.09
CA ILE F 278 -18.52 -27.51 -36.31
C ILE F 278 -17.22 -27.70 -37.09
N SER F 279 -17.14 -28.79 -37.85
CA SER F 279 -15.96 -29.05 -38.65
C SER F 279 -15.99 -28.27 -39.95
N ASN F 280 -17.17 -27.76 -40.29
CA ASN F 280 -17.35 -26.95 -41.48
C ASN F 280 -17.36 -25.46 -41.12
N SER F 281 -16.84 -25.15 -39.94
CA SER F 281 -16.85 -23.78 -39.43
C SER F 281 -15.45 -23.20 -39.36
N ASN F 282 -15.37 -21.89 -39.08
CA ASN F 282 -14.09 -21.20 -38.99
C ASN F 282 -13.68 -20.93 -37.55
N ILE F 283 -14.13 -21.80 -36.64
CA ILE F 283 -13.81 -21.64 -35.23
C ILE F 283 -12.42 -22.21 -34.93
N ASN F 284 -11.56 -21.38 -34.36
CA ASN F 284 -10.26 -21.83 -33.89
C ASN F 284 -10.16 -21.70 -32.37
N ILE F 285 -9.77 -22.78 -31.71
CA ILE F 285 -9.76 -22.81 -30.26
C ILE F 285 -8.36 -22.99 -29.69
N PHE F 286 -7.95 -22.04 -28.86
CA PHE F 286 -6.67 -22.12 -28.15
C PHE F 286 -6.90 -22.34 -26.66
N ASP F 287 -6.22 -23.32 -26.08
CA ASP F 287 -6.45 -23.65 -24.67
C ASP F 287 -5.18 -23.84 -23.85
N LYS F 288 -4.13 -23.09 -24.20
CA LYS F 288 -2.93 -23.07 -23.37
C LYS F 288 -3.29 -22.50 -21.99
N ALA F 289 -2.76 -23.11 -20.95
CA ALA F 289 -3.13 -22.74 -19.57
C ALA F 289 -2.94 -21.25 -19.30
N GLY F 290 -1.71 -20.76 -19.47
CA GLY F 290 -1.40 -19.36 -19.21
C GLY F 290 -1.18 -18.57 -20.47
N GLN F 291 -2.09 -17.65 -20.77
CA GLN F 291 -2.01 -16.88 -21.99
C GLN F 291 -1.82 -15.39 -21.69
N SER F 292 -0.73 -14.83 -22.20
CA SER F 292 -0.50 -13.40 -22.09
C SER F 292 -1.20 -12.70 -23.24
N VAL F 293 -1.48 -11.41 -23.08
CA VAL F 293 -2.08 -10.64 -24.16
C VAL F 293 -1.18 -10.68 -25.38
N ASN F 294 0.13 -10.78 -25.14
CA ASN F 294 1.11 -10.88 -26.22
C ASN F 294 1.06 -12.23 -26.91
N TYR F 295 0.70 -13.27 -26.16
CA TYR F 295 0.51 -14.60 -26.73
C TYR F 295 -0.64 -14.55 -27.73
N ILE F 296 -1.81 -14.12 -27.25
CA ILE F 296 -2.97 -13.94 -28.09
C ILE F 296 -2.62 -13.11 -29.32
N TRP F 297 -1.85 -12.04 -29.10
CA TRP F 297 -1.41 -11.17 -30.18
C TRP F 297 -0.73 -11.98 -31.28
N SER F 298 0.27 -12.76 -30.89
CA SER F 298 1.03 -13.56 -31.85
C SER F 298 0.13 -14.51 -32.62
N LYS F 299 -0.79 -15.16 -31.92
CA LYS F 299 -1.70 -16.11 -32.54
C LYS F 299 -2.74 -15.40 -33.42
N THR F 300 -2.91 -14.10 -33.21
CA THR F 300 -3.86 -13.32 -34.01
C THR F 300 -3.25 -12.92 -35.35
N ARG F 301 -1.99 -12.49 -35.34
CA ARG F 301 -1.29 -12.18 -36.58
C ARG F 301 -1.25 -13.43 -37.45
N GLN F 302 -0.83 -14.53 -36.85
CA GLN F 302 -0.69 -15.81 -37.54
C GLN F 302 -1.99 -16.22 -38.23
N THR F 303 -3.10 -16.14 -37.50
CA THR F 303 -4.41 -16.49 -38.04
C THR F 303 -4.81 -15.51 -39.14
N LYS F 304 -4.44 -14.25 -38.97
CA LYS F 304 -4.76 -13.20 -39.93
C LYS F 304 -3.89 -13.32 -41.18
N ARG F 305 -2.68 -13.84 -41.01
CA ARG F 305 -1.76 -14.01 -42.13
C ARG F 305 -2.16 -15.22 -42.98
N LYS F 306 -2.44 -16.34 -42.31
CA LYS F 306 -2.85 -17.56 -43.01
C LYS F 306 -4.18 -17.36 -43.73
N ASN F 307 -5.00 -16.45 -43.20
CA ASN F 307 -6.31 -16.17 -43.76
C ASN F 307 -6.44 -14.74 -44.30
N PRO F 308 -6.04 -14.53 -45.56
CA PRO F 308 -6.09 -13.20 -46.14
C PRO F 308 -7.51 -12.80 -46.53
N GLY F 309 -7.75 -11.49 -46.61
CA GLY F 309 -9.02 -10.96 -47.09
C GLY F 309 -10.18 -11.04 -46.12
N LYS F 310 -10.14 -11.99 -45.19
CA LYS F 310 -11.25 -12.19 -44.27
C LYS F 310 -11.04 -11.55 -42.91
N ARG F 311 -12.15 -11.16 -42.27
CA ARG F 311 -12.11 -10.51 -40.96
C ARG F 311 -11.89 -11.53 -39.84
N VAL F 312 -11.21 -11.11 -38.79
CA VAL F 312 -10.91 -11.99 -37.67
C VAL F 312 -11.48 -11.44 -36.36
N ILE F 313 -12.07 -12.32 -35.56
CA ILE F 313 -12.58 -11.95 -34.24
C ILE F 313 -11.84 -12.73 -33.17
N VAL F 314 -11.44 -12.05 -32.10
CA VAL F 314 -10.72 -12.71 -31.02
C VAL F 314 -11.54 -12.72 -29.73
N MET F 315 -12.05 -13.91 -29.38
CA MET F 315 -12.82 -14.06 -28.15
C MET F 315 -11.95 -14.56 -27.01
N ILE F 316 -12.21 -14.06 -25.80
CA ILE F 316 -11.47 -14.47 -24.63
C ILE F 316 -12.43 -14.88 -23.52
N ASP F 317 -12.31 -16.13 -23.07
CA ASP F 317 -13.21 -16.68 -22.05
C ASP F 317 -12.68 -16.43 -20.64
N TYR F 318 -12.63 -15.15 -20.25
CA TYR F 318 -12.14 -14.74 -18.94
C TYR F 318 -11.04 -13.69 -19.04
N LEU F 319 -11.41 -12.42 -18.89
CA LEU F 319 -10.45 -11.33 -18.89
C LEU F 319 -9.48 -11.46 -17.73
N GLN F 320 -9.96 -12.08 -16.65
CA GLN F 320 -9.19 -12.19 -15.42
C GLN F 320 -8.21 -13.36 -15.43
N LEU F 321 -8.52 -14.38 -16.22
CA LEU F 321 -7.65 -15.55 -16.32
C LEU F 321 -6.46 -15.33 -17.26
N LEU F 322 -6.43 -14.18 -17.92
CA LEU F 322 -5.29 -13.81 -18.74
C LEU F 322 -4.05 -13.58 -17.87
N GLU F 323 -2.88 -13.88 -18.42
CA GLU F 323 -1.64 -13.71 -17.69
C GLU F 323 -1.09 -12.30 -17.90
N PRO F 324 -0.90 -11.56 -16.79
CA PRO F 324 -0.41 -10.18 -16.85
C PRO F 324 1.02 -10.09 -17.37
N ALA F 325 1.49 -8.86 -17.59
CA ALA F 325 2.84 -8.64 -18.10
C ALA F 325 3.83 -8.60 -16.95
N LYS F 326 3.49 -7.85 -15.91
CA LYS F 326 4.35 -7.73 -14.73
C LYS F 326 3.77 -8.54 -13.57
N ALA F 327 4.38 -9.70 -13.31
CA ALA F 327 3.90 -10.61 -12.27
C ALA F 327 3.81 -9.92 -10.92
N ASN F 328 4.89 -9.24 -10.53
CA ASN F 328 4.92 -8.49 -9.28
C ASN F 328 4.39 -7.08 -9.45
N ASP F 329 3.06 -6.95 -9.44
CA ASP F 329 2.39 -5.66 -9.57
C ASP F 329 1.04 -5.75 -8.88
N SER F 330 0.44 -4.61 -8.58
CA SER F 330 -0.87 -4.58 -7.95
C SER F 330 -1.93 -5.15 -8.89
N ARG F 331 -2.85 -5.94 -8.34
CA ARG F 331 -3.91 -6.58 -9.12
C ARG F 331 -4.68 -5.57 -9.96
N THR F 332 -5.02 -4.44 -9.36
CA THR F 332 -5.76 -3.38 -10.05
C THR F 332 -4.97 -2.81 -11.23
N ASN F 333 -3.65 -2.96 -11.19
CA ASN F 333 -2.79 -2.52 -12.28
C ASN F 333 -2.63 -3.56 -13.37
N GLN F 334 -2.79 -4.82 -13.01
CA GLN F 334 -2.69 -5.91 -13.98
C GLN F 334 -3.85 -5.87 -14.96
N ILE F 335 -5.07 -5.75 -14.42
CA ILE F 335 -6.26 -5.67 -15.25
C ILE F 335 -6.21 -4.45 -16.16
N SER F 336 -5.52 -3.41 -15.69
CA SER F 336 -5.30 -2.21 -16.50
C SER F 336 -4.28 -2.49 -17.60
N GLN F 337 -3.19 -3.16 -17.23
CA GLN F 337 -2.18 -3.56 -18.20
C GLN F 337 -2.79 -4.42 -19.30
N ILE F 338 -3.63 -5.37 -18.89
CA ILE F 338 -4.33 -6.24 -19.84
C ILE F 338 -5.29 -5.41 -20.69
N SER F 339 -6.23 -4.74 -20.04
CA SER F 339 -7.25 -3.96 -20.74
C SER F 339 -6.65 -3.03 -21.79
N ARG F 340 -5.71 -2.19 -21.36
CA ARG F 340 -5.06 -1.25 -22.28
C ARG F 340 -4.41 -1.97 -23.45
N ASP F 341 -3.73 -3.07 -23.16
CA ASP F 341 -3.08 -3.86 -24.20
C ASP F 341 -4.09 -4.48 -25.17
N LEU F 342 -5.14 -5.06 -24.62
CA LEU F 342 -6.18 -5.68 -25.43
C LEU F 342 -6.75 -4.69 -26.45
N LYS F 343 -7.00 -3.46 -26.01
CA LYS F 343 -7.50 -2.44 -26.92
C LYS F 343 -6.50 -2.18 -28.05
N LYS F 344 -5.26 -1.88 -27.71
CA LYS F 344 -4.22 -1.67 -28.71
C LYS F 344 -4.26 -2.73 -29.79
N MET F 345 -4.34 -3.99 -29.37
CA MET F 345 -4.38 -5.11 -30.30
C MET F 345 -5.48 -4.89 -31.33
N ALA F 346 -6.70 -4.70 -30.86
CA ALA F 346 -7.85 -4.48 -31.73
C ALA F 346 -7.62 -3.32 -32.70
N ARG F 347 -6.98 -2.27 -32.20
CA ARG F 347 -6.73 -1.08 -32.99
C ARG F 347 -5.62 -1.29 -34.02
N GLU F 348 -4.49 -1.81 -33.57
CA GLU F 348 -3.31 -1.90 -34.42
C GLU F 348 -3.31 -3.13 -35.31
N LEU F 349 -4.10 -4.13 -34.95
CA LEU F 349 -4.17 -5.37 -35.70
C LEU F 349 -5.44 -5.42 -36.54
N ASP F 350 -6.36 -4.51 -36.24
CA ASP F 350 -7.60 -4.33 -36.98
C ASP F 350 -8.50 -5.58 -36.95
N VAL F 351 -8.81 -6.02 -35.73
CA VAL F 351 -9.66 -7.19 -35.51
C VAL F 351 -10.61 -6.96 -34.33
N VAL F 352 -11.80 -7.53 -34.41
CA VAL F 352 -12.78 -7.42 -33.33
C VAL F 352 -12.29 -8.19 -32.11
N VAL F 353 -12.11 -7.49 -30.99
CA VAL F 353 -11.72 -8.17 -29.76
C VAL F 353 -12.86 -8.23 -28.76
N ILE F 354 -13.36 -9.45 -28.54
CA ILE F 354 -14.42 -9.68 -27.57
C ILE F 354 -13.82 -10.38 -26.37
N ALA F 355 -13.97 -9.79 -25.19
CA ALA F 355 -13.44 -10.37 -23.97
C ALA F 355 -14.53 -10.56 -22.93
N LEU F 356 -14.80 -11.82 -22.57
CA LEU F 356 -15.73 -12.12 -21.50
C LEU F 356 -15.11 -11.70 -20.18
N SER F 357 -15.95 -11.20 -19.27
CA SER F 357 -15.47 -10.76 -17.97
C SER F 357 -16.40 -11.20 -16.86
N GLN F 358 -16.02 -10.92 -15.62
CA GLN F 358 -16.84 -11.23 -14.48
C GLN F 358 -17.12 -9.96 -13.70
N LEU F 359 -18.27 -9.92 -13.02
CA LEU F 359 -18.67 -8.75 -12.27
C LEU F 359 -18.51 -8.96 -10.77
N SER F 360 -18.23 -7.87 -10.06
CA SER F 360 -18.05 -7.92 -8.62
C SER F 360 -19.15 -8.74 -7.96
N ARG F 361 -18.76 -9.56 -6.99
CA ARG F 361 -19.71 -10.35 -6.22
C ARG F 361 -20.66 -9.43 -5.45
N GLN F 362 -20.39 -8.14 -5.50
CA GLN F 362 -21.16 -7.13 -4.78
C GLN F 362 -22.51 -6.85 -5.44
N VAL F 363 -22.75 -7.43 -6.61
CA VAL F 363 -23.99 -7.22 -7.34
C VAL F 363 -25.18 -7.91 -6.66
N GLU F 364 -24.90 -9.03 -6.00
CA GLU F 364 -25.95 -9.86 -5.41
C GLU F 364 -26.42 -9.36 -4.05
N GLN F 365 -25.84 -8.27 -3.56
CA GLN F 365 -26.26 -7.69 -2.29
C GLN F 365 -27.06 -6.41 -2.51
N ARG F 366 -27.85 -6.39 -3.59
CA ARG F 366 -28.73 -5.26 -3.88
C ARG F 366 -30.14 -5.75 -4.20
N GLN F 367 -31.07 -4.82 -4.32
CA GLN F 367 -32.46 -5.17 -4.65
C GLN F 367 -32.60 -5.40 -6.16
N ASP F 368 -31.98 -4.54 -6.95
CA ASP F 368 -31.96 -4.71 -8.40
C ASP F 368 -30.66 -5.38 -8.81
N LYS F 369 -30.74 -6.65 -9.18
CA LYS F 369 -29.56 -7.45 -9.49
C LYS F 369 -29.02 -7.11 -10.88
N ARG F 370 -29.53 -6.03 -11.44
CA ARG F 370 -29.15 -5.61 -12.79
C ARG F 370 -27.82 -4.86 -12.76
N PRO F 371 -26.81 -5.41 -13.45
CA PRO F 371 -25.44 -4.90 -13.47
C PRO F 371 -25.30 -3.52 -14.11
N MET F 372 -24.40 -2.71 -13.56
CA MET F 372 -24.03 -1.43 -14.15
C MET F 372 -22.51 -1.38 -14.32
N LEU F 373 -21.99 -0.24 -14.79
CA LEU F 373 -20.57 -0.14 -15.08
C LEU F 373 -19.69 -0.20 -13.83
N SER F 374 -20.15 0.42 -12.76
CA SER F 374 -19.38 0.47 -11.51
C SER F 374 -19.14 -0.92 -10.93
N ASP F 375 -19.89 -1.90 -11.42
CA ASP F 375 -19.77 -3.27 -10.93
C ASP F 375 -18.50 -3.96 -11.42
N LEU F 376 -17.84 -3.36 -12.41
CA LEU F 376 -16.53 -3.84 -12.83
C LEU F 376 -15.52 -3.52 -11.74
N ARG F 377 -15.37 -4.46 -10.81
CA ARG F 377 -14.63 -4.26 -9.56
C ARG F 377 -13.24 -3.65 -9.73
N GLU F 378 -12.21 -4.48 -9.53
CA GLU F 378 -10.83 -4.07 -9.62
C GLU F 378 -10.55 -3.21 -10.85
N SER F 379 -10.89 -3.74 -12.01
CA SER F 379 -10.69 -3.07 -13.28
C SER F 379 -11.10 -1.61 -13.28
N GLY F 380 -10.14 -0.72 -13.45
CA GLY F 380 -10.41 0.71 -13.56
C GLY F 380 -10.29 1.18 -14.99
N GLN F 381 -9.08 1.03 -15.54
CA GLN F 381 -8.81 1.39 -16.93
C GLN F 381 -9.55 0.45 -17.88
N LEU F 382 -10.55 -0.24 -17.34
CA LEU F 382 -11.32 -1.21 -18.10
C LEU F 382 -12.45 -0.52 -18.87
N GLU F 383 -13.46 -0.07 -18.13
CA GLU F 383 -14.62 0.57 -18.73
C GLU F 383 -14.21 1.66 -19.71
N GLN F 384 -13.02 2.21 -19.51
CA GLN F 384 -12.52 3.30 -20.35
C GLN F 384 -12.03 2.83 -21.72
N ASP F 385 -11.40 1.65 -21.74
CA ASP F 385 -10.86 1.12 -22.98
C ASP F 385 -11.87 0.26 -23.75
N ALA F 386 -12.99 -0.03 -23.11
CA ALA F 386 -14.03 -0.84 -23.73
C ALA F 386 -14.93 -0.01 -24.63
N ASP F 387 -15.31 -0.58 -25.77
CA ASP F 387 -16.15 0.13 -26.73
C ASP F 387 -17.61 -0.25 -26.56
N ILE F 388 -17.88 -1.54 -26.40
CA ILE F 388 -19.26 -2.02 -26.23
C ILE F 388 -19.40 -2.94 -25.03
N ILE F 389 -19.41 -2.35 -23.84
CA ILE F 389 -19.63 -3.12 -22.62
C ILE F 389 -21.07 -3.63 -22.60
N GLU F 390 -21.24 -4.94 -22.61
CA GLU F 390 -22.56 -5.53 -22.60
C GLU F 390 -22.70 -6.59 -21.50
N PHE F 391 -23.50 -6.28 -20.49
CA PHE F 391 -23.74 -7.22 -19.40
C PHE F 391 -24.86 -8.18 -19.75
N LEU F 392 -24.80 -9.38 -19.17
CA LEU F 392 -25.88 -10.36 -19.33
C LEU F 392 -26.66 -10.47 -18.03
N TYR F 393 -27.96 -10.73 -18.14
CA TYR F 393 -28.79 -10.87 -16.95
C TYR F 393 -29.94 -11.83 -17.15
N ARG F 394 -29.92 -12.93 -16.41
CA ARG F 394 -31.05 -13.84 -16.33
C ARG F 394 -31.85 -13.55 -15.07
N ASP F 395 -33.10 -13.14 -15.24
CA ASP F 395 -33.95 -12.78 -14.11
C ASP F 395 -34.41 -14.01 -13.33
N ASP F 396 -34.59 -15.12 -14.04
CA ASP F 396 -35.08 -16.35 -13.44
C ASP F 396 -34.02 -17.07 -12.59
N TYR F 397 -32.93 -16.39 -12.29
CA TYR F 397 -31.89 -16.93 -11.44
C TYR F 397 -32.06 -16.42 -10.01
N TYR F 398 -32.37 -15.15 -9.89
CA TYR F 398 -32.56 -14.51 -8.59
C TYR F 398 -34.02 -14.60 -8.13
N ASP F 399 -34.90 -14.89 -9.09
CA ASP F 399 -36.33 -15.00 -8.80
C ASP F 399 -36.86 -16.31 -9.38
N LYS F 400 -37.40 -17.16 -8.52
CA LYS F 400 -37.94 -18.45 -8.94
C LYS F 400 -39.26 -18.27 -9.67
N GLU F 401 -39.92 -17.14 -9.42
CA GLU F 401 -41.20 -16.83 -10.02
C GLU F 401 -41.12 -15.55 -10.83
N SER F 402 -40.38 -15.61 -11.94
CA SER F 402 -40.20 -14.44 -12.79
C SER F 402 -41.20 -14.42 -13.93
N GLU F 403 -41.66 -13.23 -14.30
CA GLU F 403 -42.58 -13.07 -15.42
C GLU F 403 -41.84 -13.26 -16.74
N SER F 404 -40.51 -13.33 -16.65
CA SER F 404 -39.67 -13.56 -17.82
C SER F 404 -38.99 -14.92 -17.74
N LYS F 405 -39.79 -15.98 -17.86
CA LYS F 405 -39.29 -17.34 -17.78
C LYS F 405 -38.34 -17.65 -18.93
N ASN F 406 -37.11 -18.00 -18.58
CA ASN F 406 -36.07 -18.35 -19.57
C ASN F 406 -35.73 -17.19 -20.51
N ILE F 407 -35.52 -16.00 -19.93
CA ILE F 407 -35.21 -14.82 -20.72
C ILE F 407 -33.95 -14.10 -20.23
N VAL F 408 -32.90 -14.17 -21.04
CA VAL F 408 -31.69 -13.40 -20.80
C VAL F 408 -31.85 -12.03 -21.43
N GLU F 409 -31.51 -10.98 -20.69
CA GLU F 409 -31.55 -9.64 -21.27
C GLU F 409 -30.16 -9.02 -21.39
N VAL F 410 -29.66 -8.96 -22.62
CA VAL F 410 -28.37 -8.36 -22.91
C VAL F 410 -28.44 -6.85 -22.72
N ILE F 411 -27.62 -6.33 -21.82
CA ILE F 411 -27.66 -4.92 -21.48
C ILE F 411 -26.43 -4.17 -21.99
N ILE F 412 -26.58 -3.47 -23.11
CA ILE F 412 -25.52 -2.64 -23.63
C ILE F 412 -25.46 -1.35 -22.80
N ALA F 413 -24.50 -1.30 -21.88
CA ALA F 413 -24.37 -0.18 -20.97
C ALA F 413 -23.47 0.90 -21.52
N LYS F 414 -22.66 0.56 -22.53
CA LYS F 414 -21.78 1.53 -23.17
C LYS F 414 -21.60 1.24 -24.65
N HIS F 415 -21.88 2.25 -25.47
CA HIS F 415 -21.63 2.17 -26.90
C HIS F 415 -20.96 3.46 -27.31
N ARG F 416 -19.72 3.37 -27.83
CA ARG F 416 -18.96 4.56 -28.14
C ARG F 416 -19.43 5.24 -29.43
N ASP F 417 -19.68 4.43 -30.46
CA ASP F 417 -20.15 4.96 -31.74
C ASP F 417 -21.62 4.62 -31.98
N GLY F 418 -22.37 4.43 -30.91
CA GLY F 418 -23.78 4.08 -31.00
C GLY F 418 -24.56 4.34 -29.74
N PRO F 419 -25.81 3.86 -29.68
CA PRO F 419 -26.73 4.04 -28.56
C PRO F 419 -26.67 2.89 -27.56
N VAL F 420 -27.26 3.10 -26.39
CA VAL F 420 -27.33 2.07 -25.36
C VAL F 420 -28.70 1.41 -25.34
N GLY F 421 -29.02 0.71 -24.26
CA GLY F 421 -30.33 0.09 -24.12
C GLY F 421 -30.26 -1.41 -23.89
N THR F 422 -31.41 -2.01 -23.59
CA THR F 422 -31.47 -3.44 -23.28
C THR F 422 -32.12 -4.24 -24.40
N VAL F 423 -31.54 -5.39 -24.71
CA VAL F 423 -32.07 -6.28 -25.74
C VAL F 423 -32.38 -7.64 -25.13
N SER F 424 -33.60 -8.14 -25.38
CA SER F 424 -34.04 -9.39 -24.79
C SER F 424 -33.89 -10.59 -25.73
N LEU F 425 -33.44 -11.71 -25.18
CA LEU F 425 -33.30 -12.94 -25.94
C LEU F 425 -33.78 -14.14 -25.13
N ALA F 426 -34.34 -15.13 -25.82
CA ALA F 426 -34.83 -16.34 -25.16
C ALA F 426 -33.70 -17.35 -24.98
N PHE F 427 -33.42 -17.70 -23.72
CA PHE F 427 -32.35 -18.63 -23.41
C PHE F 427 -32.86 -20.05 -23.20
N ILE F 428 -32.37 -20.97 -24.02
CA ILE F 428 -32.73 -22.37 -23.88
C ILE F 428 -31.65 -23.09 -23.09
N LYS F 429 -31.86 -23.16 -21.77
CA LYS F 429 -30.89 -23.75 -20.85
C LYS F 429 -30.40 -25.12 -21.30
N GLU F 430 -31.27 -25.88 -21.95
CA GLU F 430 -31.01 -27.26 -22.29
C GLU F 430 -30.10 -27.43 -23.51
N TYR F 431 -30.12 -26.46 -24.41
CA TYR F 431 -29.32 -26.55 -25.63
C TYR F 431 -28.23 -25.49 -25.67
N GLY F 432 -28.23 -24.59 -24.70
CA GLY F 432 -27.29 -23.48 -24.68
C GLY F 432 -27.49 -22.60 -25.90
N ASN F 433 -28.74 -22.48 -26.33
CA ASN F 433 -29.08 -21.72 -27.52
C ASN F 433 -29.76 -20.41 -27.14
N PHE F 434 -29.64 -19.41 -28.00
CA PHE F 434 -30.28 -18.13 -27.80
C PHE F 434 -31.22 -17.81 -28.97
N VAL F 435 -32.44 -17.39 -28.66
CA VAL F 435 -33.44 -17.14 -29.70
C VAL F 435 -33.80 -15.66 -29.80
N ASN F 436 -34.14 -15.23 -31.01
CA ASN F 436 -34.50 -13.84 -31.27
C ASN F 436 -35.96 -13.55 -30.89
N LEU F 437 -36.27 -12.27 -30.68
CA LEU F 437 -37.62 -11.86 -30.30
C LEU F 437 -38.09 -10.65 -31.12
N GLU F 438 -39.19 -10.02 -30.70
CA GLU F 438 -39.74 -8.86 -31.42
C GLU F 438 -38.89 -7.60 -31.26
#